data_6TLZ
#
_entry.id   6TLZ
#
_cell.length_a   117.212
_cell.length_b   107.312
_cell.length_c   162.013
_cell.angle_alpha   90.000
_cell.angle_beta   90.120
_cell.angle_gamma   90.000
#
_symmetry.space_group_name_H-M   'C 1 2 1'
#
loop_
_entity.id
_entity.type
_entity.pdbx_description
1 polymer 'Mgp-operon protein 3'
2 branched 'N-acetyl-alpha-neuraminic acid-(2-3)-beta-D-galactopyranose-(1-4)-beta-D-glucopyranose'
3 branched beta-D-galactopyranose-(1-4)-beta-D-glucopyranose
4 non-polymer 'N-acetyl-alpha-neuraminic acid'
#
_entity_poly.entity_id   1
_entity_poly.type   'polypeptide(L)'
_entity_poly.pdbx_seq_one_letter_code
;SLANTYLLQDHNTLTPYTPFTTPLNGGLDVVRAAHLHPSYELVDWKRVGDTKLVALVRSALVRVKFQDTTSSDQSNTNQN
ALSFDTQESQKALNGSQSGSSDTSGSNSQDFASYVLIFKAAPRATWVFERKIKLALPYVKQESQGSGDQGSNGKGSLYKT
LQDLLVEQPVTPYTPNAGLARVNGVAQDTVHFGSGQESSWNSQRSQKGLKNNPGPKAVTGFKLDKGRAYRKLNESWPVYE
PLDSTKEGKGKDESSWKNSEKTTAENDAPLVGMVGSGAAGSASSLQGNGSNSSGLKSLLRSAPVSVPPSSTSNQTLSLSN
PAPVGPQAVVSQPAGGATAAVSVNRTASDTATFSKYLNTAQALHQMGVIVPGLEKWGGNNGTGVVASRQDATSTNLPHAA
GASQTGLGTGSPREPALTATSQRAVTVVAGPLRAGNSSETDALPNVITQLYHTSTAQLAYLNGQIVVMGSDRVPSLWYWV
VGEDQESGKATWWAKTELNWGTDKQKQFVENQLGFKDDSNSDSKNSNLKAQGLTQPAYLIAGLDVVADHLVFAAFKAGAV
GYDMTTDSSASTYNQALAWSTTAGLDSDGGYKALVENTAGLNGPINGLFTLLDTFAYVTPVSGMKGGSQNNEEVQTTYPV
KSDQKATAKIASLINASPLNSYGDDGVTVFDALGLNFNFKLNEERLPSRTDQLLVYGIVNESELKSARENAQSTSDDNSN
TKVKWTNTASHYLPVPYYYSANFPEAGNRRRAEQRNGVKISTLESQATDGFANSLLNFGTGLKAGVDPAPVARGHKPNYS
AVLLVRGGVVRLNFNPDTDKLLDSTDKNSEPISFSYTPFGSAESAVDLTTLKDVTYIAESGLWFYTFDNGEKPTYDGKQQ
QVKNRKGYAVITVSRTGIEFNEDANTTTLSQAPAALAVQNGIASSQDDLTGILPLSDEFSAVITKDQTWTGKVDIYKNTN
GLFEKDDQLSENVKRR
;
_entity_poly.pdbx_strand_id   A,B
#
loop_
_chem_comp.id
_chem_comp.type
_chem_comp.name
_chem_comp.formula
BGC D-saccharide, beta linking beta-D-glucopyranose 'C6 H12 O6'
GAL D-saccharide, beta linking beta-D-galactopyranose 'C6 H12 O6'
SIA D-saccharide, alpha linking 'N-acetyl-alpha-neuraminic acid' 'C11 H19 N O9'
#
# COMPACT_ATOMS: atom_id res chain seq x y z
N SER A 1 -15.15 25.60 43.46
CA SER A 1 -15.06 27.03 43.75
C SER A 1 -16.33 27.76 43.34
N LEU A 2 -16.79 28.70 44.18
CA LEU A 2 -17.99 29.51 43.95
C LEU A 2 -18.03 30.15 42.56
N ALA A 3 -16.88 30.69 42.10
CA ALA A 3 -16.71 31.32 40.79
C ALA A 3 -17.03 30.39 39.62
N ASN A 4 -16.70 29.08 39.73
CA ASN A 4 -17.00 28.17 38.63
C ASN A 4 -18.50 27.81 38.57
N THR A 5 -19.00 27.59 37.35
CA THR A 5 -20.39 27.26 37.04
C THR A 5 -20.49 25.91 36.32
N TYR A 6 -21.55 25.14 36.62
CA TYR A 6 -21.82 23.84 36.02
C TYR A 6 -23.00 23.99 35.08
N LEU A 7 -22.85 23.54 33.82
CA LEU A 7 -23.88 23.66 32.81
C LEU A 7 -24.74 22.41 32.72
N LEU A 8 -26.08 22.56 32.88
CA LEU A 8 -27.02 21.45 32.82
C LEU A 8 -27.95 21.58 31.62
N GLN A 9 -28.24 20.45 30.96
CA GLN A 9 -29.04 20.40 29.75
C GLN A 9 -30.49 19.96 29.97
N ASP A 10 -31.41 20.69 29.35
CA ASP A 10 -32.85 20.42 29.33
C ASP A 10 -33.30 20.66 27.90
N HIS A 11 -33.40 19.55 27.13
CA HIS A 11 -33.72 19.53 25.71
C HIS A 11 -32.69 20.35 24.95
N ASN A 12 -33.04 21.59 24.55
CA ASN A 12 -32.16 22.51 23.79
C ASN A 12 -31.54 23.58 24.69
N THR A 13 -32.13 23.78 25.87
CA THR A 13 -31.70 24.78 26.84
C THR A 13 -30.56 24.28 27.73
N LEU A 14 -29.48 25.09 27.82
CA LEU A 14 -28.30 24.81 28.66
C LEU A 14 -28.26 25.81 29.81
N THR A 15 -28.80 25.39 30.98
CA THR A 15 -28.93 26.21 32.19
C THR A 15 -27.65 26.21 33.07
N PRO A 16 -27.02 27.38 33.29
CA PRO A 16 -25.80 27.43 34.11
C PRO A 16 -26.09 27.53 35.60
N TYR A 17 -25.67 26.51 36.36
CA TYR A 17 -25.84 26.40 37.81
C TYR A 17 -24.61 26.77 38.62
N THR A 18 -24.84 27.36 39.81
CA THR A 18 -23.83 27.78 40.77
C THR A 18 -23.56 26.65 41.77
N PRO A 19 -22.40 26.61 42.48
CA PRO A 19 -22.18 25.55 43.48
C PRO A 19 -23.11 25.70 44.70
N PHE A 20 -24.02 26.68 44.64
CA PHE A 20 -25.05 26.96 45.63
C PHE A 20 -26.34 26.24 45.26
N THR A 21 -26.29 25.45 44.15
CA THR A 21 -27.36 24.63 43.54
C THR A 21 -28.55 25.50 43.13
N THR A 22 -28.26 26.61 42.43
CA THR A 22 -29.24 27.58 41.91
C THR A 22 -28.79 28.04 40.51
N PRO A 23 -29.71 28.30 39.56
CA PRO A 23 -29.27 28.79 38.25
C PRO A 23 -28.85 30.25 38.30
N LEU A 24 -27.94 30.65 37.40
CA LEU A 24 -27.45 32.02 37.32
C LEU A 24 -28.32 32.88 36.39
N ASN A 25 -29.22 32.21 35.64
CA ASN A 25 -30.23 32.72 34.70
C ASN A 25 -31.06 31.54 34.15
N GLY A 26 -32.05 31.84 33.31
CA GLY A 26 -32.94 30.84 32.70
C GLY A 26 -32.24 29.75 31.90
N GLY A 27 -31.17 30.11 31.21
CA GLY A 27 -30.37 29.18 30.41
C GLY A 27 -30.23 29.63 28.97
N LEU A 28 -29.54 28.81 28.16
CA LEU A 28 -29.29 29.09 26.74
C LEU A 28 -29.93 28.06 25.80
N ASP A 29 -31.03 28.45 25.10
CA ASP A 29 -31.69 27.60 24.10
C ASP A 29 -30.86 27.76 22.83
N VAL A 30 -29.95 26.80 22.61
CA VAL A 30 -28.99 26.75 21.51
C VAL A 30 -29.67 26.95 20.15
N VAL A 31 -30.83 26.29 19.91
CA VAL A 31 -31.63 26.34 18.69
C VAL A 31 -32.00 27.79 18.31
N ARG A 32 -32.62 28.53 19.24
CA ARG A 32 -33.04 29.93 19.03
C ARG A 32 -31.85 30.90 18.96
N ALA A 33 -30.81 30.67 19.80
CA ALA A 33 -29.58 31.48 19.84
C ALA A 33 -28.76 31.38 18.55
N ALA A 34 -28.86 30.22 17.85
CA ALA A 34 -28.20 29.97 16.58
C ALA A 34 -29.08 30.39 15.39
N HIS A 35 -30.30 30.92 15.68
CA HIS A 35 -31.31 31.37 14.70
C HIS A 35 -31.77 30.21 13.80
N LEU A 36 -32.04 29.04 14.42
CA LEU A 36 -32.45 27.81 13.73
C LEU A 36 -33.90 27.41 13.98
N HIS A 37 -34.49 26.72 12.99
CA HIS A 37 -35.87 26.20 12.92
C HIS A 37 -36.26 25.36 14.19
N PRO A 38 -37.53 25.42 14.67
CA PRO A 38 -37.92 24.68 15.89
C PRO A 38 -37.76 23.17 15.86
N SER A 39 -37.67 22.56 14.67
CA SER A 39 -37.49 21.11 14.51
C SER A 39 -36.12 20.62 15.02
N TYR A 40 -35.13 21.54 15.12
CA TYR A 40 -33.78 21.25 15.58
C TYR A 40 -33.75 20.81 17.05
N GLU A 41 -33.02 19.71 17.32
CA GLU A 41 -32.85 19.11 18.65
C GLU A 41 -31.36 19.06 19.02
N LEU A 42 -31.04 19.48 20.25
CA LEU A 42 -29.66 19.46 20.77
C LEU A 42 -29.39 18.05 21.30
N VAL A 43 -28.31 17.40 20.77
CA VAL A 43 -27.91 16.03 21.10
C VAL A 43 -26.58 15.95 21.85
N ASP A 44 -25.57 16.73 21.42
CA ASP A 44 -24.26 16.71 22.08
C ASP A 44 -23.68 18.12 22.16
N TRP A 45 -23.09 18.45 23.31
CA TRP A 45 -22.46 19.75 23.55
C TRP A 45 -21.17 19.55 24.33
N LYS A 46 -20.17 20.38 24.05
CA LYS A 46 -18.88 20.31 24.73
C LYS A 46 -18.40 21.71 25.09
N ARG A 47 -18.16 21.95 26.38
CA ARG A 47 -17.67 23.23 26.87
C ARG A 47 -16.18 23.30 26.57
N VAL A 48 -15.76 24.27 25.75
CA VAL A 48 -14.37 24.42 25.34
C VAL A 48 -13.68 25.56 26.09
N GLY A 49 -12.61 25.24 26.80
CA GLY A 49 -11.84 26.20 27.58
C GLY A 49 -12.73 26.94 28.56
N ASP A 50 -12.65 28.27 28.55
CA ASP A 50 -13.45 29.14 29.41
C ASP A 50 -14.34 30.11 28.61
N THR A 51 -13.87 30.54 27.42
CA THR A 51 -14.56 31.50 26.55
C THR A 51 -15.13 30.85 25.25
N LYS A 52 -15.42 29.54 25.29
CA LYS A 52 -15.96 28.82 24.12
C LYS A 52 -16.96 27.71 24.49
N LEU A 53 -18.00 27.55 23.67
CA LEU A 53 -19.01 26.51 23.84
C LEU A 53 -19.42 26.01 22.48
N VAL A 54 -19.15 24.72 22.23
CA VAL A 54 -19.45 24.04 20.96
C VAL A 54 -20.61 23.07 21.15
N ALA A 55 -21.54 23.04 20.18
CA ALA A 55 -22.74 22.20 20.24
C ALA A 55 -23.07 21.51 18.91
N LEU A 56 -23.90 20.44 18.97
CA LEU A 56 -24.33 19.60 17.84
C LEU A 56 -25.85 19.51 17.76
N VAL A 57 -26.42 20.11 16.70
CA VAL A 57 -27.87 20.16 16.44
C VAL A 57 -28.26 19.39 15.19
N ARG A 58 -29.44 18.75 15.21
CA ARG A 58 -29.96 17.99 14.08
C ARG A 58 -31.48 18.14 13.93
N SER A 59 -31.93 18.42 12.70
CA SER A 59 -33.36 18.56 12.43
C SER A 59 -33.91 17.22 11.94
N ALA A 60 -35.14 16.86 12.38
CA ALA A 60 -35.83 15.62 11.98
C ALA A 60 -36.47 15.74 10.58
N LEU A 61 -36.55 16.99 10.07
CA LEU A 61 -37.10 17.33 8.75
C LEU A 61 -36.08 17.16 7.63
N VAL A 62 -34.81 16.80 7.99
CA VAL A 62 -33.73 16.57 7.03
C VAL A 62 -34.08 15.38 6.13
N ARG A 63 -33.92 15.55 4.80
CA ARG A 63 -34.22 14.50 3.84
C ARG A 63 -33.08 14.36 2.84
N VAL A 64 -32.50 13.15 2.78
CA VAL A 64 -31.35 12.80 1.93
C VAL A 64 -31.80 11.81 0.82
N LYS A 65 -31.04 11.74 -0.29
CA LYS A 65 -31.28 10.82 -1.40
C LYS A 65 -29.97 10.37 -2.08
N PHE A 66 -30.01 9.18 -2.70
CA PHE A 66 -28.91 8.57 -3.46
C PHE A 66 -29.42 8.27 -4.87
N GLN A 67 -28.90 8.97 -5.89
CA GLN A 67 -29.33 8.75 -7.27
C GLN A 67 -28.62 7.55 -7.89
N ASP A 68 -29.39 6.47 -8.14
CA ASP A 68 -28.91 5.21 -8.72
C ASP A 68 -29.43 4.96 -10.15
N THR A 69 -28.51 4.66 -11.09
CA THR A 69 -28.67 4.36 -12.53
C THR A 69 -29.44 5.48 -13.30
N THR A 70 -29.61 5.30 -14.64
CA THR A 70 -30.27 6.18 -15.63
C THR A 70 -29.57 7.56 -15.73
N SER A 71 -28.33 7.56 -16.30
CA SER A 71 -27.50 8.75 -16.51
C SER A 71 -26.45 8.57 -17.63
N SER A 72 -25.93 9.70 -18.15
CA SER A 72 -24.90 9.76 -19.19
C SER A 72 -23.93 10.94 -18.97
N ASP A 73 -22.74 10.89 -19.59
CA ASP A 73 -21.68 11.91 -19.49
C ASP A 73 -22.00 13.17 -20.35
N GLN A 74 -20.94 13.87 -20.87
CA GLN A 74 -21.00 15.08 -21.72
C GLN A 74 -21.56 16.34 -21.02
N SER A 75 -22.57 16.20 -20.15
CA SER A 75 -23.19 17.31 -19.41
C SER A 75 -23.05 17.13 -17.90
N ASN A 76 -23.09 15.87 -17.41
CA ASN A 76 -22.96 15.53 -16.00
C ASN A 76 -21.53 15.84 -15.51
N THR A 77 -21.41 16.85 -14.63
CA THR A 77 -20.14 17.31 -14.07
C THR A 77 -19.75 16.48 -12.82
N ASN A 78 -18.75 16.95 -12.02
CA ASN A 78 -18.29 16.26 -10.81
C ASN A 78 -19.30 16.39 -9.65
N GLN A 79 -20.49 15.77 -9.84
CA GLN A 79 -21.61 15.78 -8.91
C GLN A 79 -21.62 14.57 -7.99
N ASN A 80 -22.08 14.79 -6.75
CA ASN A 80 -22.22 13.79 -5.71
C ASN A 80 -23.56 13.08 -5.86
N ALA A 81 -23.56 11.74 -5.73
CA ALA A 81 -24.78 10.91 -5.81
C ALA A 81 -25.62 11.11 -4.55
N LEU A 82 -24.94 11.40 -3.42
CA LEU A 82 -25.53 11.67 -2.11
C LEU A 82 -25.77 13.17 -1.98
N SER A 83 -27.04 13.58 -1.97
CA SER A 83 -27.44 14.99 -1.89
C SER A 83 -28.74 15.20 -1.12
N PHE A 84 -28.91 16.40 -0.54
CA PHE A 84 -30.11 16.77 0.22
C PHE A 84 -31.30 17.01 -0.70
N ASP A 85 -32.43 16.37 -0.40
CA ASP A 85 -33.67 16.52 -1.16
C ASP A 85 -34.62 17.47 -0.41
N THR A 86 -34.62 18.75 -0.83
CA THR A 86 -35.43 19.84 -0.26
C THR A 86 -36.93 19.62 -0.53
N GLN A 87 -37.26 18.87 -1.61
CA GLN A 87 -38.62 18.52 -2.05
C GLN A 87 -39.40 17.76 -0.96
N GLU A 88 -38.73 16.81 -0.28
CA GLU A 88 -39.33 16.01 0.78
C GLU A 88 -39.25 16.69 2.15
N SER A 89 -38.32 17.65 2.32
CA SER A 89 -38.14 18.43 3.55
C SER A 89 -39.33 19.37 3.79
N GLN A 90 -39.82 20.04 2.71
CA GLN A 90 -40.98 20.92 2.76
C GLN A 90 -42.26 20.07 2.85
N LYS A 91 -42.20 18.82 2.33
CA LYS A 91 -43.31 17.86 2.36
C LYS A 91 -43.49 17.30 3.78
N ALA A 92 -42.39 17.04 4.49
CA ALA A 92 -42.39 16.51 5.86
C ALA A 92 -42.79 17.56 6.91
N LEU A 93 -42.80 18.87 6.54
CA LEU A 93 -43.17 20.01 7.40
C LEU A 93 -44.55 19.85 8.06
N ASN A 94 -45.50 19.21 7.34
CA ASN A 94 -46.88 18.97 7.81
C ASN A 94 -46.92 18.09 9.08
N GLY A 95 -46.89 18.77 10.23
CA GLY A 95 -46.92 18.14 11.56
C GLY A 95 -47.88 18.82 12.52
N SER A 96 -47.71 20.14 12.72
CA SER A 96 -48.55 20.95 13.61
C SER A 96 -48.83 22.35 13.04
N GLN A 97 -47.78 23.19 12.90
CA GLN A 97 -47.83 24.57 12.38
C GLN A 97 -46.41 25.08 12.05
N SER A 98 -46.33 26.05 11.12
CA SER A 98 -45.07 26.67 10.67
C SER A 98 -45.00 28.19 10.92
N GLY A 99 -45.84 28.96 10.21
CA GLY A 99 -45.89 30.42 10.34
C GLY A 99 -44.67 31.13 9.79
N ASP A 110 -32.61 22.72 3.48
CA ASP A 110 -32.17 21.31 3.53
C ASP A 110 -32.30 20.67 4.92
N PHE A 111 -32.37 21.50 5.99
CA PHE A 111 -32.46 21.12 7.41
C PHE A 111 -31.25 20.29 7.90
N ALA A 112 -30.06 20.55 7.32
CA ALA A 112 -28.80 19.87 7.65
C ALA A 112 -28.33 20.16 9.06
N SER A 113 -27.54 19.23 9.63
CA SER A 113 -26.95 19.35 10.96
C SER A 113 -25.88 20.45 10.98
N TYR A 114 -25.68 21.09 12.14
CA TYR A 114 -24.72 22.18 12.31
C TYR A 114 -23.89 22.08 13.56
N VAL A 115 -22.62 22.50 13.47
CA VAL A 115 -21.69 22.61 14.59
C VAL A 115 -21.71 24.09 14.97
N LEU A 116 -22.15 24.40 16.19
CA LEU A 116 -22.32 25.79 16.63
C LEU A 116 -21.22 26.27 17.55
N ILE A 117 -20.71 27.49 17.29
CA ILE A 117 -19.65 28.12 18.09
C ILE A 117 -20.20 29.33 18.84
N PHE A 118 -19.98 29.37 20.16
CA PHE A 118 -20.42 30.44 21.05
C PHE A 118 -19.23 31.03 21.79
N LYS A 119 -19.37 32.28 22.23
CA LYS A 119 -18.33 33.00 22.97
C LYS A 119 -18.87 33.59 24.27
N ALA A 120 -18.13 33.43 25.37
CA ALA A 120 -18.53 33.89 26.70
C ALA A 120 -18.58 35.43 26.80
N ALA A 121 -19.70 35.93 27.34
CA ALA A 121 -19.97 37.35 27.56
C ALA A 121 -20.11 37.59 29.09
N PRO A 122 -20.14 38.85 29.61
CA PRO A 122 -20.30 39.04 31.08
C PRO A 122 -21.54 38.35 31.61
N ARG A 123 -21.45 37.79 32.85
CA ARG A 123 -22.47 36.96 33.53
C ARG A 123 -22.45 35.57 32.87
N ALA A 124 -23.45 34.71 33.14
CA ALA A 124 -23.48 33.38 32.54
C ALA A 124 -24.18 33.39 31.17
N THR A 125 -23.73 34.29 30.28
CA THR A 125 -24.31 34.47 28.95
C THR A 125 -23.37 34.05 27.82
N TRP A 126 -23.96 33.56 26.71
CA TRP A 126 -23.27 33.13 25.49
C TRP A 126 -23.77 33.91 24.28
N VAL A 127 -22.84 34.40 23.45
CA VAL A 127 -23.13 35.14 22.21
C VAL A 127 -22.77 34.22 21.04
N PHE A 128 -23.70 34.06 20.07
CA PHE A 128 -23.48 33.21 18.91
C PHE A 128 -22.39 33.75 17.98
N GLU A 129 -21.36 32.94 17.71
CA GLU A 129 -20.22 33.31 16.88
C GLU A 129 -20.40 32.87 15.42
N ARG A 130 -20.49 31.53 15.18
CA ARG A 130 -20.65 30.94 13.85
C ARG A 130 -21.22 29.52 13.86
N LYS A 131 -21.67 29.05 12.67
CA LYS A 131 -22.23 27.71 12.43
C LYS A 131 -21.48 27.00 11.29
N ILE A 132 -21.18 25.70 11.47
CA ILE A 132 -20.47 24.88 10.47
C ILE A 132 -21.39 23.77 9.96
N LYS A 133 -21.65 23.77 8.65
CA LYS A 133 -22.52 22.81 7.95
C LYS A 133 -21.84 21.46 7.87
N LEU A 134 -22.57 20.39 8.23
CA LEU A 134 -22.08 19.01 8.20
C LEU A 134 -22.61 18.32 6.94
N ALA A 135 -21.92 18.55 5.82
CA ALA A 135 -22.29 18.04 4.49
C ALA A 135 -22.17 16.52 4.34
N LEU A 136 -22.85 15.98 3.31
CA LEU A 136 -22.84 14.55 2.96
C LEU A 136 -21.42 14.15 2.48
N PRO A 137 -20.97 12.89 2.73
CA PRO A 137 -19.62 12.48 2.24
C PRO A 137 -19.57 12.37 0.72
N TYR A 138 -18.46 12.80 0.09
CA TYR A 138 -18.36 12.75 -1.37
C TYR A 138 -18.27 11.33 -1.94
N VAL A 139 -18.98 11.11 -3.07
CA VAL A 139 -19.02 9.86 -3.87
C VAL A 139 -19.36 10.20 -5.35
N LYS A 140 -18.46 9.80 -6.27
CA LYS A 140 -18.56 10.03 -7.71
C LYS A 140 -19.66 9.18 -8.37
N GLN A 141 -20.57 9.84 -9.11
CA GLN A 141 -21.67 9.20 -9.83
C GLN A 141 -21.19 8.46 -11.10
N GLU A 142 -22.02 7.54 -11.63
CA GLU A 142 -21.72 6.74 -12.83
C GLU A 142 -22.69 6.98 -14.00
N SER A 143 -22.25 6.65 -15.23
CA SER A 143 -23.02 6.80 -16.46
C SER A 143 -23.18 5.47 -17.20
N LYS A 154 -10.71 0.03 -11.04
CA LYS A 154 -11.56 -0.49 -9.96
C LYS A 154 -11.84 0.59 -8.88
N GLY A 155 -11.90 1.85 -9.31
CA GLY A 155 -12.16 3.00 -8.46
C GLY A 155 -13.61 3.44 -8.49
N SER A 156 -14.46 2.78 -7.68
CA SER A 156 -15.91 3.05 -7.59
C SER A 156 -16.54 2.51 -6.31
N LEU A 157 -16.71 3.38 -5.31
CA LEU A 157 -17.38 3.05 -4.06
C LEU A 157 -18.91 3.08 -4.34
N TYR A 158 -19.31 3.88 -5.36
CA TYR A 158 -20.68 4.08 -5.84
C TYR A 158 -21.41 2.76 -6.09
N LYS A 159 -20.73 1.78 -6.69
CA LYS A 159 -21.29 0.46 -6.97
C LYS A 159 -21.74 -0.24 -5.68
N THR A 160 -20.90 -0.15 -4.63
CA THR A 160 -21.13 -0.75 -3.31
C THR A 160 -22.45 -0.22 -2.73
N LEU A 161 -22.63 1.11 -2.76
CA LEU A 161 -23.81 1.84 -2.27
C LEU A 161 -25.06 1.53 -3.10
N GLN A 162 -24.88 1.21 -4.41
CA GLN A 162 -25.98 0.87 -5.31
C GLN A 162 -26.62 -0.46 -4.94
N ASP A 163 -25.81 -1.39 -4.42
CA ASP A 163 -26.25 -2.73 -4.05
C ASP A 163 -25.97 -3.03 -2.56
N LEU A 164 -26.06 -1.99 -1.72
CA LEU A 164 -25.85 -2.11 -0.28
C LEU A 164 -27.14 -2.49 0.43
N LEU A 165 -27.03 -3.32 1.47
CA LEU A 165 -28.16 -3.79 2.24
C LEU A 165 -27.90 -3.58 3.73
N VAL A 166 -28.77 -2.78 4.38
CA VAL A 166 -28.65 -2.47 5.81
C VAL A 166 -29.87 -3.00 6.57
N GLU A 167 -29.63 -3.72 7.68
CA GLU A 167 -30.66 -4.30 8.55
C GLU A 167 -31.35 -3.21 9.36
N GLN A 168 -32.62 -3.44 9.75
CA GLN A 168 -33.38 -2.53 10.61
C GLN A 168 -32.70 -2.48 12.00
N PRO A 169 -32.68 -1.32 12.70
CA PRO A 169 -31.93 -1.25 13.97
C PRO A 169 -32.42 -2.16 15.10
N VAL A 170 -31.53 -2.47 16.05
CA VAL A 170 -31.84 -3.33 17.19
C VAL A 170 -32.38 -2.50 18.36
N THR A 171 -33.61 -2.80 18.79
CA THR A 171 -34.30 -2.09 19.86
C THR A 171 -34.12 -2.80 21.22
N PRO A 172 -34.24 -2.08 22.37
CA PRO A 172 -34.11 -2.74 23.67
C PRO A 172 -35.21 -3.77 23.99
N TYR A 173 -36.13 -4.00 23.02
CA TYR A 173 -37.23 -4.95 23.13
C TYR A 173 -37.09 -6.13 22.15
N THR A 174 -36.02 -6.12 21.32
CA THR A 174 -35.72 -7.17 20.35
C THR A 174 -35.29 -8.43 21.12
N PRO A 175 -36.06 -9.53 21.05
CA PRO A 175 -35.65 -10.75 21.77
C PRO A 175 -34.59 -11.54 20.99
N ASN A 176 -33.98 -12.56 21.63
CA ASN A 176 -32.93 -13.40 21.03
C ASN A 176 -33.33 -14.06 19.71
N ALA A 177 -34.58 -14.57 19.60
CA ALA A 177 -35.11 -15.22 18.40
C ALA A 177 -35.27 -14.28 17.20
N GLY A 178 -35.40 -12.97 17.47
CA GLY A 178 -35.53 -11.92 16.47
C GLY A 178 -34.29 -11.74 15.61
N LEU A 179 -33.11 -12.07 16.15
CA LEU A 179 -31.83 -11.98 15.45
C LEU A 179 -31.54 -13.30 14.73
N ALA A 180 -32.03 -14.41 15.30
CA ALA A 180 -31.84 -15.78 14.80
C ALA A 180 -32.31 -15.99 13.36
N ARG A 181 -31.35 -15.90 12.41
CA ARG A 181 -31.58 -16.11 10.99
C ARG A 181 -31.15 -17.52 10.62
N VAL A 182 -32.02 -18.24 9.88
CA VAL A 182 -31.85 -19.65 9.46
C VAL A 182 -30.50 -19.88 8.77
N ASN A 183 -29.74 -20.88 9.26
CA ASN A 183 -28.42 -21.26 8.76
C ASN A 183 -28.43 -21.58 7.28
N GLY A 184 -27.39 -21.11 6.59
CA GLY A 184 -27.22 -21.32 5.16
C GLY A 184 -26.79 -22.72 4.78
N VAL A 185 -26.13 -22.84 3.61
CA VAL A 185 -25.64 -24.10 3.05
C VAL A 185 -24.15 -24.28 3.35
N ALA A 186 -23.73 -25.51 3.71
CA ALA A 186 -22.35 -25.90 4.03
C ALA A 186 -21.41 -25.76 2.81
N GLN A 187 -20.12 -25.42 3.05
CA GLN A 187 -19.11 -25.20 2.02
C GLN A 187 -18.76 -26.46 1.17
N ASP A 188 -19.20 -27.67 1.61
CA ASP A 188 -18.98 -28.90 0.85
C ASP A 188 -19.95 -28.99 -0.34
N THR A 189 -21.16 -28.41 -0.18
CA THR A 189 -22.21 -28.36 -1.21
C THR A 189 -21.99 -27.15 -2.13
N VAL A 190 -21.25 -26.13 -1.64
CA VAL A 190 -20.96 -24.91 -2.40
C VAL A 190 -19.92 -25.21 -3.48
N HIS A 191 -18.75 -25.73 -3.08
CA HIS A 191 -17.65 -26.05 -4.00
C HIS A 191 -17.88 -27.33 -4.82
N PHE A 192 -18.50 -28.37 -4.22
CA PHE A 192 -18.77 -29.63 -4.91
C PHE A 192 -20.18 -29.69 -5.50
N GLY A 193 -21.19 -29.72 -4.63
CA GLY A 193 -22.59 -29.77 -5.03
C GLY A 193 -23.39 -30.89 -4.40
N SER A 194 -24.73 -30.83 -4.57
CA SER A 194 -25.67 -31.81 -4.06
C SER A 194 -25.54 -33.14 -4.80
N GLY A 195 -25.11 -34.17 -4.07
CA GLY A 195 -24.92 -35.52 -4.60
C GLY A 195 -23.48 -36.02 -4.58
N GLN A 196 -22.51 -35.10 -4.68
CA GLN A 196 -21.09 -35.43 -4.68
C GLN A 196 -20.29 -34.72 -3.57
N GLU A 197 -20.89 -34.64 -2.36
CA GLU A 197 -20.26 -34.03 -1.17
C GLU A 197 -19.35 -35.03 -0.46
N SER A 198 -19.60 -36.35 -0.67
CA SER A 198 -18.85 -37.47 -0.10
C SER A 198 -17.37 -37.52 -0.57
N SER A 199 -17.04 -36.75 -1.63
CA SER A 199 -15.69 -36.64 -2.19
C SER A 199 -15.02 -35.34 -1.70
N TRP A 200 -15.31 -34.94 -0.44
CA TRP A 200 -14.76 -33.75 0.23
C TRP A 200 -13.25 -33.91 0.44
N ASN A 201 -12.86 -34.89 1.30
CA ASN A 201 -11.48 -35.23 1.68
C ASN A 201 -10.61 -35.65 0.51
N SER A 202 -11.17 -36.42 -0.44
CA SER A 202 -10.47 -36.94 -1.61
C SER A 202 -10.19 -35.89 -2.70
N GLN A 203 -10.84 -34.70 -2.63
CA GLN A 203 -10.65 -33.65 -3.63
C GLN A 203 -10.52 -32.22 -3.07
N ARG A 204 -10.42 -32.07 -1.73
CA ARG A 204 -10.28 -30.75 -1.09
C ARG A 204 -8.93 -30.07 -1.35
N SER A 205 -7.86 -30.86 -1.58
CA SER A 205 -6.50 -30.39 -1.84
C SER A 205 -6.41 -29.45 -3.06
N GLN A 206 -6.87 -29.92 -4.23
CA GLN A 206 -6.87 -29.18 -5.50
C GLN A 206 -7.90 -28.02 -5.55
N LYS A 207 -8.95 -28.09 -4.71
CA LYS A 207 -10.00 -27.06 -4.63
C LYS A 207 -9.64 -25.87 -3.72
N GLY A 208 -8.54 -25.99 -2.97
CA GLY A 208 -8.05 -24.95 -2.08
C GLY A 208 -8.48 -25.08 -0.62
N LEU A 209 -8.90 -26.29 -0.23
CA LEU A 209 -9.34 -26.63 1.13
C LEU A 209 -8.51 -27.80 1.72
N LYS A 210 -7.19 -27.79 1.47
CA LYS A 210 -6.22 -28.79 1.94
C LYS A 210 -6.26 -28.90 3.47
N ASN A 211 -6.50 -30.14 3.98
CA ASN A 211 -6.61 -30.50 5.40
C ASN A 211 -7.75 -29.79 6.15
N ASN A 212 -8.71 -29.17 5.43
CA ASN A 212 -9.84 -28.49 6.06
C ASN A 212 -10.77 -29.53 6.68
N PRO A 213 -10.95 -29.53 8.02
CA PRO A 213 -11.80 -30.55 8.65
C PRO A 213 -13.27 -30.14 8.74
N GLY A 214 -13.67 -29.09 8.03
CA GLY A 214 -15.03 -28.57 8.04
C GLY A 214 -15.82 -28.68 6.75
N PRO A 215 -16.41 -29.86 6.43
CA PRO A 215 -17.25 -29.93 5.22
C PRO A 215 -18.65 -29.38 5.48
N LYS A 216 -19.28 -29.76 6.61
CA LYS A 216 -20.61 -29.33 7.02
C LYS A 216 -20.60 -27.97 7.78
N ALA A 217 -19.48 -27.21 7.67
CA ALA A 217 -19.33 -25.88 8.28
C ALA A 217 -20.21 -24.90 7.52
N VAL A 218 -21.18 -24.29 8.22
CA VAL A 218 -22.16 -23.35 7.67
C VAL A 218 -21.47 -22.06 7.19
N THR A 219 -21.75 -21.68 5.92
CA THR A 219 -21.17 -20.50 5.25
C THR A 219 -21.78 -19.17 5.68
N GLY A 220 -23.00 -19.20 6.21
CA GLY A 220 -23.69 -18.00 6.68
C GLY A 220 -25.12 -18.22 7.12
N PHE A 221 -26.03 -17.36 6.64
CA PHE A 221 -27.45 -17.40 6.97
C PHE A 221 -28.31 -16.96 5.79
N LYS A 222 -29.50 -17.54 5.66
CA LYS A 222 -30.46 -17.23 4.60
C LYS A 222 -31.11 -15.86 4.79
N LEU A 223 -31.28 -15.12 3.68
CA LEU A 223 -31.86 -13.77 3.64
C LEU A 223 -33.33 -13.71 3.19
N ASP A 224 -33.92 -14.84 2.76
CA ASP A 224 -35.32 -14.91 2.31
C ASP A 224 -36.35 -14.68 3.44
N LYS A 225 -35.95 -14.88 4.72
CA LYS A 225 -36.80 -14.69 5.90
C LYS A 225 -36.03 -14.02 7.03
N GLY A 226 -36.74 -13.24 7.84
CA GLY A 226 -36.18 -12.54 8.99
C GLY A 226 -36.38 -11.04 8.98
N ARG A 227 -35.59 -10.34 9.83
CA ARG A 227 -35.62 -8.88 9.97
C ARG A 227 -35.25 -8.22 8.65
N ALA A 228 -36.06 -7.23 8.23
CA ALA A 228 -35.93 -6.49 6.98
C ALA A 228 -34.56 -5.85 6.73
N TYR A 229 -34.04 -6.08 5.50
CA TYR A 229 -32.79 -5.53 4.98
C TYR A 229 -33.18 -4.62 3.82
N ARG A 230 -32.97 -3.32 4.00
CA ARG A 230 -33.36 -2.33 2.99
C ARG A 230 -32.18 -1.59 2.40
N LYS A 231 -32.28 -1.24 1.11
CA LYS A 231 -31.25 -0.49 0.38
C LYS A 231 -31.25 0.98 0.83
N LEU A 232 -30.25 1.77 0.37
CA LEU A 232 -30.06 3.19 0.68
C LEU A 232 -31.32 4.04 0.50
N ASN A 233 -32.03 3.85 -0.62
CA ASN A 233 -33.24 4.62 -0.95
C ASN A 233 -34.54 3.93 -0.53
N GLU A 234 -34.45 2.69 -0.03
CA GLU A 234 -35.59 1.93 0.51
C GLU A 234 -35.73 2.36 1.98
N SER A 235 -36.86 2.06 2.63
CA SER A 235 -37.07 2.46 4.03
C SER A 235 -37.32 1.31 5.00
N TRP A 236 -36.78 1.45 6.23
CA TRP A 236 -36.94 0.48 7.31
C TRP A 236 -38.39 0.43 7.83
N PRO A 237 -39.01 -0.77 8.00
CA PRO A 237 -40.37 -0.81 8.55
C PRO A 237 -40.38 -0.82 10.09
N VAL A 238 -41.38 -0.14 10.70
CA VAL A 238 -41.55 -0.03 12.16
C VAL A 238 -41.77 -1.40 12.84
N TYR A 239 -42.32 -2.38 12.10
CA TYR A 239 -42.63 -3.72 12.61
C TYR A 239 -41.47 -4.68 12.44
N GLU A 240 -41.13 -5.41 13.51
CA GLU A 240 -40.03 -6.39 13.53
C GLU A 240 -40.48 -7.79 13.99
N PRO A 241 -39.94 -8.90 13.43
CA PRO A 241 -40.40 -10.23 13.86
C PRO A 241 -39.87 -10.66 15.23
N LEU A 242 -40.71 -11.39 16.00
CA LEU A 242 -40.34 -11.94 17.32
C LEU A 242 -39.35 -13.09 17.11
N ASP A 243 -39.63 -13.96 16.12
CA ASP A 243 -38.81 -15.11 15.73
C ASP A 243 -38.56 -15.00 14.21
N SER A 244 -37.32 -14.64 13.83
CA SER A 244 -36.90 -14.46 12.45
C SER A 244 -36.86 -15.76 11.61
N THR A 245 -36.97 -16.92 12.28
CA THR A 245 -36.98 -18.24 11.63
C THR A 245 -38.36 -18.47 10.99
N LYS A 246 -39.44 -18.20 11.75
CA LYS A 246 -40.82 -18.38 11.31
C LYS A 246 -41.34 -17.19 10.49
N GLU A 247 -41.33 -15.98 11.08
CA GLU A 247 -41.83 -14.75 10.44
C GLU A 247 -40.72 -13.84 9.93
N GLY A 248 -41.12 -12.76 9.22
CA GLY A 248 -40.21 -11.79 8.64
C GLY A 248 -39.89 -12.10 7.18
N LYS A 249 -39.52 -11.08 6.39
CA LYS A 249 -39.21 -11.27 4.96
C LYS A 249 -37.76 -10.92 4.59
N GLY A 250 -37.07 -10.20 5.47
CA GLY A 250 -35.67 -9.82 5.25
C GLY A 250 -35.47 -8.85 4.11
N LYS A 251 -34.54 -9.19 3.20
CA LYS A 251 -34.17 -8.38 2.03
C LYS A 251 -35.32 -8.16 1.02
N ASP A 252 -36.29 -9.10 0.97
CA ASP A 252 -37.42 -9.06 0.04
C ASP A 252 -38.36 -7.90 0.35
N GLU A 253 -38.05 -6.72 -0.25
CA GLU A 253 -38.81 -5.48 -0.11
C GLU A 253 -40.19 -5.61 -0.76
N SER A 254 -40.25 -6.15 -2.00
CA SER A 254 -41.49 -6.33 -2.75
C SER A 254 -42.45 -7.30 -2.05
N SER A 255 -41.94 -8.33 -1.34
CA SER A 255 -42.76 -9.30 -0.60
C SER A 255 -43.43 -8.63 0.59
N TRP A 256 -42.75 -7.66 1.21
CA TRP A 256 -43.28 -6.87 2.33
C TRP A 256 -44.32 -5.91 1.75
N LYS A 257 -43.89 -5.04 0.82
CA LYS A 257 -44.64 -4.02 0.08
C LYS A 257 -46.03 -4.46 -0.44
N ASN A 258 -46.16 -5.74 -0.86
CA ASN A 258 -47.39 -6.28 -1.46
C ASN A 258 -48.36 -6.99 -0.49
N SER A 259 -47.88 -7.86 0.43
CA SER A 259 -48.80 -8.57 1.33
C SER A 259 -48.37 -8.63 2.81
N GLU A 260 -47.06 -8.69 3.09
CA GLU A 260 -46.54 -8.80 4.46
C GLU A 260 -46.61 -7.49 5.26
N LYS A 261 -46.73 -6.34 4.57
CA LYS A 261 -46.84 -5.00 5.18
C LYS A 261 -48.17 -4.91 5.92
N THR A 262 -49.26 -5.36 5.27
CA THR A 262 -50.62 -5.38 5.82
C THR A 262 -50.73 -6.42 6.95
N THR A 263 -50.01 -7.55 6.82
CA THR A 263 -49.95 -8.65 7.81
C THR A 263 -49.40 -8.13 9.14
N ALA A 264 -48.33 -7.33 9.08
CA ALA A 264 -47.65 -6.74 10.24
C ALA A 264 -48.46 -5.59 10.86
N GLU A 265 -49.23 -4.85 10.04
CA GLU A 265 -50.06 -3.71 10.46
C GLU A 265 -51.23 -4.14 11.34
N ASN A 266 -52.03 -5.12 10.89
CA ASN A 266 -53.20 -5.64 11.60
C ASN A 266 -52.85 -6.32 12.92
N ASP A 267 -51.75 -7.11 12.93
CA ASP A 267 -51.29 -7.85 14.10
C ASP A 267 -50.57 -7.00 15.14
N ALA A 268 -49.74 -6.03 14.71
CA ALA A 268 -48.98 -5.15 15.61
C ALA A 268 -49.35 -3.65 15.45
N PRO A 269 -50.53 -3.18 15.95
CA PRO A 269 -50.87 -1.76 15.78
C PRO A 269 -50.38 -0.82 16.89
N LEU A 270 -50.14 0.46 16.54
CA LEU A 270 -49.70 1.51 17.45
C LEU A 270 -50.86 1.95 18.36
N VAL A 271 -50.55 2.46 19.57
CA VAL A 271 -51.55 2.93 20.54
C VAL A 271 -52.26 4.20 20.04
N GLY A 272 -53.57 4.09 19.87
CA GLY A 272 -54.43 5.18 19.39
C GLY A 272 -55.77 4.69 18.89
N ALA A 351 -54.68 -7.47 17.21
CA ALA A 351 -53.68 -6.83 18.06
C ALA A 351 -53.08 -7.82 19.09
N THR A 352 -52.88 -9.08 18.66
CA THR A 352 -52.35 -10.17 19.49
C THR A 352 -50.85 -10.07 19.77
N PHE A 353 -50.07 -9.47 18.83
CA PHE A 353 -48.61 -9.30 18.89
C PHE A 353 -47.87 -10.65 18.96
N SER A 354 -48.27 -11.60 18.09
CA SER A 354 -47.70 -12.96 18.00
C SER A 354 -46.73 -13.16 16.83
N LYS A 355 -46.89 -12.39 15.73
CA LYS A 355 -46.04 -12.47 14.54
C LYS A 355 -45.00 -11.35 14.46
N TYR A 356 -45.40 -10.09 14.77
CA TYR A 356 -44.53 -8.91 14.72
C TYR A 356 -44.66 -8.00 15.96
N LEU A 357 -43.67 -7.09 16.14
CA LEU A 357 -43.63 -6.13 17.24
C LEU A 357 -43.57 -4.71 16.72
N ASN A 358 -44.33 -3.79 17.34
CA ASN A 358 -44.36 -2.38 16.99
C ASN A 358 -43.39 -1.63 17.91
N THR A 359 -42.24 -1.20 17.36
CA THR A 359 -41.19 -0.52 18.11
C THR A 359 -40.94 0.93 17.64
N ALA A 360 -42.03 1.66 17.29
CA ALA A 360 -41.95 3.06 16.83
C ALA A 360 -41.35 3.97 17.91
N GLN A 361 -41.80 3.81 19.17
CA GLN A 361 -41.32 4.56 20.34
C GLN A 361 -39.85 4.24 20.60
N ALA A 362 -39.46 2.96 20.46
CA ALA A 362 -38.10 2.47 20.65
C ALA A 362 -37.13 3.00 19.59
N LEU A 363 -37.62 3.18 18.33
CA LEU A 363 -36.84 3.70 17.21
C LEU A 363 -36.52 5.18 17.40
N HIS A 364 -37.54 5.98 17.81
CA HIS A 364 -37.41 7.42 18.05
C HIS A 364 -36.38 7.73 19.14
N GLN A 365 -36.31 6.87 20.17
CA GLN A 365 -35.38 6.99 21.30
C GLN A 365 -34.03 6.29 20.99
N MET A 366 -33.51 6.52 19.78
CA MET A 366 -32.25 5.98 19.27
C MET A 366 -31.60 6.90 18.22
N GLY A 367 -32.42 7.73 17.59
CA GLY A 367 -32.00 8.68 16.56
C GLY A 367 -32.69 8.46 15.23
N VAL A 368 -33.64 7.52 15.20
CA VAL A 368 -34.39 7.16 14.00
C VAL A 368 -35.61 8.09 13.91
N ILE A 369 -35.81 8.74 12.75
CA ILE A 369 -36.94 9.66 12.51
C ILE A 369 -38.22 8.83 12.33
N VAL A 370 -39.20 9.04 13.22
CA VAL A 370 -40.49 8.35 13.16
C VAL A 370 -41.58 9.43 13.02
N PRO A 371 -42.15 9.63 11.81
CA PRO A 371 -43.18 10.68 11.63
C PRO A 371 -44.43 10.46 12.47
N GLY A 372 -45.04 11.55 12.91
CA GLY A 372 -46.23 11.55 13.76
C GLY A 372 -45.94 11.36 15.24
N LEU A 373 -44.69 10.96 15.55
CA LEU A 373 -44.22 10.72 16.91
C LEU A 373 -43.01 11.64 17.22
N GLU A 374 -43.27 12.97 17.20
CA GLU A 374 -42.28 14.02 17.47
C GLU A 374 -42.78 15.06 18.49
N LYS A 375 -41.83 15.75 19.16
CA LYS A 375 -42.03 16.79 20.18
C LYS A 375 -42.90 17.98 19.74
N TRP A 376 -42.46 18.75 18.71
CA TRP A 376 -43.15 19.92 18.16
C TRP A 376 -44.45 19.57 17.45
N THR A 440 -51.72 4.29 8.03
CA THR A 440 -50.59 5.14 8.43
C THR A 440 -49.67 5.46 7.22
N ASP A 441 -48.36 5.66 7.47
CA ASP A 441 -47.35 5.98 6.45
C ASP A 441 -46.04 5.22 6.74
N ALA A 442 -44.93 5.60 6.07
CA ALA A 442 -43.62 4.96 6.20
C ALA A 442 -42.54 5.93 6.68
N LEU A 443 -41.46 5.37 7.24
CA LEU A 443 -40.29 6.10 7.77
C LEU A 443 -39.43 6.67 6.61
N PRO A 444 -38.54 7.69 6.83
CA PRO A 444 -37.71 8.19 5.72
C PRO A 444 -36.63 7.20 5.27
N ASN A 445 -35.94 7.50 4.14
CA ASN A 445 -34.87 6.70 3.51
C ASN A 445 -33.81 6.21 4.50
N VAL A 446 -33.23 5.02 4.25
CA VAL A 446 -32.18 4.42 5.07
C VAL A 446 -30.95 5.36 5.11
N ILE A 447 -30.59 5.97 3.96
CA ILE A 447 -29.50 6.93 3.82
C ILE A 447 -29.75 8.20 4.67
N THR A 448 -31.04 8.61 4.80
CA THR A 448 -31.49 9.75 5.59
C THR A 448 -31.34 9.45 7.10
N GLN A 449 -31.74 8.22 7.51
CA GLN A 449 -31.66 7.72 8.89
C GLN A 449 -30.21 7.63 9.30
N LEU A 450 -29.32 7.21 8.38
CA LEU A 450 -27.89 7.09 8.58
C LEU A 450 -27.27 8.45 8.87
N TYR A 451 -27.73 9.51 8.16
CA TYR A 451 -27.26 10.87 8.36
C TYR A 451 -27.72 11.42 9.73
N HIS A 452 -29.00 11.18 10.08
CA HIS A 452 -29.61 11.60 11.35
C HIS A 452 -28.97 10.92 12.55
N THR A 453 -28.46 9.67 12.37
CA THR A 453 -27.79 8.90 13.41
C THR A 453 -26.27 9.12 13.43
N SER A 454 -25.68 9.51 12.27
CA SER A 454 -24.24 9.79 12.16
C SER A 454 -23.84 11.12 12.81
N THR A 455 -24.84 11.85 13.34
CA THR A 455 -24.69 13.15 14.00
C THR A 455 -25.24 13.05 15.44
N ALA A 456 -24.50 12.35 16.33
CA ALA A 456 -24.88 12.14 17.72
C ALA A 456 -23.78 12.52 18.73
N GLN A 457 -22.51 12.57 18.29
CA GLN A 457 -21.35 12.85 19.16
C GLN A 457 -20.35 13.81 18.52
N LEU A 458 -19.50 14.49 19.34
CA LEU A 458 -18.50 15.46 18.87
C LEU A 458 -17.30 15.67 19.81
N ALA A 459 -16.23 16.34 19.30
CA ALA A 459 -15.02 16.71 20.03
C ALA A 459 -14.30 17.87 19.33
N TYR A 460 -13.68 18.77 20.10
CA TYR A 460 -12.94 19.92 19.58
C TYR A 460 -11.45 19.82 19.92
N LEU A 461 -10.57 19.97 18.90
CA LEU A 461 -9.11 19.94 19.06
C LEU A 461 -8.37 20.99 18.23
N ASN A 462 -7.80 22.00 18.94
CA ASN A 462 -6.98 23.12 18.43
C ASN A 462 -7.50 23.84 17.15
N GLY A 463 -8.81 23.74 16.91
CA GLY A 463 -9.47 24.34 15.75
C GLY A 463 -10.14 23.34 14.84
N GLN A 464 -10.19 22.06 15.26
CA GLN A 464 -10.82 21.00 14.48
C GLN A 464 -12.00 20.43 15.26
N ILE A 465 -13.12 20.17 14.57
CA ILE A 465 -14.31 19.60 15.19
C ILE A 465 -14.64 18.24 14.57
N VAL A 466 -14.62 17.20 15.40
CA VAL A 466 -14.94 15.84 14.97
C VAL A 466 -16.42 15.63 15.29
N VAL A 467 -17.11 14.80 14.51
CA VAL A 467 -18.51 14.43 14.72
C VAL A 467 -18.63 12.93 14.40
N MET A 468 -19.23 12.14 15.30
CA MET A 468 -19.35 10.70 15.08
C MET A 468 -20.78 10.17 15.34
N GLY A 469 -21.02 8.92 14.95
CA GLY A 469 -22.32 8.26 15.01
C GLY A 469 -22.83 7.84 16.37
N SER A 470 -24.07 7.33 16.40
CA SER A 470 -24.76 6.86 17.59
C SER A 470 -24.25 5.47 17.99
N ASP A 471 -24.32 5.15 19.29
CA ASP A 471 -23.85 3.87 19.83
C ASP A 471 -24.83 2.70 19.62
N ARG A 472 -26.07 2.99 19.14
CA ARG A 472 -27.08 1.97 18.88
C ARG A 472 -27.32 1.72 17.39
N VAL A 473 -27.04 2.73 16.55
CA VAL A 473 -27.22 2.66 15.09
C VAL A 473 -25.84 2.77 14.40
N PRO A 474 -25.47 1.83 13.48
CA PRO A 474 -24.15 1.91 12.84
C PRO A 474 -23.94 3.13 11.95
N SER A 475 -22.77 3.77 12.08
CA SER A 475 -22.39 4.95 11.30
C SER A 475 -21.45 4.59 10.17
N LEU A 476 -21.82 4.95 8.93
CA LEU A 476 -21.03 4.66 7.73
C LEU A 476 -20.00 5.75 7.39
N TRP A 477 -19.97 6.84 8.18
CA TRP A 477 -19.05 7.96 8.02
C TRP A 477 -18.85 8.75 9.33
N TYR A 478 -18.01 9.80 9.28
CA TYR A 478 -17.67 10.69 10.39
C TYR A 478 -17.17 12.03 9.84
N TRP A 479 -17.31 13.12 10.59
CA TRP A 479 -16.86 14.44 10.16
C TRP A 479 -15.61 14.90 10.88
N VAL A 480 -14.74 15.65 10.17
CA VAL A 480 -13.55 16.31 10.70
C VAL A 480 -13.55 17.66 9.96
N VAL A 481 -14.05 18.72 10.64
CA VAL A 481 -14.23 20.05 10.04
C VAL A 481 -13.38 21.15 10.74
N GLY A 482 -12.84 22.05 9.93
CA GLY A 482 -12.06 23.19 10.40
C GLY A 482 -12.97 24.28 10.96
N GLU A 483 -12.49 24.99 12.00
CA GLU A 483 -13.20 26.09 12.67
C GLU A 483 -13.53 27.21 11.68
N ASP A 484 -12.56 27.55 10.81
CA ASP A 484 -12.69 28.59 9.79
C ASP A 484 -13.66 28.19 8.66
N GLN A 485 -13.86 26.87 8.46
CA GLN A 485 -14.73 26.33 7.42
C GLN A 485 -16.22 26.51 7.75
N GLU A 486 -17.00 26.95 6.74
CA GLU A 486 -18.45 27.11 6.80
C GLU A 486 -19.12 25.77 6.50
N SER A 487 -18.53 25.02 5.56
CA SER A 487 -18.97 23.69 5.15
C SER A 487 -17.97 22.64 5.68
N GLY A 488 -18.00 21.45 5.10
CA GLY A 488 -17.13 20.34 5.48
C GLY A 488 -17.79 19.00 5.32
N LYS A 489 -17.51 18.33 4.18
CA LYS A 489 -18.04 17.01 3.84
C LYS A 489 -17.52 15.96 4.82
N ALA A 490 -18.26 14.84 4.93
CA ALA A 490 -17.92 13.73 5.81
C ALA A 490 -16.88 12.79 5.18
N THR A 491 -16.13 12.07 6.03
CA THR A 491 -15.11 11.09 5.65
C THR A 491 -15.74 9.73 5.94
N TRP A 492 -15.62 8.78 4.98
CA TRP A 492 -16.17 7.42 5.10
C TRP A 492 -15.26 6.56 5.98
N TRP A 493 -15.83 5.55 6.67
CA TRP A 493 -15.04 4.60 7.44
C TRP A 493 -14.49 3.54 6.47
N ALA A 494 -15.18 3.38 5.32
CA ALA A 494 -14.84 2.48 4.20
C ALA A 494 -13.51 2.89 3.57
N LYS A 495 -13.16 4.18 3.66
CA LYS A 495 -11.91 4.77 3.14
C LYS A 495 -10.95 5.13 4.29
N THR A 496 -11.25 4.68 5.52
CA THR A 496 -10.43 4.96 6.71
C THR A 496 -9.81 3.66 7.21
N GLU A 497 -8.54 3.42 6.82
CA GLU A 497 -7.80 2.23 7.23
C GLU A 497 -7.34 2.36 8.69
N LEU A 498 -7.82 1.43 9.52
CA LEU A 498 -7.48 1.35 10.95
C LEU A 498 -6.56 0.15 11.19
N ASN A 499 -5.71 0.25 12.22
CA ASN A 499 -4.83 -0.85 12.64
C ASN A 499 -5.70 -1.76 13.52
N TRP A 500 -5.72 -3.07 13.20
CA TRP A 500 -6.54 -4.01 13.96
C TRP A 500 -5.72 -4.76 15.00
N GLY A 501 -4.46 -4.36 15.17
CA GLY A 501 -3.53 -4.96 16.11
C GLY A 501 -2.35 -5.58 15.39
N THR A 502 -2.65 -6.43 14.40
CA THR A 502 -1.67 -7.11 13.53
C THR A 502 -2.16 -7.09 12.10
N ASP A 503 -1.32 -7.57 11.16
CA ASP A 503 -1.67 -7.65 9.75
C ASP A 503 -2.71 -8.73 9.49
N LYS A 504 -2.70 -9.80 10.33
CA LYS A 504 -3.63 -10.92 10.26
C LYS A 504 -5.02 -10.54 10.80
N GLN A 505 -5.07 -9.71 11.87
CA GLN A 505 -6.31 -9.24 12.50
C GLN A 505 -7.12 -8.35 11.56
N LYS A 506 -6.41 -7.55 10.74
CA LYS A 506 -6.96 -6.66 9.72
C LYS A 506 -7.55 -7.51 8.58
N GLN A 507 -6.87 -8.64 8.24
CA GLN A 507 -7.26 -9.57 7.18
C GLN A 507 -8.64 -10.19 7.43
N PHE A 508 -8.83 -10.82 8.60
CA PHE A 508 -10.05 -11.51 8.99
C PHE A 508 -11.32 -10.77 8.65
N VAL A 509 -11.42 -9.48 9.04
CA VAL A 509 -12.57 -8.61 8.79
C VAL A 509 -12.70 -8.25 7.28
N GLU A 510 -11.57 -7.89 6.61
CA GLU A 510 -11.51 -7.54 5.18
C GLU A 510 -11.92 -8.71 4.30
N ASN A 511 -11.42 -9.91 4.62
CA ASN A 511 -11.66 -11.16 3.91
C ASN A 511 -13.02 -11.80 4.25
N GLN A 512 -14.03 -10.97 4.51
CA GLN A 512 -15.40 -11.38 4.78
C GLN A 512 -16.36 -10.33 4.20
N LEU A 513 -15.82 -9.13 3.89
CA LEU A 513 -16.53 -8.00 3.28
C LEU A 513 -17.12 -8.33 1.89
N GLY A 514 -16.63 -9.40 1.27
CA GLY A 514 -17.07 -9.88 -0.03
C GLY A 514 -16.06 -10.69 -0.79
N PHE A 515 -16.39 -11.01 -2.06
CA PHE A 515 -15.55 -11.81 -2.95
C PHE A 515 -14.59 -10.97 -3.80
N LYS A 516 -13.31 -11.39 -3.84
CA LYS A 516 -12.26 -10.72 -4.61
C LYS A 516 -11.30 -11.74 -5.22
N ASP A 517 -11.12 -11.69 -6.56
CA ASP A 517 -10.23 -12.54 -7.33
C ASP A 517 -9.89 -11.85 -8.65
N ASP A 518 -8.68 -12.11 -9.20
CA ASP A 518 -8.20 -11.54 -10.46
C ASP A 518 -8.92 -12.11 -11.71
N SER A 519 -9.96 -12.96 -11.48
CA SER A 519 -10.81 -13.58 -12.50
C SER A 519 -12.09 -12.76 -12.67
N ASN A 520 -12.67 -12.28 -11.56
CA ASN A 520 -13.90 -11.48 -11.53
C ASN A 520 -13.64 -10.03 -11.94
N SER A 521 -14.58 -9.47 -12.72
CA SER A 521 -14.59 -8.11 -13.26
C SER A 521 -16.03 -7.68 -13.61
N ASP A 522 -17.01 -8.29 -12.91
CA ASP A 522 -18.44 -8.05 -13.10
C ASP A 522 -18.91 -6.75 -12.45
N SER A 523 -19.84 -6.05 -13.14
CA SER A 523 -20.47 -4.79 -12.71
C SER A 523 -21.27 -5.01 -11.42
N LYS A 524 -21.88 -6.21 -11.29
CA LYS A 524 -22.69 -6.64 -10.14
C LYS A 524 -21.86 -7.18 -8.96
N ASN A 525 -20.51 -7.21 -9.10
CA ASN A 525 -19.58 -7.64 -8.04
C ASN A 525 -19.15 -6.37 -7.28
N SER A 526 -20.12 -5.75 -6.58
CA SER A 526 -20.01 -4.47 -5.87
C SER A 526 -19.41 -4.50 -4.45
N ASN A 527 -19.11 -5.68 -3.89
CA ASN A 527 -18.55 -5.82 -2.54
C ASN A 527 -17.29 -4.96 -2.30
N LEU A 528 -17.11 -4.49 -1.05
CA LEU A 528 -16.01 -3.63 -0.59
C LEU A 528 -14.62 -4.14 -0.98
N LYS A 529 -14.37 -5.46 -0.82
CA LYS A 529 -13.10 -6.11 -1.14
C LYS A 529 -12.75 -5.94 -2.62
N ALA A 530 -13.75 -6.03 -3.52
CA ALA A 530 -13.60 -5.87 -4.97
C ALA A 530 -13.36 -4.40 -5.34
N GLN A 531 -13.87 -3.47 -4.49
CA GLN A 531 -13.71 -2.03 -4.67
C GLN A 531 -12.54 -1.49 -3.82
N GLY A 532 -11.80 -2.41 -3.20
CA GLY A 532 -10.63 -2.18 -2.37
C GLY A 532 -10.85 -1.30 -1.16
N LEU A 533 -11.95 -1.54 -0.42
CA LEU A 533 -12.33 -0.75 0.74
C LEU A 533 -12.38 -1.58 2.05
N THR A 534 -12.00 -0.93 3.17
CA THR A 534 -11.94 -1.51 4.52
C THR A 534 -13.34 -1.52 5.20
N GLN A 535 -13.39 -1.83 6.52
CA GLN A 535 -14.61 -1.88 7.32
C GLN A 535 -15.38 -0.54 7.27
N PRO A 536 -16.62 -0.53 6.73
CA PRO A 536 -17.35 0.74 6.55
C PRO A 536 -18.23 1.22 7.70
N ALA A 537 -18.59 0.35 8.67
CA ALA A 537 -19.47 0.73 9.78
C ALA A 537 -18.94 0.38 11.17
N TYR A 538 -19.27 1.24 12.17
CA TYR A 538 -18.90 1.09 13.58
C TYR A 538 -19.98 1.71 14.50
N LEU A 539 -20.29 1.03 15.63
CA LEU A 539 -21.27 1.51 16.63
C LEU A 539 -20.51 2.34 17.68
N ILE A 540 -20.12 3.58 17.30
CA ILE A 540 -19.34 4.54 18.11
C ILE A 540 -19.84 4.63 19.57
N ALA A 541 -19.11 3.93 20.47
CA ALA A 541 -19.34 3.90 21.92
C ALA A 541 -19.09 5.27 22.53
N GLY A 542 -18.22 6.05 21.87
CA GLY A 542 -17.86 7.41 22.26
C GLY A 542 -16.55 7.90 21.72
N LEU A 543 -16.25 9.16 22.03
CA LEU A 543 -15.01 9.87 21.70
C LEU A 543 -14.70 10.94 22.73
N ASP A 544 -13.41 11.32 22.83
CA ASP A 544 -12.93 12.36 23.75
C ASP A 544 -11.58 12.89 23.29
N VAL A 545 -11.11 13.96 23.95
CA VAL A 545 -9.84 14.61 23.63
C VAL A 545 -8.96 14.68 24.86
N VAL A 546 -7.65 14.45 24.69
CA VAL A 546 -6.67 14.46 25.78
C VAL A 546 -5.24 14.65 25.20
N ALA A 547 -4.42 15.52 25.86
CA ALA A 547 -3.04 15.85 25.49
C ALA A 547 -2.83 16.12 23.98
N ASP A 548 -3.69 17.02 23.42
CA ASP A 548 -3.73 17.45 22.02
C ASP A 548 -3.90 16.26 21.05
N HIS A 549 -4.75 15.29 21.45
CA HIS A 549 -5.03 14.06 20.71
C HIS A 549 -6.45 13.59 20.96
N LEU A 550 -7.11 13.07 19.90
CA LEU A 550 -8.46 12.52 20.00
C LEU A 550 -8.37 11.03 20.34
N VAL A 551 -9.29 10.54 21.18
CA VAL A 551 -9.37 9.14 21.60
C VAL A 551 -10.80 8.61 21.37
N PHE A 552 -10.92 7.50 20.63
CA PHE A 552 -12.22 6.90 20.33
C PHE A 552 -12.30 5.42 20.73
N ALA A 553 -13.53 4.89 20.78
CA ALA A 553 -13.86 3.50 21.08
C ALA A 553 -15.17 3.17 20.38
N ALA A 554 -15.22 2.04 19.68
CA ALA A 554 -16.43 1.64 18.95
C ALA A 554 -16.55 0.14 18.83
N PHE A 555 -17.80 -0.35 18.75
CA PHE A 555 -18.08 -1.76 18.54
C PHE A 555 -18.32 -1.93 17.04
N LYS A 556 -17.33 -2.54 16.35
CA LYS A 556 -17.32 -2.81 14.91
C LYS A 556 -18.59 -3.54 14.45
N ALA A 557 -19.39 -2.90 13.58
CA ALA A 557 -20.62 -3.46 13.01
C ALA A 557 -20.28 -4.52 11.97
N GLY A 558 -21.04 -5.62 11.97
CA GLY A 558 -20.83 -6.75 11.08
C GLY A 558 -21.09 -6.52 9.62
N ALA A 559 -20.02 -6.19 8.86
CA ALA A 559 -20.11 -5.98 7.42
C ALA A 559 -19.64 -7.21 6.65
N VAL A 560 -20.59 -7.88 5.94
CA VAL A 560 -20.35 -9.11 5.18
C VAL A 560 -20.81 -8.99 3.71
N GLY A 561 -20.73 -10.10 2.97
CA GLY A 561 -21.15 -10.18 1.57
C GLY A 561 -22.38 -11.06 1.39
N TYR A 562 -23.02 -10.98 0.19
CA TYR A 562 -24.21 -11.78 -0.15
C TYR A 562 -24.34 -12.01 -1.66
N ASP A 563 -24.88 -13.18 -2.09
CA ASP A 563 -25.02 -13.52 -3.51
C ASP A 563 -26.28 -12.93 -4.15
N MET A 564 -26.08 -12.03 -5.12
CA MET A 564 -27.15 -11.36 -5.86
C MET A 564 -27.60 -12.16 -7.11
N THR A 565 -27.41 -13.50 -7.09
CA THR A 565 -27.75 -14.37 -8.21
C THR A 565 -29.27 -14.48 -8.43
N THR A 566 -29.67 -14.67 -9.69
CA THR A 566 -31.06 -14.85 -10.12
C THR A 566 -31.35 -16.35 -10.28
N ASP A 567 -30.28 -17.17 -10.29
CA ASP A 567 -30.36 -18.63 -10.39
C ASP A 567 -30.76 -19.16 -9.01
N SER A 568 -32.02 -19.61 -8.88
CA SER A 568 -32.58 -20.12 -7.62
C SER A 568 -31.99 -21.45 -7.17
N SER A 569 -31.54 -22.30 -8.12
CA SER A 569 -30.93 -23.61 -7.86
C SER A 569 -29.58 -23.52 -7.13
N ALA A 570 -28.92 -22.33 -7.17
CA ALA A 570 -27.65 -22.06 -6.50
C ALA A 570 -27.81 -22.23 -5.00
N SER A 571 -26.82 -22.87 -4.36
CA SER A 571 -26.82 -23.14 -2.92
C SER A 571 -26.72 -21.85 -2.10
N THR A 572 -25.88 -20.91 -2.56
CA THR A 572 -25.63 -19.60 -1.93
C THR A 572 -26.69 -18.55 -2.32
N TYR A 573 -27.71 -18.95 -3.13
CA TYR A 573 -28.79 -18.07 -3.56
C TYR A 573 -29.65 -17.65 -2.36
N ASN A 574 -29.95 -16.34 -2.25
CA ASN A 574 -30.74 -15.74 -1.15
C ASN A 574 -30.09 -15.95 0.23
N GLN A 575 -28.75 -15.75 0.34
CA GLN A 575 -28.03 -15.91 1.61
C GLN A 575 -26.83 -14.97 1.72
N ALA A 576 -26.50 -14.58 2.97
CA ALA A 576 -25.37 -13.73 3.32
C ALA A 576 -24.23 -14.62 3.83
N LEU A 577 -23.01 -14.35 3.36
CA LEU A 577 -21.82 -15.15 3.68
C LEU A 577 -21.05 -14.63 4.89
N ALA A 578 -21.10 -15.39 6.02
CA ALA A 578 -20.43 -15.11 7.30
C ALA A 578 -20.13 -16.40 8.07
N TRP A 579 -18.85 -16.60 8.44
CA TRP A 579 -18.38 -17.80 9.16
C TRP A 579 -17.71 -17.46 10.50
N SER A 580 -17.73 -18.40 11.45
CA SER A 580 -17.14 -18.26 12.79
C SER A 580 -15.62 -18.19 12.69
N THR A 581 -15.04 -17.07 13.15
CA THR A 581 -13.60 -16.82 13.08
C THR A 581 -12.91 -17.07 14.43
N THR A 582 -13.43 -18.00 15.24
CA THR A 582 -12.83 -18.32 16.54
C THR A 582 -11.63 -19.25 16.33
N ALA A 583 -10.48 -18.93 16.97
CA ALA A 583 -9.22 -19.67 16.89
C ALA A 583 -9.37 -21.14 17.26
N GLY A 584 -8.70 -22.00 16.49
CA GLY A 584 -8.71 -23.45 16.67
C GLY A 584 -8.27 -23.93 18.04
N LEU A 585 -8.68 -25.17 18.38
CA LEU A 585 -8.36 -25.78 19.68
C LEU A 585 -6.87 -26.13 19.86
N ASP A 586 -6.17 -26.40 18.73
CA ASP A 586 -4.75 -26.74 18.67
C ASP A 586 -3.84 -25.50 18.52
N SER A 587 -4.42 -24.27 18.62
CA SER A 587 -3.71 -23.01 18.51
C SER A 587 -2.71 -22.80 19.64
N ASP A 588 -1.59 -22.13 19.33
CA ASP A 588 -0.51 -21.84 20.26
C ASP A 588 -0.95 -20.81 21.30
N GLY A 589 -0.47 -20.99 22.54
CA GLY A 589 -0.77 -20.11 23.67
C GLY A 589 -0.25 -18.70 23.49
N GLY A 590 -0.85 -17.77 24.22
CA GLY A 590 -0.48 -16.36 24.16
C GLY A 590 -1.35 -15.61 23.19
N TYR A 591 -1.79 -14.38 23.58
CA TYR A 591 -2.67 -13.51 22.80
C TYR A 591 -2.30 -13.48 21.32
N LYS A 592 -1.10 -12.93 20.98
CA LYS A 592 -0.64 -12.81 19.60
C LYS A 592 -0.80 -14.09 18.78
N ALA A 593 -0.31 -15.24 19.31
CA ALA A 593 -0.38 -16.56 18.69
C ALA A 593 -1.81 -17.07 18.46
N LEU A 594 -2.78 -16.62 19.29
CA LEU A 594 -4.20 -16.99 19.22
C LEU A 594 -4.98 -16.12 18.24
N VAL A 595 -4.73 -14.79 18.24
CA VAL A 595 -5.42 -13.84 17.36
C VAL A 595 -4.93 -13.95 15.92
N GLU A 596 -3.69 -14.45 15.72
CA GLU A 596 -3.08 -14.65 14.39
C GLU A 596 -3.37 -16.04 13.80
N ASN A 597 -4.13 -16.88 14.54
CA ASN A 597 -4.49 -18.24 14.11
C ASN A 597 -5.37 -18.22 12.86
N THR A 598 -5.01 -19.06 11.88
CA THR A 598 -5.64 -19.21 10.56
C THR A 598 -7.13 -19.64 10.57
N ALA A 599 -7.66 -20.16 11.71
CA ALA A 599 -9.04 -20.65 11.82
C ALA A 599 -10.10 -19.72 11.23
N GLY A 600 -10.48 -20.01 9.99
CA GLY A 600 -11.48 -19.26 9.25
C GLY A 600 -11.03 -17.90 8.75
N LEU A 601 -9.77 -17.81 8.27
CA LEU A 601 -9.20 -16.56 7.74
C LEU A 601 -9.88 -16.19 6.43
N ASN A 602 -9.92 -17.14 5.48
CA ASN A 602 -10.51 -16.92 4.15
C ASN A 602 -11.86 -17.61 3.94
N GLY A 603 -12.22 -18.57 4.79
CA GLY A 603 -13.48 -19.29 4.66
C GLY A 603 -13.91 -20.13 5.85
N PRO A 604 -15.12 -20.73 5.82
CA PRO A 604 -15.60 -21.54 6.96
C PRO A 604 -14.73 -22.72 7.35
N ILE A 605 -14.72 -23.04 8.66
CA ILE A 605 -13.96 -24.15 9.26
C ILE A 605 -14.59 -24.63 10.59
N ASN A 606 -15.21 -23.71 11.36
CA ASN A 606 -15.83 -23.99 12.66
C ASN A 606 -17.23 -24.60 12.52
N GLY A 607 -17.63 -25.34 13.55
CA GLY A 607 -18.91 -26.04 13.63
C GLY A 607 -18.91 -27.09 14.70
N LEU A 608 -19.93 -27.96 14.73
CA LEU A 608 -20.04 -29.02 15.73
C LEU A 608 -19.10 -30.20 15.44
N PHE A 609 -18.04 -30.39 16.26
CA PHE A 609 -17.09 -31.51 16.13
C PHE A 609 -17.24 -32.37 17.39
N THR A 610 -17.63 -33.65 17.26
CA THR A 610 -17.83 -34.49 18.45
C THR A 610 -16.61 -35.38 18.76
N LEU A 611 -16.00 -35.13 19.94
CA LEU A 611 -14.87 -35.91 20.48
C LEU A 611 -15.42 -36.93 21.49
N LEU A 612 -15.68 -38.17 21.00
CA LEU A 612 -16.24 -39.30 21.75
C LEU A 612 -17.69 -39.07 22.18
N ASP A 613 -17.91 -38.17 23.17
CA ASP A 613 -19.21 -37.79 23.71
C ASP A 613 -19.23 -36.30 24.04
N THR A 614 -18.04 -35.67 24.00
CA THR A 614 -17.81 -34.25 24.26
C THR A 614 -17.68 -33.49 22.95
N PHE A 615 -18.69 -32.66 22.64
CA PHE A 615 -18.75 -31.83 21.43
C PHE A 615 -17.96 -30.52 21.60
N ALA A 616 -17.39 -30.02 20.50
CA ALA A 616 -16.61 -28.77 20.46
C ALA A 616 -17.06 -27.94 19.26
N TYR A 617 -17.38 -26.65 19.49
CA TYR A 617 -17.88 -25.75 18.44
C TYR A 617 -16.75 -25.10 17.61
N VAL A 618 -15.49 -25.29 18.01
CA VAL A 618 -14.32 -24.76 17.30
C VAL A 618 -13.53 -25.90 16.62
N THR A 619 -12.75 -25.58 15.57
CA THR A 619 -11.97 -26.56 14.81
C THR A 619 -10.81 -27.18 15.65
N PRO A 620 -10.68 -28.53 15.68
CA PRO A 620 -9.59 -29.14 16.46
C PRO A 620 -8.25 -29.18 15.71
N VAL A 621 -8.29 -28.92 14.39
CA VAL A 621 -7.13 -28.93 13.51
C VAL A 621 -7.06 -27.55 12.84
N SER A 622 -5.99 -26.78 13.12
CA SER A 622 -5.80 -25.43 12.58
C SER A 622 -4.33 -25.04 12.40
N GLY A 623 -4.10 -23.94 11.69
CA GLY A 623 -2.77 -23.40 11.44
C GLY A 623 -2.03 -24.23 10.42
N MET A 624 -1.00 -24.98 10.89
CA MET A 624 -0.17 -25.85 10.06
C MET A 624 0.06 -27.22 10.74
N LYS A 625 -0.80 -27.57 11.69
CA LYS A 625 -0.75 -28.81 12.46
C LYS A 625 -1.54 -29.96 11.79
N GLY A 626 -2.09 -29.69 10.60
CA GLY A 626 -2.86 -30.65 9.83
C GLY A 626 -2.05 -31.75 9.16
N GLY A 627 -2.77 -32.64 8.49
CA GLY A 627 -2.21 -33.78 7.78
C GLY A 627 -1.90 -34.94 8.70
N SER A 628 -0.73 -35.56 8.48
CA SER A 628 -0.26 -36.69 9.26
C SER A 628 0.91 -36.24 10.14
N GLN A 629 2.00 -35.75 9.53
CA GLN A 629 3.23 -35.29 10.21
C GLN A 629 3.05 -34.00 11.04
N ASN A 630 1.83 -33.39 11.04
CA ASN A 630 1.49 -32.15 11.76
C ASN A 630 2.42 -31.01 11.33
N ASN A 631 2.49 -30.83 10.00
CA ASN A 631 3.33 -29.86 9.28
C ASN A 631 2.52 -29.25 8.14
N GLU A 632 1.53 -30.01 7.62
CA GLU A 632 0.64 -29.66 6.52
C GLU A 632 -0.32 -28.54 6.91
N GLU A 633 -0.41 -27.49 6.06
CA GLU A 633 -1.24 -26.30 6.28
C GLU A 633 -2.73 -26.62 6.26
N VAL A 634 -3.48 -26.04 7.21
CA VAL A 634 -4.93 -26.21 7.27
C VAL A 634 -5.53 -25.04 6.48
N GLN A 635 -5.79 -25.31 5.19
CA GLN A 635 -6.30 -24.34 4.22
C GLN A 635 -7.74 -23.91 4.46
N THR A 636 -8.04 -22.68 4.04
CA THR A 636 -9.34 -22.03 4.15
C THR A 636 -9.59 -21.13 2.92
N THR A 637 -10.80 -21.18 2.33
CA THR A 637 -11.13 -20.37 1.14
C THR A 637 -12.61 -19.93 1.12
N TYR A 638 -12.87 -18.74 0.51
CA TYR A 638 -14.17 -18.07 0.35
C TYR A 638 -15.27 -18.98 -0.22
N PRO A 639 -16.50 -18.97 0.35
CA PRO A 639 -17.54 -19.88 -0.15
C PRO A 639 -18.20 -19.49 -1.49
N VAL A 640 -17.43 -19.64 -2.58
CA VAL A 640 -17.81 -19.42 -3.98
C VAL A 640 -17.10 -20.53 -4.82
N LYS A 641 -17.87 -21.25 -5.66
CA LYS A 641 -17.39 -22.34 -6.54
C LYS A 641 -16.28 -21.86 -7.48
N SER A 642 -15.23 -22.68 -7.66
CA SER A 642 -14.04 -22.42 -8.47
C SER A 642 -14.33 -21.93 -9.91
N ASP A 643 -15.29 -22.58 -10.60
CA ASP A 643 -15.69 -22.23 -11.97
C ASP A 643 -16.69 -21.06 -12.01
N GLN A 644 -17.38 -20.81 -10.88
CA GLN A 644 -18.38 -19.74 -10.70
C GLN A 644 -17.73 -18.41 -10.27
N LYS A 645 -16.39 -18.39 -10.08
CA LYS A 645 -15.59 -17.24 -9.64
C LYS A 645 -15.68 -16.01 -10.55
N ALA A 646 -15.59 -16.20 -11.88
CA ALA A 646 -15.65 -15.10 -12.85
C ALA A 646 -17.06 -14.50 -12.98
N THR A 647 -18.10 -15.33 -12.82
CA THR A 647 -19.51 -14.93 -12.93
C THR A 647 -20.14 -14.52 -11.56
N ALA A 648 -19.39 -14.69 -10.45
CA ALA A 648 -19.83 -14.36 -9.08
C ALA A 648 -20.23 -12.89 -8.95
N LYS A 649 -21.36 -12.64 -8.26
CA LYS A 649 -21.93 -11.29 -8.07
C LYS A 649 -22.17 -10.99 -6.58
N ILE A 650 -21.13 -11.18 -5.75
CA ILE A 650 -21.20 -10.93 -4.31
C ILE A 650 -21.18 -9.43 -4.04
N ALA A 651 -22.24 -8.92 -3.39
CA ALA A 651 -22.38 -7.50 -3.05
C ALA A 651 -21.97 -7.28 -1.58
N SER A 652 -22.37 -6.14 -0.98
CA SER A 652 -22.05 -5.80 0.41
C SER A 652 -23.29 -5.63 1.28
N LEU A 653 -23.24 -6.20 2.49
CA LEU A 653 -24.31 -6.19 3.50
C LEU A 653 -23.74 -5.72 4.85
N ILE A 654 -24.47 -4.86 5.58
CA ILE A 654 -24.06 -4.31 6.89
C ILE A 654 -25.14 -4.59 7.95
N ASN A 655 -24.70 -5.00 9.15
CA ASN A 655 -25.58 -5.31 10.26
C ASN A 655 -25.66 -4.18 11.31
N ALA A 656 -26.77 -4.12 12.07
CA ALA A 656 -27.01 -3.10 13.10
C ALA A 656 -26.49 -3.54 14.50
N SER A 657 -25.56 -4.51 14.53
CA SER A 657 -24.94 -5.08 15.73
C SER A 657 -23.44 -5.40 15.49
N PRO A 658 -22.60 -5.68 16.52
CA PRO A 658 -21.17 -5.98 16.24
C PRO A 658 -20.90 -7.37 15.66
N LEU A 659 -21.97 -8.13 15.33
CA LEU A 659 -21.89 -9.48 14.79
C LEU A 659 -21.80 -9.52 13.28
N ASN A 660 -20.82 -10.29 12.77
CA ASN A 660 -20.64 -10.55 11.34
C ASN A 660 -21.64 -11.62 10.92
N SER A 661 -21.88 -12.61 11.82
CA SER A 661 -22.81 -13.71 11.58
C SER A 661 -24.08 -13.66 12.45
N TYR A 662 -25.23 -13.99 11.84
CA TYR A 662 -26.55 -14.03 12.48
C TYR A 662 -27.14 -15.47 12.42
N GLY A 663 -26.37 -16.41 11.89
CA GLY A 663 -26.75 -17.81 11.71
C GLY A 663 -27.12 -18.52 13.00
N ASP A 664 -28.41 -18.91 13.10
CA ASP A 664 -29.03 -19.60 14.24
C ASP A 664 -28.33 -20.93 14.59
N ASP A 665 -27.23 -20.86 15.37
CA ASP A 665 -26.43 -22.01 15.79
C ASP A 665 -25.63 -21.71 17.05
N GLY A 666 -25.23 -22.75 17.77
CA GLY A 666 -24.44 -22.67 19.00
C GLY A 666 -23.03 -22.13 18.77
N VAL A 667 -22.51 -22.25 17.54
CA VAL A 667 -21.18 -21.78 17.14
C VAL A 667 -21.14 -20.25 17.18
N THR A 668 -22.24 -19.59 16.76
CA THR A 668 -22.41 -18.14 16.78
C THR A 668 -22.78 -17.67 18.19
N VAL A 669 -23.43 -18.55 18.97
CA VAL A 669 -23.82 -18.31 20.38
C VAL A 669 -22.53 -18.20 21.22
N PHE A 670 -21.61 -19.15 21.01
CA PHE A 670 -20.32 -19.24 21.70
C PHE A 670 -19.39 -18.06 21.38
N ASP A 671 -19.53 -17.47 20.17
CA ASP A 671 -18.77 -16.29 19.74
C ASP A 671 -19.29 -15.05 20.47
N ALA A 672 -20.63 -14.96 20.62
CA ALA A 672 -21.30 -13.85 21.28
C ALA A 672 -21.17 -13.88 22.80
N LEU A 673 -21.23 -15.08 23.40
CA LEU A 673 -21.17 -15.31 24.85
C LEU A 673 -19.75 -15.55 25.42
N GLY A 674 -18.79 -15.85 24.55
CA GLY A 674 -17.40 -16.11 24.92
C GLY A 674 -17.22 -17.42 25.65
N LEU A 675 -17.76 -18.50 25.07
CA LEU A 675 -17.72 -19.84 25.66
C LEU A 675 -16.72 -20.80 24.99
N ASN A 676 -15.99 -20.31 23.96
CA ASN A 676 -14.97 -21.08 23.25
C ASN A 676 -13.66 -21.04 24.03
N PHE A 677 -13.27 -22.19 24.62
CA PHE A 677 -12.06 -22.36 25.40
C PHE A 677 -11.30 -23.59 24.92
N ASN A 678 -10.03 -23.75 25.34
CA ASN A 678 -9.24 -24.94 25.02
C ASN A 678 -9.30 -25.90 26.22
N PHE A 679 -9.03 -27.20 25.99
CA PHE A 679 -9.11 -28.21 27.05
C PHE A 679 -7.82 -28.30 27.91
N LYS A 680 -6.95 -27.28 27.80
CA LYS A 680 -5.69 -27.19 28.54
C LYS A 680 -5.96 -26.78 29.98
N LEU A 681 -5.08 -27.22 30.93
CA LEU A 681 -5.14 -26.85 32.35
C LEU A 681 -5.07 -25.32 32.47
N ASN A 682 -4.24 -24.72 31.59
CA ASN A 682 -4.05 -23.28 31.40
C ASN A 682 -5.12 -22.87 30.36
N GLU A 683 -6.41 -23.00 30.76
CA GLU A 683 -7.58 -22.74 29.92
C GLU A 683 -7.63 -21.31 29.39
N GLU A 684 -7.42 -21.16 28.08
CA GLU A 684 -7.43 -19.87 27.41
C GLU A 684 -8.67 -19.71 26.55
N ARG A 685 -9.33 -18.55 26.69
CA ARG A 685 -10.52 -18.25 25.90
C ARG A 685 -10.11 -17.95 24.47
N LEU A 686 -10.63 -18.76 23.53
CA LEU A 686 -10.36 -18.68 22.09
C LEU A 686 -11.07 -17.49 21.48
N PRO A 687 -10.36 -16.58 20.77
CA PRO A 687 -11.01 -15.37 20.28
C PRO A 687 -11.59 -15.40 18.88
N SER A 688 -12.71 -14.68 18.69
CA SER A 688 -13.35 -14.48 17.39
C SER A 688 -12.65 -13.25 16.79
N ARG A 689 -12.43 -13.25 15.48
CA ARG A 689 -11.73 -12.15 14.82
C ARG A 689 -12.66 -11.27 13.96
N THR A 690 -13.99 -11.53 14.03
CA THR A 690 -15.05 -10.79 13.30
C THR A 690 -16.25 -10.48 14.19
N ASP A 691 -16.66 -11.44 15.05
CA ASP A 691 -17.80 -11.28 15.96
C ASP A 691 -17.35 -10.65 17.29
N GLN A 692 -18.21 -9.77 17.86
CA GLN A 692 -18.00 -9.07 19.14
C GLN A 692 -16.63 -8.39 19.21
N LEU A 693 -16.32 -7.55 18.22
CA LEU A 693 -15.05 -6.86 18.15
C LEU A 693 -15.11 -5.38 18.55
N LEU A 694 -14.22 -4.98 19.47
CA LEU A 694 -14.13 -3.59 19.94
C LEU A 694 -12.86 -2.93 19.42
N VAL A 695 -13.06 -1.81 18.69
CA VAL A 695 -11.99 -0.99 18.11
C VAL A 695 -11.75 0.21 19.02
N TYR A 696 -10.48 0.59 19.23
CA TYR A 696 -10.10 1.69 20.11
C TYR A 696 -8.76 2.29 19.70
N GLY A 697 -8.61 3.61 19.76
CA GLY A 697 -7.36 4.23 19.38
C GLY A 697 -7.19 5.71 19.60
N ILE A 698 -5.92 6.14 19.62
CA ILE A 698 -5.46 7.53 19.77
C ILE A 698 -5.04 8.08 18.40
N VAL A 699 -5.75 9.12 17.94
CA VAL A 699 -5.50 9.76 16.64
C VAL A 699 -5.01 11.21 16.85
N ASN A 700 -3.86 11.56 16.23
CA ASN A 700 -3.23 12.88 16.30
C ASN A 700 -3.80 13.87 15.26
N GLU A 701 -3.52 15.18 15.48
CA GLU A 701 -3.95 16.29 14.62
C GLU A 701 -3.55 16.14 13.15
N SER A 702 -2.37 15.54 12.87
CA SER A 702 -1.91 15.31 11.50
C SER A 702 -2.71 14.17 10.84
N GLU A 703 -3.08 13.12 11.63
CA GLU A 703 -3.91 11.98 11.19
C GLU A 703 -5.35 12.46 10.99
N LEU A 704 -5.80 13.44 11.81
CA LEU A 704 -7.12 14.05 11.74
C LEU A 704 -7.26 14.90 10.47
N LYS A 705 -6.23 15.73 10.17
CA LYS A 705 -6.16 16.61 8.99
C LYS A 705 -6.28 15.77 7.71
N SER A 706 -5.67 14.56 7.72
CA SER A 706 -5.68 13.61 6.61
C SER A 706 -7.11 13.13 6.29
N ALA A 707 -7.97 12.98 7.33
CA ALA A 707 -9.37 12.58 7.18
C ALA A 707 -10.16 13.71 6.53
N ARG A 708 -9.84 14.98 6.87
CA ARG A 708 -10.47 16.18 6.32
C ARG A 708 -10.16 16.29 4.82
N GLU A 709 -8.87 16.17 4.45
CA GLU A 709 -8.38 16.22 3.06
C GLU A 709 -9.00 15.12 2.18
N ASN A 710 -9.28 13.94 2.77
CA ASN A 710 -9.90 12.77 2.13
C ASN A 710 -11.36 13.08 1.75
N ALA A 711 -12.07 13.79 2.65
CA ALA A 711 -13.47 14.20 2.46
C ALA A 711 -13.58 15.34 1.46
N GLN A 712 -12.65 16.33 1.53
CA GLN A 712 -12.60 17.52 0.66
C GLN A 712 -12.18 17.19 -0.78
N SER A 713 -11.74 15.94 -1.05
CA SER A 713 -11.33 15.47 -2.37
C SER A 713 -12.55 15.25 -3.28
N THR A 714 -12.48 15.73 -4.54
CA THR A 714 -13.55 15.59 -5.54
C THR A 714 -13.16 14.49 -6.56
N SER A 715 -13.13 13.23 -6.07
CA SER A 715 -12.78 11.99 -6.79
C SER A 715 -11.38 12.03 -7.44
N ASP A 716 -11.25 12.70 -8.61
CA ASP A 716 -10.03 12.91 -9.44
C ASP A 716 -9.12 11.66 -9.58
N ASP A 717 -8.09 11.53 -8.70
CA ASP A 717 -7.09 10.46 -8.68
C ASP A 717 -7.15 9.69 -7.36
N ASN A 718 -7.54 10.39 -6.26
CA ASN A 718 -7.66 9.84 -4.91
C ASN A 718 -9.10 9.38 -4.59
N SER A 719 -9.62 8.49 -5.46
CA SER A 719 -10.95 7.89 -5.33
C SER A 719 -10.86 6.52 -4.64
N ASN A 720 -9.63 6.07 -4.34
CA ASN A 720 -9.31 4.80 -3.69
C ASN A 720 -8.44 5.00 -2.44
N THR A 721 -7.66 6.10 -2.40
CA THR A 721 -6.72 6.48 -1.31
C THR A 721 -7.38 6.41 0.08
N LYS A 722 -6.64 5.83 1.05
CA LYS A 722 -7.11 5.62 2.41
C LYS A 722 -6.52 6.56 3.46
N VAL A 723 -7.23 6.69 4.60
CA VAL A 723 -6.85 7.47 5.77
C VAL A 723 -6.08 6.50 6.66
N LYS A 724 -4.82 6.82 7.00
CA LYS A 724 -3.97 5.94 7.80
C LYS A 724 -3.97 6.26 9.30
N TRP A 725 -4.68 5.43 10.11
CA TRP A 725 -4.71 5.60 11.56
C TRP A 725 -4.02 4.38 12.20
N THR A 726 -2.69 4.48 12.33
CA THR A 726 -1.78 3.44 12.85
C THR A 726 -1.93 3.17 14.34
N ASN A 727 -2.29 4.19 15.14
CA ASN A 727 -2.43 3.99 16.58
C ASN A 727 -3.86 3.61 16.98
N THR A 728 -4.25 2.39 16.60
CA THR A 728 -5.54 1.74 16.87
C THR A 728 -5.30 0.25 17.05
N ALA A 729 -6.28 -0.49 17.60
CA ALA A 729 -6.20 -1.94 17.82
C ALA A 729 -7.57 -2.53 18.03
N SER A 730 -7.74 -3.80 17.66
CA SER A 730 -9.02 -4.48 17.87
C SER A 730 -8.92 -5.37 19.10
N HIS A 731 -10.09 -5.74 19.67
CA HIS A 731 -10.16 -6.61 20.84
C HIS A 731 -11.47 -7.35 20.93
N TYR A 732 -11.37 -8.67 21.09
CA TYR A 732 -12.53 -9.54 21.21
C TYR A 732 -13.21 -9.29 22.54
N LEU A 733 -14.41 -8.69 22.50
CA LEU A 733 -15.15 -8.38 23.72
C LEU A 733 -16.57 -8.99 23.71
N PRO A 734 -16.71 -10.27 24.14
CA PRO A 734 -18.04 -10.89 24.12
C PRO A 734 -18.93 -10.49 25.30
N VAL A 735 -20.24 -10.82 25.22
CA VAL A 735 -21.19 -10.58 26.31
C VAL A 735 -20.93 -11.67 27.36
N PRO A 736 -21.25 -11.48 28.64
CA PRO A 736 -21.04 -12.58 29.60
C PRO A 736 -22.03 -13.71 29.31
N TYR A 737 -21.62 -14.94 29.59
CA TYR A 737 -22.45 -16.12 29.41
C TYR A 737 -23.58 -16.17 30.45
N TYR A 738 -23.27 -15.69 31.67
CA TYR A 738 -24.21 -15.62 32.81
C TYR A 738 -25.36 -14.64 32.59
N TYR A 739 -25.26 -13.81 31.54
CA TYR A 739 -26.29 -12.86 31.11
C TYR A 739 -27.42 -13.60 30.39
N SER A 740 -27.14 -14.81 29.87
CA SER A 740 -28.10 -15.68 29.18
C SER A 740 -28.59 -16.72 30.19
N ALA A 741 -29.93 -16.89 30.27
CA ALA A 741 -30.60 -17.79 31.21
C ALA A 741 -30.16 -19.26 31.15
N ASN A 742 -29.90 -19.83 29.95
CA ASN A 742 -29.53 -21.25 29.81
C ASN A 742 -28.15 -21.61 30.39
N PHE A 743 -27.20 -20.64 30.40
CA PHE A 743 -25.86 -20.83 30.96
C PHE A 743 -25.67 -19.90 32.18
N PRO A 744 -26.13 -20.31 33.40
CA PRO A 744 -25.98 -19.40 34.55
C PRO A 744 -24.67 -19.57 35.31
N GLU A 745 -24.38 -18.63 36.25
CA GLU A 745 -23.18 -18.65 37.09
C GLU A 745 -23.43 -19.37 38.41
N ASN A 756 -28.15 -32.75 21.39
CA ASN A 756 -28.68 -31.79 20.43
C ASN A 756 -28.17 -30.35 20.66
N GLY A 757 -28.17 -29.90 21.91
CA GLY A 757 -27.67 -28.58 22.30
C GLY A 757 -28.65 -27.44 22.11
N VAL A 758 -28.11 -26.20 22.00
CA VAL A 758 -28.86 -24.96 21.84
C VAL A 758 -28.28 -24.02 20.77
N LYS A 759 -29.17 -23.24 20.13
CA LYS A 759 -28.87 -22.23 19.09
C LYS A 759 -29.30 -20.81 19.56
N ILE A 760 -29.36 -19.82 18.64
CA ILE A 760 -29.73 -18.42 18.97
C ILE A 760 -31.18 -18.32 19.42
N SER A 761 -32.12 -18.88 18.64
CA SER A 761 -33.56 -18.89 18.90
C SER A 761 -33.93 -19.57 20.22
N THR A 762 -33.19 -20.63 20.61
CA THR A 762 -33.42 -21.38 21.85
C THR A 762 -32.73 -20.76 23.08
N LEU A 763 -32.04 -19.60 22.90
CA LEU A 763 -31.36 -18.90 23.98
C LEU A 763 -32.30 -17.88 24.66
N GLU A 764 -32.47 -18.03 25.98
CA GLU A 764 -33.32 -17.16 26.79
C GLU A 764 -32.46 -16.06 27.44
N SER A 765 -33.08 -14.91 27.75
CA SER A 765 -32.41 -13.78 28.35
C SER A 765 -32.86 -13.55 29.80
N GLN A 766 -31.88 -13.38 30.69
CA GLN A 766 -32.11 -13.05 32.10
C GLN A 766 -31.47 -11.69 32.39
N ALA A 767 -31.08 -11.00 31.30
CA ALA A 767 -30.45 -9.68 31.25
C ALA A 767 -31.37 -8.58 31.75
N THR A 768 -30.85 -7.76 32.66
CA THR A 768 -31.59 -6.68 33.30
C THR A 768 -31.09 -5.29 32.90
N ASP A 769 -29.94 -5.21 32.22
CA ASP A 769 -29.33 -3.94 31.83
C ASP A 769 -30.04 -3.23 30.65
N GLY A 770 -31.37 -3.35 30.61
CA GLY A 770 -32.24 -2.72 29.61
C GLY A 770 -32.08 -3.24 28.20
N PHE A 771 -32.02 -4.58 28.07
CA PHE A 771 -31.88 -5.28 26.79
C PHE A 771 -32.63 -6.62 26.87
N ALA A 772 -33.58 -6.83 25.95
CA ALA A 772 -34.38 -8.06 25.86
C ALA A 772 -33.56 -9.23 25.25
N ASN A 773 -32.38 -8.93 24.68
CA ASN A 773 -31.47 -9.92 24.09
C ASN A 773 -30.24 -10.13 24.97
N SER A 774 -29.83 -11.39 25.14
CA SER A 774 -28.64 -11.78 25.90
C SER A 774 -27.58 -12.30 24.93
N LEU A 775 -27.56 -11.72 23.71
CA LEU A 775 -26.70 -12.10 22.60
C LEU A 775 -25.76 -10.97 22.14
N LEU A 776 -26.32 -9.83 21.71
CA LEU A 776 -25.54 -8.69 21.18
C LEU A 776 -24.98 -7.78 22.28
N ASN A 777 -23.73 -7.32 22.09
CA ASN A 777 -23.05 -6.43 23.04
C ASN A 777 -23.28 -4.96 22.75
N PHE A 778 -23.09 -4.11 23.77
CA PHE A 778 -23.28 -2.67 23.66
C PHE A 778 -22.23 -1.91 24.47
N GLY A 779 -21.50 -1.03 23.78
CA GLY A 779 -20.49 -0.16 24.37
C GLY A 779 -21.02 1.25 24.38
N THR A 780 -21.09 1.87 25.57
CA THR A 780 -21.66 3.22 25.70
C THR A 780 -20.88 4.16 26.60
N GLY A 781 -20.89 5.44 26.21
CA GLY A 781 -20.27 6.56 26.90
C GLY A 781 -18.80 6.43 27.25
N LEU A 782 -17.94 6.87 26.34
CA LEU A 782 -16.49 6.84 26.56
C LEU A 782 -16.02 8.19 27.11
N LYS A 783 -15.06 8.15 28.05
CA LYS A 783 -14.48 9.35 28.66
C LYS A 783 -13.01 9.19 28.98
N ALA A 784 -12.19 10.13 28.48
CA ALA A 784 -10.75 10.18 28.73
C ALA A 784 -10.50 10.81 30.10
N GLY A 785 -9.29 10.66 30.62
CA GLY A 785 -8.97 11.23 31.93
C GLY A 785 -7.53 11.10 32.33
N VAL A 786 -6.97 12.20 32.86
CA VAL A 786 -5.57 12.27 33.32
C VAL A 786 -5.51 11.91 34.80
N ASP A 787 -4.81 10.80 35.11
CA ASP A 787 -4.61 10.32 36.47
C ASP A 787 -3.92 11.43 37.32
N PRO A 788 -4.59 11.96 38.36
CA PRO A 788 -3.96 13.03 39.17
C PRO A 788 -2.76 12.59 40.03
N ALA A 789 -2.50 11.27 40.11
CA ALA A 789 -1.40 10.67 40.85
C ALA A 789 -0.03 11.27 40.48
N PRO A 790 0.85 11.59 41.46
CA PRO A 790 2.16 12.15 41.10
C PRO A 790 2.99 11.19 40.25
N VAL A 791 3.49 11.68 39.11
CA VAL A 791 4.29 10.89 38.18
C VAL A 791 5.77 10.92 38.54
N ALA A 792 6.55 10.06 37.86
CA ALA A 792 8.00 9.97 38.03
C ALA A 792 8.71 11.25 37.57
N ARG A 793 9.98 11.39 38.01
CA ARG A 793 10.86 12.52 37.73
C ARG A 793 11.17 12.62 36.23
N GLY A 794 10.37 13.45 35.56
CA GLY A 794 10.49 13.72 34.13
C GLY A 794 9.25 13.36 33.33
N HIS A 795 8.80 12.10 33.45
CA HIS A 795 7.66 11.50 32.73
C HIS A 795 6.38 12.34 32.72
N LYS A 796 5.71 12.37 31.56
CA LYS A 796 4.44 13.05 31.29
C LYS A 796 3.28 12.40 32.07
N PRO A 797 2.32 13.18 32.63
CA PRO A 797 1.20 12.57 33.39
C PRO A 797 0.37 11.54 32.63
N ASN A 798 0.16 10.37 33.29
CA ASN A 798 -0.59 9.23 32.78
C ASN A 798 -2.06 9.52 32.55
N TYR A 799 -2.58 9.02 31.41
CA TYR A 799 -3.99 9.18 31.05
C TYR A 799 -4.57 7.91 30.44
N SER A 800 -5.88 7.67 30.69
CA SER A 800 -6.61 6.51 30.19
C SER A 800 -8.08 6.84 29.97
N ALA A 801 -8.71 6.25 28.94
CA ALA A 801 -10.13 6.45 28.63
C ALA A 801 -10.95 5.25 29.07
N VAL A 802 -12.17 5.48 29.62
CA VAL A 802 -13.02 4.37 30.06
C VAL A 802 -14.42 4.43 29.44
N LEU A 803 -14.98 3.26 29.14
CA LEU A 803 -16.31 3.07 28.56
C LEU A 803 -17.04 1.93 29.27
N LEU A 804 -18.37 1.88 29.12
CA LEU A 804 -19.17 0.85 29.77
C LEU A 804 -19.74 -0.13 28.77
N VAL A 805 -19.44 -1.43 28.94
CA VAL A 805 -19.98 -2.48 28.09
C VAL A 805 -20.93 -3.36 28.89
N ARG A 806 -21.59 -4.33 28.23
CA ARG A 806 -22.53 -5.24 28.89
C ARG A 806 -21.79 -6.20 29.82
N GLY A 807 -22.05 -6.05 31.12
CA GLY A 807 -21.47 -6.89 32.17
C GLY A 807 -20.13 -6.48 32.76
N GLY A 808 -19.59 -5.34 32.33
CA GLY A 808 -18.31 -4.83 32.82
C GLY A 808 -17.85 -3.48 32.30
N VAL A 809 -16.81 -2.94 32.96
CA VAL A 809 -16.18 -1.66 32.63
C VAL A 809 -14.85 -1.93 31.92
N VAL A 810 -14.62 -1.23 30.81
CA VAL A 810 -13.39 -1.44 30.05
C VAL A 810 -12.57 -0.16 30.00
N ARG A 811 -11.34 -0.24 30.48
CA ARG A 811 -10.35 0.84 30.51
C ARG A 811 -9.38 0.67 29.35
N LEU A 812 -9.12 1.77 28.65
CA LEU A 812 -8.20 1.81 27.52
C LEU A 812 -7.00 2.63 27.96
N ASN A 813 -5.82 1.99 28.08
CA ASN A 813 -4.58 2.63 28.53
C ASN A 813 -3.72 3.15 27.39
N PHE A 814 -3.01 4.26 27.62
CA PHE A 814 -2.15 4.91 26.63
C PHE A 814 -0.81 5.34 27.22
N ASN A 815 0.23 5.40 26.36
CA ASN A 815 1.59 5.82 26.72
C ASN A 815 1.69 7.35 26.65
N PRO A 816 1.84 8.06 27.81
CA PRO A 816 1.84 9.53 27.78
C PRO A 816 3.11 10.19 27.25
N ASP A 817 4.24 9.47 27.32
CA ASP A 817 5.55 9.95 26.87
C ASP A 817 5.69 9.96 25.33
N THR A 818 4.80 9.22 24.62
CA THR A 818 4.83 9.11 23.16
C THR A 818 3.46 9.42 22.52
N ASP A 819 2.41 9.54 23.36
CA ASP A 819 1.01 9.79 22.95
C ASP A 819 0.56 8.73 21.95
N LYS A 820 0.80 7.46 22.33
CA LYS A 820 0.50 6.25 21.57
C LYS A 820 -0.23 5.23 22.47
N LEU A 821 -0.64 4.09 21.90
CA LEU A 821 -1.29 3.00 22.64
C LEU A 821 -0.23 2.30 23.48
N LEU A 822 -0.56 1.96 24.73
CA LEU A 822 0.37 1.31 25.66
C LEU A 822 0.63 -0.15 25.28
N ASP A 823 1.88 -0.48 24.95
CA ASP A 823 2.29 -1.83 24.56
C ASP A 823 3.45 -2.34 25.41
N SER A 824 3.50 -3.66 25.66
CA SER A 824 4.53 -4.34 26.47
C SER A 824 5.64 -4.98 25.64
N THR A 825 6.69 -5.50 26.32
CA THR A 825 7.86 -6.17 25.73
C THR A 825 7.50 -7.56 25.18
N ASP A 826 6.61 -8.29 25.86
CA ASP A 826 6.20 -9.65 25.46
C ASP A 826 4.85 -9.69 24.72
N LYS A 827 4.88 -10.30 23.51
CA LYS A 827 3.71 -10.46 22.61
C LYS A 827 2.74 -11.57 23.04
N ASN A 828 3.21 -12.60 23.78
CA ASN A 828 2.36 -13.69 24.29
C ASN A 828 1.42 -13.14 25.38
N SER A 829 1.95 -12.27 26.26
CA SER A 829 1.18 -11.61 27.32
C SER A 829 0.11 -10.73 26.67
N GLU A 830 -1.10 -10.72 27.26
CA GLU A 830 -2.26 -9.94 26.77
C GLU A 830 -1.93 -8.44 26.70
N PRO A 831 -2.47 -7.69 25.71
CA PRO A 831 -2.12 -6.25 25.62
C PRO A 831 -2.40 -5.45 26.89
N ILE A 832 -1.55 -4.48 27.19
CA ILE A 832 -1.71 -3.63 28.37
C ILE A 832 -2.58 -2.39 28.04
N SER A 833 -2.86 -2.16 26.72
CA SER A 833 -3.71 -1.08 26.21
C SER A 833 -5.19 -1.40 26.49
N PHE A 834 -5.54 -2.70 26.61
CA PHE A 834 -6.92 -3.13 26.87
C PHE A 834 -7.04 -3.80 28.22
N SER A 835 -8.14 -3.51 28.94
CA SER A 835 -8.47 -4.12 30.22
C SER A 835 -9.98 -4.13 30.40
N TYR A 836 -10.54 -5.27 30.79
CA TYR A 836 -11.97 -5.41 31.05
C TYR A 836 -12.15 -5.90 32.48
N THR A 837 -12.93 -5.16 33.26
CA THR A 837 -13.22 -5.48 34.64
C THR A 837 -14.71 -5.76 34.75
N PRO A 838 -15.13 -7.02 35.05
CA PRO A 838 -16.58 -7.29 35.13
C PRO A 838 -17.20 -6.65 36.35
N PHE A 839 -18.42 -6.10 36.23
CA PHE A 839 -19.03 -5.41 37.37
C PHE A 839 -20.10 -6.24 38.09
N GLY A 840 -20.39 -5.85 39.33
CA GLY A 840 -21.31 -6.52 40.24
C GLY A 840 -22.78 -6.61 39.85
N SER A 841 -23.55 -7.27 40.75
CA SER A 841 -24.99 -7.53 40.69
C SER A 841 -25.83 -6.26 40.62
N ALA A 842 -25.49 -5.25 41.45
CA ALA A 842 -26.19 -3.97 41.51
C ALA A 842 -26.05 -3.16 40.22
N GLU A 843 -24.84 -3.14 39.64
CA GLU A 843 -24.51 -2.42 38.42
C GLU A 843 -24.98 -3.14 37.15
N SER A 844 -25.39 -4.42 37.27
CA SER A 844 -25.91 -5.20 36.14
C SER A 844 -27.41 -4.89 35.91
N ALA A 845 -28.09 -4.36 36.94
CA ALA A 845 -29.50 -3.96 36.88
C ALA A 845 -29.66 -2.55 36.26
N VAL A 846 -28.53 -1.88 35.97
CA VAL A 846 -28.45 -0.54 35.37
C VAL A 846 -28.67 -0.61 33.85
N ASP A 847 -29.67 0.12 33.31
CA ASP A 847 -29.90 0.17 31.87
C ASP A 847 -28.77 1.01 31.25
N LEU A 848 -28.06 0.43 30.27
CA LEU A 848 -26.95 1.11 29.60
C LEU A 848 -27.40 2.24 28.65
N THR A 849 -28.59 2.10 28.03
CA THR A 849 -29.18 3.05 27.07
C THR A 849 -29.63 4.39 27.69
N THR A 850 -29.84 4.41 29.02
CA THR A 850 -30.33 5.56 29.78
C THR A 850 -29.25 6.58 30.16
N LEU A 851 -27.99 6.36 29.75
CA LEU A 851 -26.89 7.28 30.05
C LEU A 851 -27.11 8.67 29.46
N LYS A 852 -27.24 9.67 30.34
CA LYS A 852 -27.45 11.05 29.92
C LYS A 852 -26.17 11.91 30.00
N ASP A 853 -25.19 11.49 30.83
CA ASP A 853 -23.95 12.26 31.00
C ASP A 853 -22.79 11.47 31.61
N VAL A 854 -21.58 11.73 31.09
CA VAL A 854 -20.32 11.14 31.59
C VAL A 854 -19.40 12.27 31.98
N THR A 855 -19.15 12.41 33.30
CA THR A 855 -18.29 13.44 33.84
C THR A 855 -17.08 12.78 34.47
N TYR A 856 -15.88 13.36 34.27
CA TYR A 856 -14.64 12.90 34.88
C TYR A 856 -14.08 14.03 35.72
N ILE A 857 -13.72 13.73 36.97
CA ILE A 857 -13.14 14.74 37.87
C ILE A 857 -11.63 14.62 37.82
N ALA A 858 -10.98 15.69 37.37
CA ALA A 858 -9.53 15.77 37.20
C ALA A 858 -8.74 15.62 38.50
N GLU A 859 -9.19 16.28 39.58
CA GLU A 859 -8.54 16.30 40.91
C GLU A 859 -8.74 15.02 41.74
N SER A 860 -9.80 14.24 41.48
CA SER A 860 -10.10 13.00 42.24
C SER A 860 -9.82 11.71 41.44
N GLY A 861 -9.77 11.82 40.11
CA GLY A 861 -9.51 10.70 39.20
C GLY A 861 -10.64 9.70 39.14
N LEU A 862 -11.88 10.20 39.27
CA LEU A 862 -13.10 9.41 39.25
C LEU A 862 -13.99 9.74 38.06
N TRP A 863 -14.67 8.72 37.53
CA TRP A 863 -15.62 8.85 36.44
C TRP A 863 -17.01 8.70 37.01
N PHE A 864 -17.97 9.47 36.51
CA PHE A 864 -19.34 9.43 36.95
C PHE A 864 -20.29 9.28 35.77
N TYR A 865 -21.02 8.16 35.77
CA TYR A 865 -21.96 7.77 34.72
C TYR A 865 -23.40 8.00 35.21
N THR A 866 -24.01 9.11 34.76
CA THR A 866 -25.36 9.54 35.16
C THR A 866 -26.44 9.00 34.22
N PHE A 867 -27.27 8.05 34.71
CA PHE A 867 -28.34 7.38 33.95
C PHE A 867 -29.71 7.92 34.26
N ASP A 868 -30.34 8.58 33.27
CA ASP A 868 -31.67 9.17 33.39
C ASP A 868 -32.72 8.15 32.95
N ASN A 869 -33.57 7.64 33.89
CA ASN A 869 -34.64 6.66 33.58
C ASN A 869 -35.58 7.12 32.47
N GLY A 870 -35.79 8.45 32.38
CA GLY A 870 -36.64 9.08 31.38
C GLY A 870 -36.22 8.85 29.94
N GLU A 871 -34.97 8.41 29.72
CA GLU A 871 -34.42 8.09 28.41
C GLU A 871 -34.99 6.77 27.86
N LYS A 872 -35.88 6.11 28.63
CA LYS A 872 -36.58 4.89 28.20
C LYS A 872 -37.75 5.32 27.28
N PRO A 873 -38.10 4.55 26.22
CA PRO A 873 -39.22 4.96 25.35
C PRO A 873 -40.61 4.91 26.02
N THR A 874 -41.66 5.36 25.31
CA THR A 874 -43.03 5.39 25.86
C THR A 874 -43.67 4.00 25.89
N TYR A 875 -43.58 3.25 24.78
CA TYR A 875 -44.16 1.92 24.64
C TYR A 875 -43.15 0.87 24.19
N ASP A 876 -43.39 -0.39 24.58
CA ASP A 876 -42.52 -1.51 24.22
C ASP A 876 -42.90 -2.08 22.84
N GLY A 877 -42.39 -3.27 22.50
CA GLY A 877 -42.67 -3.94 21.25
C GLY A 877 -44.11 -4.43 21.16
N LYS A 878 -44.73 -4.73 22.31
CA LYS A 878 -46.11 -5.21 22.42
C LYS A 878 -47.11 -4.05 22.70
N GLN A 879 -46.65 -2.78 22.52
CA GLN A 879 -47.37 -1.52 22.70
C GLN A 879 -48.07 -1.39 24.08
N GLN A 880 -47.25 -1.57 25.12
CA GLN A 880 -47.63 -1.45 26.53
C GLN A 880 -46.73 -0.39 27.15
N GLN A 881 -47.32 0.48 28.00
CA GLN A 881 -46.62 1.58 28.67
C GLN A 881 -45.39 1.11 29.45
N VAL A 882 -44.24 1.77 29.21
CA VAL A 882 -42.97 1.43 29.85
C VAL A 882 -42.96 1.84 31.33
N LYS A 883 -42.68 0.86 32.20
CA LYS A 883 -42.60 1.01 33.66
C LYS A 883 -41.17 1.48 34.05
N ASN A 884 -41.05 2.14 35.21
CA ASN A 884 -39.81 2.67 35.79
C ASN A 884 -39.12 3.68 34.85
N ARG A 885 -39.91 4.65 34.35
CA ARG A 885 -39.43 5.73 33.48
C ARG A 885 -39.00 6.95 34.31
N LYS A 886 -39.41 6.99 35.58
CA LYS A 886 -39.09 8.04 36.52
C LYS A 886 -37.92 7.56 37.39
N GLY A 887 -36.87 8.36 37.47
CA GLY A 887 -35.70 8.02 38.28
C GLY A 887 -34.33 8.31 37.70
N TYR A 888 -33.29 7.90 38.47
CA TYR A 888 -31.87 8.04 38.14
C TYR A 888 -31.00 6.99 38.87
N ALA A 889 -29.78 6.77 38.36
CA ALA A 889 -28.77 5.83 38.90
C ALA A 889 -27.37 6.29 38.49
N VAL A 890 -26.44 6.34 39.45
CA VAL A 890 -25.06 6.79 39.19
C VAL A 890 -24.05 5.67 39.47
N ILE A 891 -23.10 5.54 38.54
CA ILE A 891 -21.99 4.59 38.55
C ILE A 891 -20.67 5.35 38.69
N THR A 892 -19.88 5.00 39.72
CA THR A 892 -18.56 5.60 39.94
C THR A 892 -17.52 4.65 39.37
N VAL A 893 -16.71 5.13 38.42
CA VAL A 893 -15.66 4.32 37.82
C VAL A 893 -14.32 4.88 38.27
N SER A 894 -13.55 4.05 38.99
CA SER A 894 -12.24 4.37 39.56
C SER A 894 -11.17 3.42 39.04
N ARG A 895 -9.90 3.86 39.06
CA ARG A 895 -8.75 3.08 38.61
C ARG A 895 -8.36 1.99 39.63
N THR A 896 -7.77 0.90 39.14
CA THR A 896 -7.27 -0.25 39.91
C THR A 896 -5.94 -0.73 39.35
N GLY A 897 -5.22 -1.54 40.14
CA GLY A 897 -3.94 -2.12 39.76
C GLY A 897 -2.77 -1.18 39.70
N ILE A 898 -1.61 -1.72 39.25
CA ILE A 898 -0.33 -1.00 39.09
C ILE A 898 -0.38 -0.16 37.82
N GLU A 899 0.05 1.11 37.93
CA GLU A 899 0.08 2.09 36.83
C GLU A 899 1.48 2.17 36.18
N PHE A 900 1.54 2.70 34.94
CA PHE A 900 2.79 2.90 34.18
C PHE A 900 3.55 4.05 34.82
N ASN A 901 4.79 3.77 35.26
CA ASN A 901 5.67 4.69 35.98
C ASN A 901 5.03 5.11 37.31
N GLU A 902 4.76 4.12 38.17
CA GLU A 902 4.17 4.29 39.49
C GLU A 902 5.29 4.63 40.49
N ASP A 903 6.49 4.10 40.23
CA ASP A 903 7.71 4.34 41.00
C ASP A 903 8.87 4.59 40.02
N ALA A 904 10.13 4.37 40.45
CA ALA A 904 11.30 4.58 39.60
C ALA A 904 11.52 3.41 38.63
N ASN A 905 11.81 2.20 39.18
CA ASN A 905 12.11 0.95 38.45
C ASN A 905 10.97 0.40 37.56
N THR A 906 9.73 0.95 37.66
CA THR A 906 8.60 0.51 36.83
C THR A 906 8.83 0.84 35.36
N THR A 907 9.30 -0.15 34.59
CA THR A 907 9.58 -0.02 33.16
C THR A 907 8.41 -0.59 32.34
N THR A 908 8.41 -1.93 32.11
CA THR A 908 7.35 -2.63 31.37
C THR A 908 6.32 -3.26 32.31
N LEU A 909 5.07 -3.38 31.86
CA LEU A 909 3.98 -3.96 32.66
C LEU A 909 3.43 -5.25 32.05
N SER A 910 3.28 -6.30 32.88
CA SER A 910 2.78 -7.63 32.48
C SER A 910 1.25 -7.67 32.54
N GLN A 911 0.66 -7.05 33.58
CA GLN A 911 -0.78 -6.95 33.83
C GLN A 911 -1.27 -5.56 33.41
N ALA A 912 -2.38 -5.52 32.67
CA ALA A 912 -2.96 -4.27 32.18
C ALA A 912 -3.63 -3.48 33.31
N PRO A 913 -3.31 -2.17 33.49
CA PRO A 913 -4.00 -1.38 34.55
C PRO A 913 -5.49 -1.27 34.22
N ALA A 914 -6.35 -1.75 35.15
CA ALA A 914 -7.79 -1.79 34.96
C ALA A 914 -8.55 -0.74 35.77
N ALA A 915 -9.89 -0.70 35.63
CA ALA A 915 -10.79 0.20 36.33
C ALA A 915 -11.75 -0.62 37.22
N LEU A 916 -12.84 0.00 37.74
CA LEU A 916 -13.85 -0.68 38.57
C LEU A 916 -15.15 0.12 38.61
N ALA A 917 -16.26 -0.55 38.24
CA ALA A 917 -17.60 0.04 38.21
C ALA A 917 -18.45 -0.37 39.41
N VAL A 918 -19.01 0.63 40.12
CA VAL A 918 -19.87 0.44 41.29
C VAL A 918 -21.00 1.47 41.30
N GLN A 919 -22.22 1.03 41.67
CA GLN A 919 -23.37 1.92 41.79
C GLN A 919 -23.29 2.51 43.21
N ASN A 920 -22.51 3.61 43.32
CA ASN A 920 -22.11 4.35 44.52
C ASN A 920 -23.20 4.59 45.57
N GLY A 921 -24.40 4.98 45.14
CA GLY A 921 -25.50 5.26 46.07
C GLY A 921 -26.46 6.35 45.61
N ILE A 922 -26.02 7.17 44.62
CA ILE A 922 -26.85 8.24 44.05
C ILE A 922 -27.81 7.58 43.05
N ALA A 923 -28.98 7.16 43.54
CA ALA A 923 -30.01 6.49 42.74
C ALA A 923 -31.40 6.66 43.33
N SER A 924 -32.40 6.82 42.45
CA SER A 924 -33.81 6.96 42.78
C SER A 924 -34.68 6.39 41.65
N SER A 925 -35.93 6.06 41.97
CA SER A 925 -36.89 5.51 41.01
C SER A 925 -38.21 6.28 41.12
N GLN A 926 -38.20 7.41 41.88
CA GLN A 926 -39.38 8.22 42.14
C GLN A 926 -39.30 9.67 41.64
N ASP A 927 -38.11 10.14 41.23
CA ASP A 927 -37.99 11.54 40.78
C ASP A 927 -37.27 11.70 39.45
N ASP A 928 -37.75 12.67 38.63
CA ASP A 928 -37.18 13.03 37.32
C ASP A 928 -35.92 13.87 37.54
N LEU A 929 -34.84 13.53 36.83
CA LEU A 929 -33.53 14.18 36.96
C LEU A 929 -33.35 15.41 36.07
N THR A 930 -32.90 16.53 36.67
CA THR A 930 -32.54 17.75 35.95
C THR A 930 -31.04 17.64 35.67
N GLY A 931 -30.30 17.10 36.66
CA GLY A 931 -28.85 16.89 36.59
C GLY A 931 -28.21 16.72 37.94
N ILE A 932 -26.88 16.55 37.97
CA ILE A 932 -26.10 16.37 39.19
C ILE A 932 -24.87 17.30 39.20
N LEU A 933 -24.67 18.05 40.31
CA LEU A 933 -23.55 18.97 40.45
C LEU A 933 -22.46 18.40 41.35
N PRO A 934 -21.20 18.27 40.86
CA PRO A 934 -20.13 17.76 41.73
C PRO A 934 -19.50 18.93 42.50
N LEU A 935 -20.09 19.25 43.67
CA LEU A 935 -19.69 20.36 44.54
C LEU A 935 -18.26 20.27 45.04
N SER A 936 -17.85 19.07 45.50
CA SER A 936 -16.51 18.78 46.00
C SER A 936 -16.23 17.29 45.91
N ASP A 937 -15.04 16.90 46.38
CA ASP A 937 -14.57 15.51 46.44
C ASP A 937 -15.41 14.74 47.48
N GLU A 938 -15.97 15.47 48.47
CA GLU A 938 -16.80 14.98 49.57
C GLU A 938 -18.31 15.07 49.30
N PHE A 939 -18.75 16.19 48.67
CA PHE A 939 -20.19 16.45 48.44
C PHE A 939 -20.60 16.63 46.99
N SER A 940 -21.80 16.13 46.68
CA SER A 940 -22.45 16.20 45.36
C SER A 940 -23.93 16.47 45.55
N ALA A 941 -24.53 17.22 44.62
CA ALA A 941 -25.95 17.61 44.65
C ALA A 941 -26.77 16.95 43.56
N VAL A 942 -28.08 16.75 43.82
CA VAL A 942 -29.02 16.15 42.87
C VAL A 942 -30.25 17.06 42.65
N ILE A 943 -30.30 17.72 41.48
CA ILE A 943 -31.40 18.61 41.09
C ILE A 943 -32.52 17.77 40.47
N THR A 944 -33.76 17.88 40.98
CA THR A 944 -34.88 17.09 40.44
C THR A 944 -35.94 18.01 39.77
N LYS A 945 -36.69 17.42 38.82
CA LYS A 945 -37.72 18.03 37.96
C LYS A 945 -39.13 17.66 38.48
N ASP A 946 -40.10 17.34 37.56
CA ASP A 946 -41.50 16.90 37.76
C ASP A 946 -42.53 18.07 37.77
N GLN A 947 -42.78 18.69 38.94
CA GLN A 947 -43.76 19.77 39.19
C GLN A 947 -43.39 21.13 38.55
N THR A 948 -44.20 22.20 38.87
CA THR A 948 -43.97 23.57 38.42
C THR A 948 -42.72 24.15 39.13
N TRP A 949 -41.96 25.02 38.41
CA TRP A 949 -40.71 25.71 38.79
C TRP A 949 -39.50 24.80 38.57
N THR A 950 -39.45 23.61 39.24
CA THR A 950 -38.36 22.62 39.22
C THR A 950 -37.11 23.15 39.96
N GLY A 951 -36.68 22.43 40.99
CA GLY A 951 -35.51 22.79 41.75
C GLY A 951 -35.32 22.08 43.07
N LYS A 952 -35.76 20.81 43.16
CA LYS A 952 -35.59 20.02 44.38
C LYS A 952 -34.14 19.52 44.46
N VAL A 953 -33.37 20.05 45.44
CA VAL A 953 -31.97 19.72 45.65
C VAL A 953 -31.80 18.73 46.81
N ASP A 954 -30.93 17.73 46.62
CA ASP A 954 -30.63 16.72 47.62
C ASP A 954 -29.11 16.59 47.74
N ILE A 955 -28.56 16.88 48.93
CA ILE A 955 -27.12 16.81 49.20
C ILE A 955 -26.73 15.40 49.65
N TYR A 956 -25.71 14.84 49.00
CA TYR A 956 -25.19 13.50 49.25
C TYR A 956 -23.73 13.58 49.71
N LYS A 957 -23.34 12.67 50.62
CA LYS A 957 -21.98 12.58 51.17
C LYS A 957 -21.39 11.20 50.85
N ASN A 958 -20.04 11.10 50.82
CA ASN A 958 -19.36 9.83 50.52
C ASN A 958 -18.12 9.56 51.41
N THR A 959 -17.49 8.40 51.20
CA THR A 959 -16.27 7.94 51.86
C THR A 959 -15.31 7.54 50.74
N ASN A 960 -15.08 6.22 50.49
CA ASN A 960 -14.24 5.74 49.39
C ASN A 960 -14.99 5.94 48.06
N GLY A 961 -16.32 5.86 48.14
CA GLY A 961 -17.22 6.01 47.02
C GLY A 961 -18.68 5.72 47.36
N LEU A 962 -18.96 5.28 48.60
CA LEU A 962 -20.30 4.94 49.09
C LEU A 962 -21.10 6.22 49.35
N PHE A 963 -22.22 6.40 48.63
CA PHE A 963 -23.07 7.58 48.74
C PHE A 963 -24.38 7.33 49.48
N GLU A 964 -24.83 8.33 50.24
CA GLU A 964 -26.09 8.37 50.99
C GLU A 964 -26.47 9.82 51.26
N LYS A 965 -27.78 10.15 51.19
CA LYS A 965 -28.26 11.52 51.36
C LYS A 965 -28.09 12.05 52.80
N ASP A 966 -27.67 13.32 52.90
CA ASP A 966 -27.49 14.03 54.17
C ASP A 966 -28.80 14.78 54.39
N ASP A 967 -29.68 14.15 55.19
CA ASP A 967 -31.02 14.62 55.52
C ASP A 967 -31.06 16.07 56.03
N GLN A 968 -30.05 16.47 56.82
CA GLN A 968 -29.93 17.81 57.38
C GLN A 968 -29.69 18.86 56.31
N LEU A 969 -28.65 18.65 55.46
CA LEU A 969 -28.27 19.57 54.39
C LEU A 969 -29.29 19.62 53.25
N SER A 970 -29.99 18.50 52.98
CA SER A 970 -31.03 18.42 51.95
C SER A 970 -32.21 19.31 52.37
N GLU A 971 -32.63 19.22 53.65
CA GLU A 971 -33.71 20.00 54.27
C GLU A 971 -33.30 21.48 54.42
N ASN A 972 -31.98 21.74 54.47
CA ASN A 972 -31.40 23.08 54.63
C ASN A 972 -31.52 23.92 53.36
N VAL A 973 -31.22 23.34 52.19
CA VAL A 973 -31.30 24.03 50.90
C VAL A 973 -32.78 24.21 50.48
N LYS A 974 -33.62 23.20 50.77
CA LYS A 974 -35.06 23.17 50.48
C LYS A 974 -35.85 23.95 51.54
N SER B 1 34.91 33.00 -23.48
CA SER B 1 35.64 34.12 -22.88
C SER B 1 36.99 33.66 -22.34
N LEU B 2 38.04 34.47 -22.58
CA LEU B 2 39.40 34.21 -22.12
C LEU B 2 39.49 33.84 -20.64
N ALA B 3 38.73 34.56 -19.78
CA ALA B 3 38.64 34.35 -18.33
C ALA B 3 38.18 32.94 -17.96
N ASN B 4 37.23 32.34 -18.73
CA ASN B 4 36.79 31.00 -18.40
C ASN B 4 37.82 29.93 -18.79
N THR B 5 37.88 28.86 -17.99
CA THR B 5 38.79 27.72 -18.16
C THR B 5 38.01 26.42 -18.35
N TYR B 6 38.54 25.52 -19.18
CA TYR B 6 37.95 24.21 -19.46
C TYR B 6 38.82 23.16 -18.80
N LEU B 7 38.19 22.28 -18.00
CA LEU B 7 38.89 21.25 -17.25
C LEU B 7 38.90 19.93 -18.01
N LEU B 8 40.11 19.38 -18.25
CA LEU B 8 40.28 18.11 -18.96
C LEU B 8 40.85 17.05 -18.04
N GLN B 9 40.36 15.82 -18.17
CA GLN B 9 40.73 14.70 -17.32
C GLN B 9 41.73 13.74 -17.96
N ASP B 10 42.74 13.35 -17.16
CA ASP B 10 43.76 12.37 -17.50
C ASP B 10 43.94 11.51 -16.25
N HIS B 11 43.27 10.34 -16.23
N HIS B 11 43.28 10.33 -16.23
CA HIS B 11 43.25 9.36 -15.14
CA HIS B 11 43.25 9.35 -15.14
C HIS B 11 42.67 9.99 -13.85
C HIS B 11 42.67 9.97 -13.84
N ASN B 12 43.53 10.51 -12.94
CA ASN B 12 43.11 11.15 -11.68
C ASN B 12 43.35 12.66 -11.74
N THR B 13 44.21 13.10 -12.68
CA THR B 13 44.60 14.49 -12.87
C THR B 13 43.59 15.27 -13.72
N LEU B 14 43.16 16.44 -13.20
CA LEU B 14 42.23 17.34 -13.87
C LEU B 14 42.97 18.64 -14.26
N THR B 15 43.45 18.69 -15.52
CA THR B 15 44.24 19.78 -16.08
C THR B 15 43.38 20.95 -16.62
N PRO B 16 43.54 22.17 -16.05
CA PRO B 16 42.73 23.31 -16.52
C PRO B 16 43.33 24.02 -17.72
N TYR B 17 42.61 24.00 -18.85
CA TYR B 17 43.00 24.62 -20.12
C TYR B 17 42.34 25.98 -20.38
N THR B 18 43.08 26.86 -21.05
CA THR B 18 42.66 28.21 -21.44
C THR B 18 42.05 28.17 -22.85
N PRO B 19 41.21 29.17 -23.26
CA PRO B 19 40.68 29.15 -24.63
C PRO B 19 41.76 29.40 -25.69
N PHE B 20 43.02 29.50 -25.23
CA PHE B 20 44.22 29.65 -26.05
C PHE B 20 44.82 28.27 -26.36
N THR B 21 44.14 27.20 -25.88
CA THR B 21 44.46 25.76 -26.00
C THR B 21 45.84 25.44 -25.36
N THR B 22 46.03 25.94 -24.13
CA THR B 22 47.25 25.74 -23.32
C THR B 22 46.84 25.53 -21.86
N PRO B 23 47.54 24.66 -21.09
CA PRO B 23 47.17 24.51 -19.68
C PRO B 23 47.61 25.69 -18.84
N LEU B 24 46.89 25.96 -17.74
CA LEU B 24 47.20 27.06 -16.83
C LEU B 24 48.19 26.64 -15.75
N ASN B 25 48.41 25.30 -15.64
CA ASN B 25 49.31 24.57 -14.73
C ASN B 25 49.23 23.06 -15.06
N GLY B 26 50.02 22.25 -14.35
CA GLY B 26 50.09 20.80 -14.53
C GLY B 26 48.76 20.06 -14.38
N GLY B 27 47.94 20.53 -13.46
CA GLY B 27 46.62 19.94 -13.19
C GLY B 27 46.44 19.54 -11.74
N LEU B 28 45.25 18.98 -11.41
CA LEU B 28 44.90 18.55 -10.06
C LEU B 28 44.66 17.03 -9.95
N ASP B 29 45.61 16.31 -9.30
CA ASP B 29 45.50 14.87 -9.06
C ASP B 29 44.62 14.76 -7.81
N VAL B 30 43.33 14.52 -8.02
CA VAL B 30 42.28 14.45 -7.00
C VAL B 30 42.65 13.48 -5.86
N VAL B 31 43.20 12.30 -6.20
CA VAL B 31 43.62 11.24 -5.26
C VAL B 31 44.60 11.77 -4.20
N ARG B 32 45.72 12.37 -4.64
N ARG B 32 45.71 12.38 -4.65
CA ARG B 32 46.73 12.94 -3.77
CA ARG B 32 46.75 12.96 -3.78
C ARG B 32 46.23 14.16 -3.00
C ARG B 32 46.24 14.18 -3.02
N ALA B 33 45.48 15.06 -3.69
CA ALA B 33 44.90 16.29 -3.11
C ALA B 33 43.90 16.00 -1.99
N ALA B 34 43.22 14.84 -2.06
CA ALA B 34 42.26 14.39 -1.05
C ALA B 34 42.97 13.54 0.03
N HIS B 35 44.30 13.36 -0.08
CA HIS B 35 45.17 12.58 0.83
C HIS B 35 44.73 11.10 0.87
N LEU B 36 44.47 10.51 -0.31
CA LEU B 36 44.00 9.14 -0.47
C LEU B 36 45.04 8.20 -1.08
N HIS B 37 44.92 6.90 -0.72
CA HIS B 37 45.75 5.76 -1.14
C HIS B 37 45.90 5.67 -2.69
N PRO B 38 47.10 5.24 -3.22
CA PRO B 38 47.29 5.18 -4.68
C PRO B 38 46.35 4.29 -5.48
N SER B 39 45.68 3.32 -4.82
CA SER B 39 44.73 2.41 -5.48
C SER B 39 43.47 3.13 -5.98
N TYR B 40 43.16 4.32 -5.41
CA TYR B 40 42.01 5.14 -5.78
C TYR B 40 42.07 5.64 -7.22
N GLU B 41 40.95 5.48 -7.95
CA GLU B 41 40.78 5.87 -9.35
C GLU B 41 39.63 6.86 -9.48
N LEU B 42 39.84 7.97 -10.22
CA LEU B 42 38.82 8.99 -10.46
C LEU B 42 37.98 8.49 -11.62
N VAL B 43 36.66 8.38 -11.39
CA VAL B 43 35.67 7.87 -12.33
C VAL B 43 34.75 8.99 -12.87
N ASP B 44 34.20 9.83 -11.98
CA ASP B 44 33.31 10.91 -12.37
C ASP B 44 33.57 12.16 -11.56
N TRP B 45 33.46 13.32 -12.21
CA TRP B 45 33.67 14.64 -11.61
C TRP B 45 32.67 15.63 -12.17
N LYS B 46 32.22 16.57 -11.34
CA LYS B 46 31.26 17.59 -11.75
C LYS B 46 31.68 18.95 -11.20
N ARG B 47 31.89 19.93 -12.10
CA ARG B 47 32.27 21.29 -11.73
C ARG B 47 31.01 22.00 -11.23
N VAL B 48 31.02 22.42 -9.95
CA VAL B 48 29.86 23.07 -9.33
C VAL B 48 30.06 24.58 -9.22
N GLY B 49 29.16 25.34 -9.82
CA GLY B 49 29.21 26.80 -9.82
C GLY B 49 30.53 27.30 -10.33
N ASP B 50 31.17 28.21 -9.58
CA ASP B 50 32.47 28.77 -9.93
C ASP B 50 33.55 28.48 -8.87
N THR B 51 33.15 28.38 -7.59
CA THR B 51 34.03 28.17 -6.45
C THR B 51 33.89 26.75 -5.83
N LYS B 52 33.44 25.75 -6.62
CA LYS B 52 33.26 24.39 -6.13
C LYS B 52 33.56 23.31 -7.20
N LEU B 53 34.15 22.20 -6.76
CA LEU B 53 34.47 21.05 -7.62
C LEU B 53 34.23 19.79 -6.84
N VAL B 54 33.28 18.98 -7.30
CA VAL B 54 32.89 17.71 -6.68
C VAL B 54 33.37 16.53 -7.53
N ALA B 55 33.92 15.49 -6.88
CA ALA B 55 34.47 14.33 -7.57
C ALA B 55 34.10 13.01 -6.91
N LEU B 56 34.25 11.92 -7.67
CA LEU B 56 33.98 10.57 -7.21
C LEU B 56 35.21 9.73 -7.38
N VAL B 57 35.63 9.06 -6.30
CA VAL B 57 36.78 8.18 -6.27
C VAL B 57 36.42 6.80 -5.71
N ARG B 58 37.05 5.74 -6.24
CA ARG B 58 36.82 4.37 -5.80
C ARG B 58 38.11 3.55 -5.80
N SER B 59 38.37 2.83 -4.71
CA SER B 59 39.55 1.99 -4.59
C SER B 59 39.19 0.56 -5.00
N ALA B 60 40.10 -0.12 -5.72
CA ALA B 60 39.92 -1.51 -6.17
C ALA B 60 40.18 -2.52 -5.04
N LEU B 61 40.79 -2.03 -3.94
CA LEU B 61 41.13 -2.82 -2.74
C LEU B 61 39.94 -2.95 -1.79
N VAL B 62 38.80 -2.28 -2.11
CA VAL B 62 37.58 -2.33 -1.30
C VAL B 62 37.04 -3.76 -1.26
N ARG B 63 36.72 -4.27 -0.06
CA ARG B 63 36.19 -5.61 0.12
C ARG B 63 34.98 -5.59 1.03
N VAL B 64 33.84 -6.07 0.50
CA VAL B 64 32.53 -6.10 1.16
C VAL B 64 32.14 -7.56 1.48
N LYS B 65 31.22 -7.76 2.45
CA LYS B 65 30.69 -9.06 2.83
C LYS B 65 29.23 -8.96 3.31
N PHE B 66 28.45 -10.03 3.08
CA PHE B 66 27.07 -10.13 3.52
C PHE B 66 26.98 -11.22 4.56
N GLN B 67 26.41 -10.90 5.73
CA GLN B 67 26.26 -11.89 6.79
C GLN B 67 24.90 -12.58 6.64
N ASP B 68 24.90 -13.92 6.52
CA ASP B 68 23.69 -14.73 6.36
C ASP B 68 23.38 -15.57 7.61
N THR B 69 22.22 -15.30 8.23
CA THR B 69 21.59 -15.90 9.43
C THR B 69 22.44 -15.77 10.72
N THR B 70 21.76 -15.90 11.87
CA THR B 70 22.34 -15.89 13.21
C THR B 70 21.71 -17.05 13.99
N SER B 71 22.54 -18.05 14.33
CA SER B 71 22.10 -19.24 15.08
C SER B 71 21.77 -18.89 16.55
N SER B 72 22.17 -17.68 16.99
CA SER B 72 21.92 -17.14 18.33
C SER B 72 20.48 -16.60 18.42
N ASP B 73 20.29 -15.35 18.92
CA ASP B 73 18.97 -14.74 19.05
C ASP B 73 19.00 -13.20 18.90
N GLN B 74 18.87 -12.45 20.02
CA GLN B 74 18.82 -10.99 20.07
C GLN B 74 20.16 -10.31 19.76
N SER B 75 21.19 -10.49 20.64
CA SER B 75 22.53 -9.89 20.55
C SER B 75 22.48 -8.34 20.53
N ASN B 76 22.81 -7.70 19.38
CA ASN B 76 22.77 -6.25 19.20
C ASN B 76 21.46 -5.82 18.49
N THR B 77 20.76 -6.78 17.83
CA THR B 77 19.50 -6.67 17.05
C THR B 77 19.67 -5.80 15.80
N ASN B 78 20.23 -4.58 15.92
CA ASN B 78 20.48 -3.64 14.81
C ASN B 78 21.85 -3.87 14.13
N GLN B 79 22.42 -5.10 14.28
CA GLN B 79 23.68 -5.52 13.66
C GLN B 79 23.46 -5.72 12.16
N ASN B 80 24.21 -4.98 11.34
CA ASN B 80 24.07 -5.04 9.89
C ASN B 80 24.80 -6.24 9.28
N ALA B 81 24.31 -6.72 8.13
CA ALA B 81 24.86 -7.84 7.38
C ALA B 81 25.84 -7.36 6.29
N LEU B 82 25.52 -6.22 5.64
CA LEU B 82 26.32 -5.58 4.59
C LEU B 82 27.38 -4.67 5.22
N SER B 83 28.59 -5.20 5.42
CA SER B 83 29.69 -4.46 6.06
C SER B 83 31.02 -4.67 5.34
N PHE B 84 31.93 -3.67 5.44
CA PHE B 84 33.26 -3.72 4.85
C PHE B 84 34.18 -4.68 5.61
N ASP B 85 34.80 -5.62 4.88
CA ASP B 85 35.74 -6.61 5.43
C ASP B 85 37.17 -6.13 5.21
N THR B 86 37.77 -5.53 6.25
CA THR B 86 39.13 -4.99 6.25
C THR B 86 40.18 -6.12 6.16
N GLN B 87 39.80 -7.34 6.59
CA GLN B 87 40.64 -8.55 6.58
C GLN B 87 41.11 -8.92 5.17
N GLU B 88 40.20 -8.80 4.18
CA GLU B 88 40.49 -9.10 2.77
C GLU B 88 41.09 -7.90 2.03
N SER B 89 40.82 -6.66 2.50
CA SER B 89 41.35 -5.43 1.90
C SER B 89 42.87 -5.33 2.10
N GLN B 90 43.36 -5.78 3.26
CA GLN B 90 44.78 -5.83 3.62
C GLN B 90 45.45 -7.00 2.88
N LYS B 91 44.67 -8.08 2.65
CA LYS B 91 45.08 -9.30 1.95
C LYS B 91 45.25 -9.02 0.45
N ALA B 92 44.35 -8.17 -0.11
CA ALA B 92 44.33 -7.76 -1.51
C ALA B 92 45.55 -6.90 -1.90
N LEU B 93 46.18 -6.22 -0.90
CA LEU B 93 47.34 -5.35 -1.08
C LEU B 93 48.58 -6.04 -1.69
N ASN B 94 48.49 -7.34 -2.02
CA ASN B 94 49.56 -8.11 -2.66
C ASN B 94 49.38 -8.06 -4.18
N GLY B 95 49.85 -6.97 -4.77
CA GLY B 95 49.80 -6.69 -6.20
C GLY B 95 51.18 -6.42 -6.79
N SER B 96 51.91 -5.45 -6.22
CA SER B 96 53.26 -5.06 -6.67
C SER B 96 54.18 -4.72 -5.50
N ASP B 110 39.28 0.84 5.13
CA ASP B 110 38.34 -0.03 4.40
C ASP B 110 38.36 0.16 2.86
N PHE B 111 39.05 1.22 2.38
CA PHE B 111 39.19 1.62 0.97
C PHE B 111 37.82 1.95 0.30
N ALA B 112 36.85 2.46 1.11
CA ALA B 112 35.51 2.86 0.66
C ALA B 112 35.55 4.05 -0.28
N SER B 113 34.52 4.19 -1.13
CA SER B 113 34.38 5.28 -2.07
C SER B 113 34.10 6.60 -1.34
N TYR B 114 34.53 7.72 -1.92
CA TYR B 114 34.36 9.05 -1.32
C TYR B 114 33.90 10.10 -2.30
N VAL B 115 33.07 11.04 -1.82
CA VAL B 115 32.60 12.20 -2.56
C VAL B 115 33.49 13.34 -2.04
N LEU B 116 34.27 13.94 -2.94
CA LEU B 116 35.24 14.97 -2.56
C LEU B 116 34.80 16.37 -2.90
N ILE B 117 34.97 17.31 -1.94
CA ILE B 117 34.61 18.73 -2.10
C ILE B 117 35.86 19.59 -2.13
N PHE B 118 35.99 20.43 -3.17
CA PHE B 118 37.11 21.33 -3.37
C PHE B 118 36.61 22.77 -3.48
N LYS B 119 37.49 23.73 -3.18
CA LYS B 119 37.17 25.16 -3.24
C LYS B 119 38.22 25.92 -4.05
N ALA B 120 37.75 26.81 -4.94
CA ALA B 120 38.61 27.58 -5.84
C ALA B 120 39.48 28.59 -5.10
N ALA B 121 40.78 28.57 -5.41
CA ALA B 121 41.81 29.46 -4.85
C ALA B 121 42.39 30.33 -5.98
N PRO B 122 43.20 31.41 -5.71
CA PRO B 122 43.77 32.21 -6.82
C PRO B 122 44.55 31.35 -7.81
N ARG B 123 44.46 31.69 -9.12
CA ARG B 123 45.01 30.95 -10.27
C ARG B 123 44.10 29.73 -10.52
N ALA B 124 44.51 28.75 -11.35
CA ALA B 124 43.67 27.58 -11.60
C ALA B 124 43.95 26.46 -10.57
N THR B 125 43.87 26.82 -9.29
CA THR B 125 44.13 25.91 -8.17
C THR B 125 42.90 25.57 -7.36
N TRP B 126 42.88 24.35 -6.80
CA TRP B 126 41.82 23.82 -5.94
C TRP B 126 42.39 23.40 -4.58
N VAL B 127 41.71 23.80 -3.50
CA VAL B 127 42.08 23.46 -2.12
C VAL B 127 41.04 22.46 -1.61
N PHE B 128 41.50 21.33 -1.03
CA PHE B 128 40.61 20.29 -0.52
C PHE B 128 39.82 20.76 0.71
N GLU B 129 38.49 20.67 0.61
CA GLU B 129 37.57 21.11 1.67
C GLU B 129 37.16 19.96 2.60
N ARG B 130 36.48 18.92 2.05
CA ARG B 130 36.01 17.76 2.80
C ARG B 130 35.72 16.52 1.92
N LYS B 131 35.58 15.36 2.58
CA LYS B 131 35.28 14.07 1.96
C LYS B 131 34.04 13.42 2.62
N ILE B 132 33.15 12.84 1.79
CA ILE B 132 31.91 12.19 2.27
C ILE B 132 31.97 10.69 1.95
N LYS B 133 31.90 9.85 3.00
CA LYS B 133 31.95 8.40 2.92
C LYS B 133 30.65 7.85 2.35
N LEU B 134 30.76 6.96 1.35
CA LEU B 134 29.62 6.33 0.69
C LEU B 134 29.41 4.92 1.28
N ALA B 135 28.72 4.87 2.42
CA ALA B 135 28.47 3.64 3.17
C ALA B 135 27.52 2.65 2.48
N LEU B 136 27.57 1.38 2.92
CA LEU B 136 26.72 0.30 2.43
C LEU B 136 25.24 0.56 2.80
N PRO B 137 24.26 0.13 1.96
CA PRO B 137 22.85 0.36 2.33
C PRO B 137 22.40 -0.47 3.53
N TYR B 138 21.61 0.14 4.43
CA TYR B 138 21.13 -0.53 5.63
C TYR B 138 20.12 -1.65 5.33
N VAL B 139 20.27 -2.78 6.06
CA VAL B 139 19.44 -3.98 6.05
C VAL B 139 19.70 -4.77 7.36
N LYS B 140 18.63 -5.01 8.14
CA LYS B 140 18.70 -5.70 9.44
C LYS B 140 18.92 -7.21 9.30
N GLN B 141 19.72 -7.81 10.22
CA GLN B 141 20.04 -9.24 10.30
C GLN B 141 18.93 -10.03 11.01
N GLU B 142 18.79 -11.34 10.66
CA GLU B 142 17.75 -12.20 11.21
C GLU B 142 18.25 -13.36 12.08
N SER B 143 17.33 -13.94 12.88
CA SER B 143 17.51 -15.07 13.80
C SER B 143 16.12 -15.67 14.18
N GLN B 144 15.07 -15.35 13.38
CA GLN B 144 13.66 -15.77 13.55
C GLN B 144 13.44 -17.26 13.27
N GLY B 145 13.47 -18.06 14.33
CA GLY B 145 13.27 -19.51 14.27
C GLY B 145 11.84 -19.92 13.94
N LYS B 154 5.49 -9.76 8.65
CA LYS B 154 6.22 -8.62 8.07
C LYS B 154 7.20 -9.10 7.00
N GLY B 155 7.30 -8.33 5.91
CA GLY B 155 8.20 -8.60 4.79
C GLY B 155 9.61 -8.13 5.11
N SER B 156 10.62 -8.97 4.80
CA SER B 156 12.02 -8.67 5.08
C SER B 156 12.92 -8.71 3.83
N LEU B 157 13.63 -7.60 3.55
CA LEU B 157 14.56 -7.46 2.41
C LEU B 157 15.80 -8.39 2.56
N TYR B 158 16.12 -8.77 3.82
CA TYR B 158 17.24 -9.63 4.21
C TYR B 158 17.18 -11.04 3.58
N LYS B 159 15.99 -11.72 3.63
CA LYS B 159 15.74 -13.06 3.08
C LYS B 159 16.02 -13.11 1.58
N THR B 160 15.62 -12.04 0.86
CA THR B 160 15.80 -11.88 -0.59
C THR B 160 17.28 -11.97 -0.95
N LEU B 161 18.13 -11.22 -0.21
CA LEU B 161 19.58 -11.17 -0.39
C LEU B 161 20.27 -12.50 -0.03
N GLN B 162 19.67 -13.27 0.91
CA GLN B 162 20.18 -14.58 1.34
C GLN B 162 20.05 -15.62 0.23
N ASP B 163 19.04 -15.48 -0.64
CA ASP B 163 18.77 -16.41 -1.74
C ASP B 163 18.72 -15.67 -3.09
N LEU B 164 19.53 -14.60 -3.23
CA LEU B 164 19.62 -13.81 -4.45
C LEU B 164 20.63 -14.41 -5.41
N LEU B 165 20.34 -14.34 -6.72
CA LEU B 165 21.19 -14.87 -7.78
C LEU B 165 21.43 -13.81 -8.84
N VAL B 166 22.70 -13.43 -9.06
CA VAL B 166 23.08 -12.41 -10.05
C VAL B 166 23.98 -13.05 -11.14
N GLU B 167 23.65 -12.79 -12.41
CA GLU B 167 24.38 -13.29 -13.59
C GLU B 167 25.69 -12.53 -13.75
N GLN B 168 26.70 -13.19 -14.36
CA GLN B 168 28.00 -12.58 -14.68
C GLN B 168 27.77 -11.44 -15.70
N PRO B 169 28.53 -10.31 -15.64
CA PRO B 169 28.24 -9.18 -16.55
C PRO B 169 28.41 -9.46 -18.05
N VAL B 170 27.73 -8.65 -18.89
CA VAL B 170 27.78 -8.79 -20.35
C VAL B 170 28.91 -7.93 -20.91
N THR B 171 29.85 -8.58 -21.59
CA THR B 171 31.03 -7.94 -22.18
C THR B 171 30.80 -7.58 -23.67
N PRO B 172 31.53 -6.58 -24.23
CA PRO B 172 31.36 -6.26 -25.66
C PRO B 172 31.79 -7.37 -26.63
N TYR B 173 32.22 -8.53 -26.09
CA TYR B 173 32.65 -9.71 -26.85
C TYR B 173 31.70 -10.89 -26.66
N THR B 174 30.65 -10.73 -25.82
CA THR B 174 29.63 -11.76 -25.57
C THR B 174 28.79 -11.94 -26.85
N PRO B 175 28.83 -13.13 -27.50
CA PRO B 175 28.01 -13.32 -28.71
C PRO B 175 26.56 -13.63 -28.35
N ASN B 176 25.66 -13.63 -29.36
CA ASN B 176 24.23 -13.89 -29.20
C ASN B 176 23.90 -15.24 -28.52
N ALA B 177 24.65 -16.31 -28.87
CA ALA B 177 24.47 -17.66 -28.32
C ALA B 177 24.83 -17.76 -26.82
N GLY B 178 25.68 -16.85 -26.34
CA GLY B 178 26.11 -16.76 -24.96
C GLY B 178 25.00 -16.41 -23.98
N LEU B 179 23.99 -15.68 -24.46
CA LEU B 179 22.82 -15.28 -23.66
C LEU B 179 21.73 -16.34 -23.76
N ALA B 180 21.67 -17.05 -24.91
CA ALA B 180 20.69 -18.08 -25.22
C ALA B 180 20.64 -19.24 -24.21
N ARG B 181 19.70 -19.14 -23.26
CA ARG B 181 19.46 -20.14 -22.21
C ARG B 181 18.28 -21.01 -22.64
N VAL B 182 18.45 -22.35 -22.54
CA VAL B 182 17.48 -23.38 -22.94
C VAL B 182 16.10 -23.15 -22.32
N ASN B 183 15.05 -23.10 -23.18
CA ASN B 183 13.66 -22.87 -22.80
C ASN B 183 13.17 -23.86 -21.74
N GLY B 184 12.41 -23.34 -20.77
CA GLY B 184 11.84 -24.13 -19.69
C GLY B 184 10.67 -25.00 -20.09
N VAL B 185 9.81 -25.31 -19.11
CA VAL B 185 8.62 -26.16 -19.27
C VAL B 185 7.36 -25.28 -19.42
N ALA B 186 6.45 -25.66 -20.35
CA ALA B 186 5.19 -24.98 -20.64
C ALA B 186 4.22 -25.01 -19.44
N GLN B 187 3.41 -23.93 -19.29
CA GLN B 187 2.45 -23.76 -18.19
C GLN B 187 1.31 -24.82 -18.14
N ASP B 188 1.14 -25.62 -19.21
CA ASP B 188 0.14 -26.70 -19.24
C ASP B 188 0.62 -27.90 -18.43
N THR B 189 1.96 -28.12 -18.39
CA THR B 189 2.60 -29.21 -17.65
C THR B 189 2.87 -28.78 -16.20
N VAL B 190 2.90 -27.46 -15.96
CA VAL B 190 3.12 -26.89 -14.63
C VAL B 190 1.87 -27.07 -13.75
N HIS B 191 0.72 -26.55 -14.22
CA HIS B 191 -0.56 -26.62 -13.50
C HIS B 191 -1.22 -27.99 -13.56
N PHE B 192 -1.13 -28.70 -14.71
CA PHE B 192 -1.73 -30.03 -14.86
C PHE B 192 -0.72 -31.16 -14.59
N GLY B 193 0.29 -31.29 -15.46
CA GLY B 193 1.31 -32.31 -15.32
C GLY B 193 1.52 -33.16 -16.56
N SER B 194 2.61 -33.96 -16.55
CA SER B 194 2.98 -34.86 -17.64
C SER B 194 2.00 -36.03 -17.74
N GLY B 195 1.28 -36.08 -18.86
CA GLY B 195 0.29 -37.11 -19.14
C GLY B 195 -1.14 -36.63 -19.26
N GLN B 196 -1.48 -35.54 -18.54
CA GLN B 196 -2.82 -34.97 -18.54
C GLN B 196 -2.85 -33.49 -18.97
N GLU B 197 -2.04 -33.13 -19.99
CA GLU B 197 -1.97 -31.78 -20.56
C GLU B 197 -3.08 -31.55 -21.58
N SER B 198 -3.62 -32.65 -22.16
CA SER B 198 -4.70 -32.66 -23.15
C SER B 198 -6.04 -32.12 -22.61
N SER B 199 -6.14 -31.98 -21.27
CA SER B 199 -7.31 -31.44 -20.58
C SER B 199 -7.09 -29.97 -20.18
N TRP B 200 -6.36 -29.22 -21.04
CA TRP B 200 -6.03 -27.80 -20.86
C TRP B 200 -7.31 -26.96 -20.94
N ASN B 201 -7.94 -26.93 -22.13
CA ASN B 201 -9.16 -26.19 -22.45
C ASN B 201 -10.38 -26.58 -21.61
N SER B 202 -10.52 -27.89 -21.33
CA SER B 202 -11.64 -28.44 -20.55
C SER B 202 -11.56 -28.17 -19.04
N GLN B 203 -10.39 -27.72 -18.53
CA GLN B 203 -10.21 -27.46 -17.10
C GLN B 203 -9.44 -26.17 -16.76
N ARG B 204 -9.15 -25.31 -17.75
CA ARG B 204 -8.43 -24.05 -17.54
C ARG B 204 -9.24 -23.00 -16.78
N SER B 205 -10.57 -23.03 -16.89
CA SER B 205 -11.50 -22.10 -16.24
C SER B 205 -11.36 -22.07 -14.71
N GLN B 206 -11.49 -23.25 -14.07
CA GLN B 206 -11.39 -23.43 -12.61
C GLN B 206 -9.96 -23.28 -12.06
N LYS B 207 -8.93 -23.46 -12.93
CA LYS B 207 -7.50 -23.35 -12.55
C LYS B 207 -6.97 -21.90 -12.60
N GLY B 208 -7.76 -20.98 -13.14
CA GLY B 208 -7.41 -19.57 -13.24
C GLY B 208 -6.81 -19.15 -14.57
N LEU B 209 -7.02 -19.95 -15.62
CA LEU B 209 -6.53 -19.71 -16.98
C LEU B 209 -7.68 -19.71 -18.01
N LYS B 210 -8.82 -19.09 -17.63
CA LYS B 210 -10.04 -18.95 -18.44
C LYS B 210 -9.73 -18.26 -19.76
N ASN B 211 -10.06 -18.92 -20.89
CA ASN B 211 -9.85 -18.46 -22.28
C ASN B 211 -8.37 -18.23 -22.64
N ASN B 212 -7.41 -18.78 -21.85
CA ASN B 212 -5.98 -18.64 -22.13
C ASN B 212 -5.63 -19.51 -23.34
N PRO B 213 -5.18 -18.91 -24.47
CA PRO B 213 -4.87 -19.71 -25.66
C PRO B 213 -3.43 -20.23 -25.71
N GLY B 214 -2.71 -20.13 -24.58
CA GLY B 214 -1.31 -20.54 -24.49
C GLY B 214 -1.01 -21.72 -23.59
N PRO B 215 -1.23 -22.99 -24.04
CA PRO B 215 -0.85 -24.14 -23.20
C PRO B 215 0.65 -24.41 -23.28
N LYS B 216 1.22 -24.43 -24.51
CA LYS B 216 2.63 -24.68 -24.78
C LYS B 216 3.51 -23.40 -24.66
N ALA B 217 2.96 -22.34 -24.01
CA ALA B 217 3.68 -21.08 -23.77
C ALA B 217 4.75 -21.32 -22.69
N VAL B 218 6.02 -21.11 -23.08
CA VAL B 218 7.19 -21.33 -22.22
C VAL B 218 7.19 -20.37 -21.02
N THR B 219 7.35 -20.93 -19.80
CA THR B 219 7.33 -20.20 -18.53
C THR B 219 8.64 -19.45 -18.23
N GLY B 220 9.74 -19.87 -18.84
CA GLY B 220 11.04 -19.24 -18.65
C GLY B 220 12.19 -19.94 -19.33
N PHE B 221 13.28 -20.13 -18.59
CA PHE B 221 14.51 -20.78 -19.06
C PHE B 221 15.17 -21.58 -17.96
N LYS B 222 15.82 -22.70 -18.34
CA LYS B 222 16.52 -23.59 -17.41
C LYS B 222 17.82 -22.97 -16.90
N LEU B 223 18.11 -23.17 -15.60
CA LEU B 223 19.28 -22.62 -14.90
C LEU B 223 20.43 -23.64 -14.68
N ASP B 224 20.22 -24.93 -15.04
CA ASP B 224 21.24 -25.98 -14.89
C ASP B 224 22.45 -25.81 -15.83
N LYS B 225 22.29 -25.06 -16.94
CA LYS B 225 23.35 -24.79 -17.93
C LYS B 225 23.33 -23.33 -18.39
N GLY B 226 24.50 -22.80 -18.71
CA GLY B 226 24.67 -21.44 -19.21
C GLY B 226 25.61 -20.57 -18.41
N ARG B 227 25.52 -19.25 -18.62
CA ARG B 227 26.34 -18.24 -17.93
C ARG B 227 26.09 -18.30 -16.43
N ALA B 228 27.19 -18.33 -15.66
CA ALA B 228 27.19 -18.44 -14.20
C ALA B 228 26.34 -17.41 -13.45
N TYR B 229 25.54 -17.90 -12.50
CA TYR B 229 24.68 -17.11 -11.60
C TYR B 229 25.22 -17.36 -10.20
N ARG B 230 25.79 -16.32 -9.59
CA ARG B 230 26.40 -16.42 -8.27
C ARG B 230 25.69 -15.59 -7.22
N LYS B 231 25.66 -16.10 -5.99
CA LYS B 231 25.07 -15.43 -4.83
C LYS B 231 25.94 -14.23 -4.40
N LEU B 232 25.44 -13.41 -3.45
CA LEU B 232 26.10 -12.22 -2.90
C LEU B 232 27.55 -12.47 -2.45
N ASN B 233 27.79 -13.58 -1.72
CA ASN B 233 29.11 -13.92 -1.19
C ASN B 233 29.91 -14.88 -2.10
N GLU B 234 29.29 -15.36 -3.19
CA GLU B 234 29.94 -16.19 -4.19
C GLU B 234 30.60 -15.24 -5.20
N SER B 235 31.52 -15.73 -6.05
CA SER B 235 32.21 -14.86 -7.00
C SER B 235 32.02 -15.22 -8.46
N TRP B 236 31.93 -14.19 -9.33
CA TRP B 236 31.78 -14.34 -10.77
C TRP B 236 33.05 -14.89 -11.43
N PRO B 237 32.98 -15.92 -12.30
CA PRO B 237 34.20 -16.40 -12.97
C PRO B 237 34.53 -15.60 -14.24
N VAL B 238 35.84 -15.39 -14.50
CA VAL B 238 36.36 -14.66 -15.67
C VAL B 238 35.98 -15.31 -17.01
N TYR B 239 35.75 -16.63 -17.02
CA TYR B 239 35.42 -17.40 -18.21
C TYR B 239 33.92 -17.48 -18.45
N GLU B 240 33.48 -17.19 -19.69
CA GLU B 240 32.08 -17.21 -20.09
C GLU B 240 31.80 -18.12 -21.30
N PRO B 241 30.66 -18.84 -21.37
CA PRO B 241 30.42 -19.74 -22.52
C PRO B 241 30.06 -19.01 -23.81
N LEU B 242 30.53 -19.54 -24.95
CA LEU B 242 30.24 -19.02 -26.29
C LEU B 242 28.77 -19.31 -26.63
N ASP B 243 28.33 -20.54 -26.33
CA ASP B 243 26.96 -21.04 -26.52
C ASP B 243 26.48 -21.63 -25.19
N SER B 244 25.57 -20.90 -24.52
CA SER B 244 25.01 -21.27 -23.21
C SER B 244 24.12 -22.53 -23.24
N THR B 245 23.73 -22.99 -24.43
CA THR B 245 22.91 -24.19 -24.63
C THR B 245 23.77 -25.45 -24.42
N LYS B 246 24.98 -25.47 -25.03
CA LYS B 246 25.91 -26.58 -24.95
C LYS B 246 26.78 -26.53 -23.69
N GLU B 247 27.55 -25.43 -23.49
CA GLU B 247 28.47 -25.25 -22.37
C GLU B 247 27.92 -24.31 -21.29
N GLY B 248 28.66 -24.20 -20.17
CA GLY B 248 28.29 -23.37 -19.02
C GLY B 248 27.55 -24.17 -17.97
N LYS B 249 27.60 -23.71 -16.70
CA LYS B 249 26.93 -24.40 -15.59
C LYS B 249 25.84 -23.58 -14.90
N GLY B 250 25.83 -22.26 -15.13
CA GLY B 250 24.85 -21.35 -14.57
C GLY B 250 24.94 -21.21 -13.06
N LYS B 251 23.80 -21.39 -12.38
CA LYS B 251 23.67 -21.27 -10.92
C LYS B 251 24.51 -22.29 -10.12
N ASP B 252 24.78 -23.47 -10.72
CA ASP B 252 25.53 -24.55 -10.09
C ASP B 252 26.99 -24.17 -9.81
N GLU B 253 27.21 -23.57 -8.63
CA GLU B 253 28.51 -23.12 -8.14
C GLU B 253 29.41 -24.31 -7.79
N SER B 254 28.84 -25.36 -7.16
CA SER B 254 29.55 -26.58 -6.75
C SER B 254 30.10 -27.36 -7.95
N SER B 255 29.32 -27.46 -9.05
CA SER B 255 29.73 -28.15 -10.28
C SER B 255 30.85 -27.42 -11.00
N TRP B 256 30.91 -26.08 -10.84
CA TRP B 256 31.95 -25.24 -11.43
C TRP B 256 33.26 -25.47 -10.69
N LYS B 257 33.32 -25.08 -9.40
CA LYS B 257 34.47 -25.21 -8.48
C LYS B 257 35.16 -26.59 -8.50
N ASN B 258 34.36 -27.67 -8.62
CA ASN B 258 34.84 -29.06 -8.63
C ASN B 258 35.53 -29.52 -9.92
N SER B 259 34.89 -29.34 -11.11
CA SER B 259 35.47 -29.83 -12.37
C SER B 259 35.40 -28.87 -13.55
N GLU B 260 34.35 -28.03 -13.65
CA GLU B 260 34.16 -27.10 -14.77
C GLU B 260 35.08 -25.87 -14.72
N LYS B 261 35.63 -25.54 -13.53
CA LYS B 261 36.56 -24.42 -13.29
C LYS B 261 37.89 -24.71 -14.01
N THR B 262 38.39 -25.96 -13.92
CA THR B 262 39.61 -26.43 -14.57
C THR B 262 39.41 -26.58 -16.08
N THR B 263 38.18 -26.98 -16.50
CA THR B 263 37.78 -27.15 -17.90
C THR B 263 37.89 -25.81 -18.66
N ALA B 264 37.41 -24.73 -18.03
CA ALA B 264 37.43 -23.37 -18.56
C ALA B 264 38.84 -22.75 -18.57
N GLU B 265 39.68 -23.13 -17.58
CA GLU B 265 41.04 -22.62 -17.41
C GLU B 265 41.98 -23.09 -18.53
N ASN B 266 42.02 -24.41 -18.80
CA ASN B 266 42.86 -25.05 -19.81
C ASN B 266 42.50 -24.59 -21.24
N ASP B 267 41.19 -24.48 -21.54
CA ASP B 267 40.67 -24.10 -22.85
C ASP B 267 40.76 -22.60 -23.15
N ALA B 268 40.49 -21.75 -22.14
CA ALA B 268 40.53 -20.28 -22.31
C ALA B 268 41.58 -19.59 -21.41
N PRO B 269 42.91 -19.68 -21.71
CA PRO B 269 43.90 -19.04 -20.84
C PRO B 269 44.24 -17.58 -21.19
N LEU B 270 44.64 -16.81 -20.17
CA LEU B 270 45.03 -15.40 -20.28
C LEU B 270 46.42 -15.29 -20.94
N VAL B 271 46.69 -14.15 -21.62
CA VAL B 271 47.98 -13.89 -22.29
C VAL B 271 49.11 -13.71 -21.26
N GLY B 272 50.09 -14.63 -21.32
CA GLY B 272 51.23 -14.64 -20.42
C GLY B 272 51.02 -15.51 -19.19
N ALA B 351 44.33 -24.12 -25.66
CA ALA B 351 44.04 -22.70 -25.87
C ALA B 351 43.25 -22.47 -27.19
N THR B 352 42.32 -23.40 -27.50
CA THR B 352 41.50 -23.39 -28.72
C THR B 352 40.38 -22.35 -28.69
N PHE B 353 39.85 -22.01 -27.48
CA PHE B 353 38.76 -21.06 -27.24
C PHE B 353 37.44 -21.49 -27.94
N SER B 354 37.08 -22.77 -27.80
CA SER B 354 35.89 -23.40 -28.39
C SER B 354 34.73 -23.60 -27.41
N LYS B 355 35.03 -23.75 -26.10
CA LYS B 355 34.02 -23.96 -25.05
C LYS B 355 33.75 -22.69 -24.23
N TYR B 356 34.81 -21.94 -23.85
CA TYR B 356 34.70 -20.71 -23.05
C TYR B 356 35.54 -19.55 -23.58
N LEU B 357 35.26 -18.32 -23.12
CA LEU B 357 35.98 -17.11 -23.49
C LEU B 357 36.56 -16.42 -22.27
N ASN B 358 37.81 -15.93 -22.39
CA ASN B 358 38.49 -15.20 -21.33
C ASN B 358 38.30 -13.70 -21.55
N THR B 359 37.45 -13.08 -20.70
CA THR B 359 37.12 -11.65 -20.82
C THR B 359 37.58 -10.83 -19.59
N ALA B 360 38.78 -11.14 -19.05
CA ALA B 360 39.34 -10.43 -17.91
C ALA B 360 39.57 -8.95 -18.20
N GLN B 361 40.14 -8.63 -19.40
CA GLN B 361 40.40 -7.27 -19.89
C GLN B 361 39.08 -6.52 -20.07
N ALA B 362 38.06 -7.21 -20.61
CA ALA B 362 36.73 -6.67 -20.86
C ALA B 362 35.98 -6.36 -19.55
N LEU B 363 36.20 -7.17 -18.50
CA LEU B 363 35.59 -6.99 -17.17
C LEU B 363 36.15 -5.75 -16.47
N HIS B 364 37.48 -5.59 -16.50
CA HIS B 364 38.20 -4.46 -15.89
C HIS B 364 37.75 -3.13 -16.48
N GLN B 365 37.48 -3.10 -17.79
CA GLN B 365 37.03 -1.91 -18.53
C GLN B 365 35.49 -1.78 -18.48
N MET B 366 34.91 -1.97 -17.28
CA MET B 366 33.47 -1.90 -16.99
C MET B 366 33.19 -1.49 -15.54
N GLY B 367 34.17 -1.75 -14.67
CA GLY B 367 34.09 -1.45 -13.24
C GLY B 367 34.25 -2.66 -12.36
N VAL B 368 34.52 -3.82 -12.98
CA VAL B 368 34.70 -5.10 -12.28
C VAL B 368 36.17 -5.21 -11.87
N ILE B 369 36.42 -5.51 -10.58
CA ILE B 369 37.78 -5.68 -10.04
C ILE B 369 38.35 -7.02 -10.52
N VAL B 370 39.46 -6.97 -11.26
CA VAL B 370 40.13 -8.16 -11.77
C VAL B 370 41.57 -8.15 -11.22
N PRO B 371 41.88 -8.97 -10.18
CA PRO B 371 43.24 -8.96 -9.59
C PRO B 371 44.33 -9.37 -10.58
N GLY B 372 45.50 -8.77 -10.43
CA GLY B 372 46.65 -9.01 -11.29
C GLY B 372 46.64 -8.19 -12.56
N LEU B 373 45.48 -7.58 -12.87
CA LEU B 373 45.27 -6.75 -14.06
C LEU B 373 44.83 -5.33 -13.65
N GLU B 374 45.74 -4.62 -12.95
CA GLU B 374 45.55 -3.25 -12.46
C GLU B 374 46.74 -2.34 -12.80
N LYS B 375 46.48 -1.01 -12.84
CA LYS B 375 47.42 0.08 -13.14
C LYS B 375 48.67 0.12 -12.23
N TRP B 376 48.48 0.31 -10.91
CA TRP B 376 49.56 0.40 -9.90
C TRP B 376 50.28 -0.93 -9.67
N THR B 440 44.88 -20.16 -10.52
CA THR B 440 45.19 -18.72 -10.51
C THR B 440 44.50 -18.03 -9.33
N ASP B 441 43.98 -16.80 -9.55
CA ASP B 441 43.30 -15.98 -8.54
C ASP B 441 41.85 -15.69 -8.96
N ALA B 442 40.87 -15.97 -8.07
CA ALA B 442 39.44 -15.70 -8.32
C ALA B 442 39.13 -14.23 -8.03
N LEU B 443 38.06 -13.72 -8.67
CA LEU B 443 37.60 -12.33 -8.53
C LEU B 443 36.93 -12.08 -7.15
N PRO B 444 36.79 -10.82 -6.67
CA PRO B 444 36.13 -10.61 -5.35
C PRO B 444 34.61 -10.88 -5.38
N ASN B 445 33.97 -10.90 -4.19
CA ASN B 445 32.53 -11.16 -3.97
C ASN B 445 31.62 -10.37 -4.91
N VAL B 446 30.46 -10.95 -5.27
CA VAL B 446 29.46 -10.32 -6.13
C VAL B 446 28.97 -9.01 -5.50
N ILE B 447 28.74 -9.02 -4.15
CA ILE B 447 28.32 -7.85 -3.36
C ILE B 447 29.38 -6.73 -3.41
N THR B 448 30.68 -7.12 -3.47
CA THR B 448 31.83 -6.22 -3.55
C THR B 448 31.89 -5.55 -4.93
N GLN B 449 31.65 -6.35 -6.00
CA GLN B 449 31.62 -5.91 -7.40
C GLN B 449 30.47 -4.94 -7.60
N LEU B 450 29.33 -5.22 -6.94
CA LEU B 450 28.13 -4.38 -6.99
C LEU B 450 28.41 -3.01 -6.39
N TYR B 451 29.19 -2.95 -5.28
CA TYR B 451 29.58 -1.70 -4.63
C TYR B 451 30.54 -0.90 -5.52
N HIS B 452 31.54 -1.57 -6.12
CA HIS B 452 32.54 -0.97 -7.01
C HIS B 452 31.91 -0.43 -8.30
N THR B 453 30.80 -1.04 -8.76
CA THR B 453 30.07 -0.62 -9.96
C THR B 453 28.95 0.36 -9.63
N SER B 454 28.42 0.34 -8.39
CA SER B 454 27.36 1.27 -7.95
C SER B 454 27.88 2.69 -7.70
N THR B 455 29.20 2.89 -7.86
CA THR B 455 29.90 4.16 -7.68
C THR B 455 30.61 4.55 -8.99
N ALA B 456 29.82 4.96 -10.00
CA ALA B 456 30.33 5.35 -11.32
C ALA B 456 29.87 6.72 -11.81
N GLN B 457 28.74 7.25 -11.30
CA GLN B 457 28.19 8.55 -11.69
C GLN B 457 27.64 9.35 -10.51
N LEU B 458 27.58 10.69 -10.63
CA LEU B 458 27.15 11.59 -9.56
C LEU B 458 26.46 12.89 -10.03
N ALA B 459 25.81 13.65 -9.08
CA ALA B 459 25.15 14.95 -9.29
C ALA B 459 24.97 15.73 -8.00
N TYR B 460 25.20 17.05 -8.05
CA TYR B 460 25.08 17.93 -6.89
C TYR B 460 23.88 18.87 -7.02
N LEU B 461 23.02 18.91 -5.98
CA LEU B 461 21.83 19.78 -5.94
C LEU B 461 21.60 20.44 -4.57
N ASN B 462 21.80 21.78 -4.51
CA ASN B 462 21.61 22.69 -3.36
C ASN B 462 22.14 22.18 -1.99
N GLY B 463 23.12 21.28 -2.02
CA GLY B 463 23.72 20.69 -0.83
C GLY B 463 23.56 19.19 -0.73
N GLN B 464 23.01 18.56 -1.78
CA GLN B 464 22.80 17.13 -1.82
C GLN B 464 23.62 16.50 -2.93
N ILE B 465 24.26 15.36 -2.66
CA ILE B 465 25.07 14.66 -3.65
C ILE B 465 24.49 13.28 -3.92
N VAL B 466 24.14 13.04 -5.20
CA VAL B 466 23.59 11.79 -5.70
C VAL B 466 24.72 10.95 -6.32
N VAL B 467 24.75 9.63 -6.07
CA VAL B 467 25.72 8.70 -6.66
C VAL B 467 24.96 7.49 -7.21
N MET B 468 25.18 7.16 -8.50
CA MET B 468 24.49 6.03 -9.13
C MET B 468 25.44 5.02 -9.79
N GLY B 469 24.87 3.93 -10.29
CA GLY B 469 25.60 2.81 -10.88
C GLY B 469 26.09 2.98 -12.30
N SER B 470 26.85 1.97 -12.77
CA SER B 470 27.43 1.91 -14.11
C SER B 470 26.38 1.50 -15.13
N ASP B 471 26.55 1.94 -16.39
CA ASP B 471 25.62 1.66 -17.49
C ASP B 471 25.75 0.26 -18.08
N ARG B 472 26.81 -0.50 -17.70
CA ARG B 472 27.05 -1.86 -18.19
C ARG B 472 26.79 -2.93 -17.12
N VAL B 473 26.90 -2.57 -15.83
CA VAL B 473 26.68 -3.47 -14.70
C VAL B 473 25.46 -3.00 -13.88
N PRO B 474 24.46 -3.88 -13.59
CA PRO B 474 23.28 -3.43 -12.83
C PRO B 474 23.56 -2.99 -11.40
N SER B 475 22.95 -1.86 -10.99
CA SER B 475 23.11 -1.30 -9.65
C SER B 475 21.89 -1.59 -8.78
N LEU B 476 22.11 -2.22 -7.61
CA LEU B 476 21.05 -2.58 -6.68
C LEU B 476 20.71 -1.49 -5.66
N TRP B 477 21.43 -0.36 -5.71
CA TRP B 477 21.22 0.80 -4.83
C TRP B 477 21.77 2.10 -5.44
N TYR B 478 21.62 3.21 -4.72
CA TYR B 478 22.07 4.56 -5.09
C TYR B 478 22.24 5.40 -3.82
N TRP B 479 23.10 6.42 -3.87
CA TRP B 479 23.33 7.30 -2.71
C TRP B 479 22.70 8.67 -2.87
N VAL B 480 22.24 9.25 -1.76
CA VAL B 480 21.71 10.61 -1.65
C VAL B 480 22.27 11.09 -0.30
N VAL B 481 23.39 11.85 -0.34
CA VAL B 481 24.11 12.30 0.85
C VAL B 481 24.15 13.83 1.00
N GLY B 482 24.02 14.29 2.24
CA GLY B 482 24.09 15.71 2.59
C GLY B 482 25.54 16.18 2.56
N GLU B 483 25.79 17.36 1.97
CA GLU B 483 27.13 17.92 1.83
C GLU B 483 27.84 18.02 3.18
N ASP B 484 27.12 18.49 4.22
CA ASP B 484 27.63 18.63 5.59
C ASP B 484 27.94 17.27 6.25
N GLN B 485 27.22 16.20 5.84
CA GLN B 485 27.42 14.84 6.37
C GLN B 485 28.78 14.26 6.01
N GLU B 486 29.36 13.49 6.96
CA GLU B 486 30.65 12.81 6.78
C GLU B 486 30.40 11.42 6.21
N SER B 487 29.32 10.77 6.66
CA SER B 487 28.89 9.46 6.21
C SER B 487 27.63 9.62 5.35
N GLY B 488 26.91 8.52 5.15
CA GLY B 488 25.69 8.50 4.37
C GLY B 488 25.47 7.18 3.66
N LYS B 489 24.63 6.32 4.27
CA LYS B 489 24.30 4.99 3.75
C LYS B 489 23.52 5.11 2.43
N ALA B 490 23.56 4.05 1.62
CA ALA B 490 22.87 4.00 0.33
C ALA B 490 21.38 3.61 0.47
N THR B 491 20.57 4.02 -0.52
CA THR B 491 19.14 3.74 -0.61
C THR B 491 19.00 2.67 -1.68
N TRP B 492 18.20 1.62 -1.40
CA TRP B 492 17.95 0.51 -2.32
C TRP B 492 16.93 0.92 -3.41
N TRP B 493 17.02 0.32 -4.60
CA TRP B 493 16.04 0.56 -5.66
C TRP B 493 14.82 -0.34 -5.37
N ALA B 494 15.04 -1.43 -4.60
CA ALA B 494 14.05 -2.40 -4.14
C ALA B 494 13.03 -1.72 -3.21
N LYS B 495 13.45 -0.65 -2.52
CA LYS B 495 12.63 0.15 -1.59
C LYS B 495 12.27 1.52 -2.20
N THR B 496 12.55 1.71 -3.50
CA THR B 496 12.29 2.96 -4.22
C THR B 496 11.20 2.73 -5.27
N GLU B 497 9.96 3.08 -4.91
CA GLU B 497 8.79 2.92 -5.79
C GLU B 497 8.82 4.00 -6.87
N LEU B 498 8.88 3.56 -8.15
CA LEU B 498 8.88 4.43 -9.32
C LEU B 498 7.56 4.29 -10.05
N ASN B 499 7.12 5.37 -10.73
CA ASN B 499 5.92 5.35 -11.56
C ASN B 499 6.35 4.75 -12.91
N TRP B 500 5.62 3.72 -13.38
CA TRP B 500 5.95 3.07 -14.64
C TRP B 500 5.12 3.58 -15.80
N GLY B 501 4.34 4.64 -15.55
CA GLY B 501 3.46 5.26 -16.53
C GLY B 501 2.01 5.13 -16.12
N THR B 502 1.59 3.90 -15.81
CA THR B 502 0.24 3.55 -15.34
C THR B 502 0.35 2.53 -14.21
N ASP B 503 -0.79 2.21 -13.58
CA ASP B 503 -0.86 1.21 -12.51
C ASP B 503 -0.64 -0.20 -13.05
N LYS B 504 -1.03 -0.44 -14.33
CA LYS B 504 -0.87 -1.71 -15.02
C LYS B 504 0.58 -1.95 -15.45
N GLN B 505 1.30 -0.89 -15.87
CA GLN B 505 2.70 -0.95 -16.31
C GLN B 505 3.63 -1.33 -15.14
N LYS B 506 3.29 -0.84 -13.93
CA LYS B 506 3.99 -1.11 -12.68
C LYS B 506 3.77 -2.58 -12.30
N GLN B 507 2.55 -3.11 -12.55
CA GLN B 507 2.13 -4.49 -12.26
C GLN B 507 2.98 -5.54 -12.98
N PHE B 508 2.99 -5.53 -14.32
CA PHE B 508 3.71 -6.48 -15.19
C PHE B 508 5.08 -6.87 -14.66
N VAL B 509 5.87 -5.85 -14.28
CA VAL B 509 7.23 -5.99 -13.76
C VAL B 509 7.20 -6.64 -12.35
N GLU B 510 6.32 -6.14 -11.46
CA GLU B 510 6.16 -6.60 -10.08
C GLU B 510 5.68 -8.05 -9.99
N ASN B 511 4.79 -8.46 -10.92
CA ASN B 511 4.21 -9.80 -11.00
C ASN B 511 5.24 -10.86 -11.43
N GLN B 512 6.36 -10.42 -12.05
CA GLN B 512 7.42 -11.31 -12.51
C GLN B 512 8.57 -11.45 -11.49
N LEU B 513 8.63 -10.56 -10.46
CA LEU B 513 9.65 -10.54 -9.40
C LEU B 513 9.65 -11.81 -8.53
N GLY B 514 8.54 -12.54 -8.54
CA GLY B 514 8.38 -13.78 -7.78
C GLY B 514 6.94 -14.13 -7.48
N PHE B 515 6.75 -15.17 -6.65
CA PHE B 515 5.44 -15.68 -6.25
C PHE B 515 4.92 -15.05 -4.96
N LYS B 516 3.64 -14.62 -4.99
CA LYS B 516 2.95 -14.00 -3.84
C LYS B 516 1.49 -14.43 -3.79
N ASP B 517 1.07 -14.98 -2.63
CA ASP B 517 -0.29 -15.45 -2.35
C ASP B 517 -0.50 -15.48 -0.83
N ASP B 518 -1.75 -15.26 -0.37
CA ASP B 518 -2.11 -15.26 1.06
C ASP B 518 -2.13 -16.70 1.66
N SER B 519 -1.68 -17.69 0.88
CA SER B 519 -1.55 -19.10 1.26
C SER B 519 -0.09 -19.39 1.69
N ASN B 520 0.88 -18.82 0.96
CA ASN B 520 2.32 -18.98 1.22
C ASN B 520 2.78 -18.12 2.40
N SER B 521 3.67 -18.69 3.22
CA SER B 521 4.27 -18.07 4.41
C SER B 521 5.59 -18.80 4.75
N ASP B 522 6.23 -19.39 3.72
CA ASP B 522 7.49 -20.13 3.82
C ASP B 522 8.71 -19.22 3.95
N SER B 523 9.68 -19.64 4.78
CA SER B 523 10.95 -18.96 5.04
C SER B 523 11.80 -18.89 3.76
N LYS B 524 11.68 -19.94 2.90
CA LYS B 524 12.39 -20.08 1.63
C LYS B 524 11.69 -19.35 0.45
N ASN B 525 10.54 -18.70 0.72
CA ASN B 525 9.79 -17.90 -0.27
C ASN B 525 10.29 -16.44 -0.13
N SER B 526 11.58 -16.23 -0.51
CA SER B 526 12.33 -14.98 -0.37
C SER B 526 12.13 -13.92 -1.47
N ASN B 527 11.38 -14.23 -2.56
CA ASN B 527 11.17 -13.29 -3.67
C ASN B 527 10.64 -11.92 -3.23
N LEU B 528 11.02 -10.86 -3.98
CA LEU B 528 10.68 -9.46 -3.74
C LEU B 528 9.18 -9.21 -3.50
N LYS B 529 8.33 -9.82 -4.34
CA LYS B 529 6.87 -9.71 -4.27
C LYS B 529 6.33 -10.16 -2.90
N ALA B 530 6.90 -11.26 -2.35
CA ALA B 530 6.54 -11.81 -1.04
C ALA B 530 7.04 -10.93 0.11
N GLN B 531 8.13 -10.19 -0.14
CA GLN B 531 8.74 -9.27 0.83
C GLN B 531 8.26 -7.81 0.58
N GLY B 532 7.31 -7.68 -0.35
CA GLY B 532 6.65 -6.43 -0.74
C GLY B 532 7.58 -5.37 -1.27
N LEU B 533 8.50 -5.75 -2.16
CA LEU B 533 9.50 -4.86 -2.74
C LEU B 533 9.38 -4.74 -4.28
N THR B 534 9.68 -3.54 -4.79
CA THR B 534 9.62 -3.17 -6.22
C THR B 534 10.91 -3.61 -6.97
N GLN B 535 11.09 -3.15 -8.23
CA GLN B 535 12.23 -3.45 -9.09
C GLN B 535 13.56 -3.03 -8.40
N PRO B 536 14.47 -4.01 -8.12
CA PRO B 536 15.69 -3.70 -7.37
C PRO B 536 16.92 -3.27 -8.17
N ALA B 537 16.97 -3.52 -9.51
CA ALA B 537 18.14 -3.19 -10.33
C ALA B 537 17.83 -2.40 -11.61
N TYR B 538 18.77 -1.51 -11.99
CA TYR B 538 18.70 -0.66 -13.18
C TYR B 538 20.11 -0.38 -13.75
N LEU B 539 20.26 -0.41 -15.09
CA LEU B 539 21.53 -0.11 -15.79
C LEU B 539 21.58 1.40 -16.10
N ILE B 540 21.85 2.21 -15.05
CA ILE B 540 21.89 3.67 -15.08
C ILE B 540 22.67 4.23 -16.29
N ALA B 541 21.90 4.67 -17.33
CA ALA B 541 22.39 5.27 -18.57
C ALA B 541 23.05 6.62 -18.27
N GLY B 542 22.61 7.24 -17.18
CA GLY B 542 23.12 8.52 -16.70
C GLY B 542 22.18 9.27 -15.80
N LEU B 543 22.67 10.41 -15.30
CA LEU B 543 21.95 11.37 -14.47
C LEU B 543 22.48 12.79 -14.69
N ASP B 544 21.65 13.79 -14.38
CA ASP B 544 22.00 15.21 -14.48
C ASP B 544 21.07 16.06 -13.63
N VAL B 545 21.38 17.35 -13.51
CA VAL B 545 20.61 18.29 -12.72
C VAL B 545 20.20 19.48 -13.57
N VAL B 546 18.97 19.96 -13.38
CA VAL B 546 18.41 21.09 -14.13
C VAL B 546 17.21 21.70 -13.36
N ALA B 547 17.13 23.05 -13.31
CA ALA B 547 16.08 23.85 -12.64
C ALA B 547 15.73 23.35 -11.22
N ASP B 548 16.79 23.18 -10.38
CA ASP B 548 16.75 22.69 -8.99
C ASP B 548 16.04 21.32 -8.87
N HIS B 549 16.31 20.42 -9.85
CA HIS B 549 15.73 19.08 -9.95
C HIS B 549 16.71 18.12 -10.61
N LEU B 550 16.74 16.87 -10.14
CA LEU B 550 17.58 15.81 -10.70
C LEU B 550 16.80 15.08 -11.80
N VAL B 551 17.49 14.69 -12.87
CA VAL B 551 16.91 13.98 -14.01
C VAL B 551 17.75 12.73 -14.32
N PHE B 552 17.10 11.55 -14.34
CA PHE B 552 17.79 10.29 -14.62
C PHE B 552 17.16 9.51 -15.76
N ALA B 553 17.90 8.51 -16.26
CA ALA B 553 17.50 7.60 -17.33
C ALA B 553 18.25 6.29 -17.12
N ALA B 554 17.52 5.16 -17.13
CA ALA B 554 18.08 3.84 -16.88
C ALA B 554 17.38 2.69 -17.61
N PHE B 555 18.17 1.73 -18.11
CA PHE B 555 17.64 0.54 -18.74
C PHE B 555 17.40 -0.48 -17.63
N LYS B 556 16.12 -0.69 -17.27
CA LYS B 556 15.65 -1.60 -16.23
C LYS B 556 16.21 -3.01 -16.41
N ALA B 557 17.00 -3.50 -15.45
CA ALA B 557 17.59 -4.84 -15.46
C ALA B 557 16.52 -5.89 -15.15
N GLY B 558 16.57 -7.01 -15.86
CA GLY B 558 15.59 -8.09 -15.73
C GLY B 558 15.60 -8.84 -14.42
N ALA B 559 14.72 -8.43 -13.47
CA ALA B 559 14.59 -9.10 -12.17
C ALA B 559 13.38 -10.03 -12.16
N VAL B 560 13.65 -11.34 -12.07
CA VAL B 560 12.64 -12.42 -12.09
C VAL B 560 12.75 -13.36 -10.86
N GLY B 561 11.92 -14.41 -10.85
CA GLY B 561 11.91 -15.43 -9.81
C GLY B 561 12.43 -16.77 -10.30
N TYR B 562 12.71 -17.71 -9.36
CA TYR B 562 13.19 -19.07 -9.66
C TYR B 562 12.84 -20.07 -8.56
N ASP B 563 12.57 -21.34 -8.92
CA ASP B 563 12.19 -22.37 -7.95
C ASP B 563 13.38 -23.02 -7.23
N MET B 564 13.42 -22.79 -5.90
CA MET B 564 14.44 -23.31 -4.98
C MET B 564 14.03 -24.69 -4.44
N THR B 565 13.40 -25.53 -5.27
CA THR B 565 12.97 -26.88 -4.88
C THR B 565 14.12 -27.90 -4.95
N THR B 566 14.07 -28.91 -4.07
CA THR B 566 15.04 -30.01 -4.00
C THR B 566 14.46 -31.24 -4.73
N ASP B 567 13.14 -31.19 -5.03
CA ASP B 567 12.43 -32.23 -5.77
C ASP B 567 12.78 -32.08 -7.26
N SER B 568 13.62 -32.99 -7.78
CA SER B 568 14.09 -32.98 -9.17
C SER B 568 13.00 -33.27 -10.21
N SER B 569 11.98 -34.07 -9.83
CA SER B 569 10.85 -34.46 -10.68
C SER B 569 9.95 -33.27 -11.06
N ALA B 570 10.01 -32.16 -10.28
CA ALA B 570 9.25 -30.93 -10.51
C ALA B 570 9.61 -30.34 -11.87
N SER B 571 8.60 -29.87 -12.62
CA SER B 571 8.77 -29.30 -13.96
C SER B 571 9.55 -27.98 -13.91
N THR B 572 9.24 -27.13 -12.90
CA THR B 572 9.87 -25.83 -12.68
C THR B 572 11.20 -25.94 -11.90
N TYR B 573 11.65 -27.17 -11.58
CA TYR B 573 12.91 -27.43 -10.88
C TYR B 573 14.08 -27.00 -11.75
N ASN B 574 14.99 -26.22 -11.13
CA ASN B 574 16.19 -25.64 -11.72
C ASN B 574 15.88 -24.83 -12.98
N GLN B 575 14.95 -23.86 -12.84
CA GLN B 575 14.56 -22.93 -13.89
C GLN B 575 14.11 -21.60 -13.31
N ALA B 576 14.32 -20.51 -14.09
CA ALA B 576 13.93 -19.15 -13.75
C ALA B 576 12.64 -18.82 -14.52
N LEU B 577 11.65 -18.22 -13.83
CA LEU B 577 10.34 -17.91 -14.38
C LEU B 577 10.24 -16.50 -14.98
N ALA B 578 10.14 -16.44 -16.33
CA ALA B 578 10.03 -15.23 -17.16
C ALA B 578 9.27 -15.49 -18.46
N TRP B 579 8.21 -14.72 -18.71
CA TRP B 579 7.35 -14.86 -19.90
C TRP B 579 7.29 -13.57 -20.74
N SER B 580 7.02 -13.72 -22.07
CA SER B 580 6.91 -12.60 -23.01
C SER B 580 5.68 -11.76 -22.68
N THR B 581 5.89 -10.47 -22.39
CA THR B 581 4.83 -9.55 -22.00
C THR B 581 4.42 -8.62 -23.16
N THR B 582 4.54 -9.09 -24.40
CA THR B 582 4.16 -8.28 -25.56
C THR B 582 2.64 -8.33 -25.74
N ALA B 583 2.01 -7.14 -25.95
CA ALA B 583 0.56 -6.98 -26.11
C ALA B 583 0.00 -7.81 -27.25
N GLY B 584 -1.17 -8.39 -27.01
CA GLY B 584 -1.89 -9.25 -27.95
C GLY B 584 -2.20 -8.60 -29.28
N LEU B 585 -2.44 -9.44 -30.31
CA LEU B 585 -2.74 -8.98 -31.66
C LEU B 585 -4.11 -8.28 -31.80
N ASP B 586 -5.06 -8.66 -30.93
CA ASP B 586 -6.42 -8.12 -30.88
C ASP B 586 -6.55 -6.90 -29.96
N SER B 587 -5.42 -6.39 -29.43
CA SER B 587 -5.37 -5.22 -28.54
C SER B 587 -5.83 -3.95 -29.22
N ASP B 588 -6.48 -3.07 -28.44
CA ASP B 588 -7.00 -1.78 -28.89
C ASP B 588 -5.87 -0.80 -29.23
N GLY B 589 -6.08 -0.02 -30.27
CA GLY B 589 -5.12 0.98 -30.74
C GLY B 589 -4.85 2.09 -29.75
N GLY B 590 -3.70 2.73 -29.91
CA GLY B 590 -3.28 3.82 -29.03
C GLY B 590 -2.38 3.31 -27.93
N TYR B 591 -1.29 4.05 -27.64
CA TYR B 591 -0.28 3.72 -26.63
C TYR B 591 -0.89 3.17 -25.34
N LYS B 592 -1.66 4.01 -24.60
CA LYS B 592 -2.29 3.61 -23.34
C LYS B 592 -3.00 2.27 -23.40
N ALA B 593 -3.89 2.08 -24.40
CA ALA B 593 -4.67 0.86 -24.64
C ALA B 593 -3.81 -0.38 -24.91
N LEU B 594 -2.60 -0.19 -25.49
CA LEU B 594 -1.65 -1.24 -25.83
C LEU B 594 -0.76 -1.64 -24.66
N VAL B 595 -0.27 -0.64 -23.89
CA VAL B 595 0.60 -0.87 -22.73
C VAL B 595 -0.17 -1.43 -21.53
N GLU B 596 -1.49 -1.17 -21.48
CA GLU B 596 -2.37 -1.66 -20.41
C GLU B 596 -3.00 -3.02 -20.74
N ASN B 597 -2.66 -3.60 -21.92
CA ASN B 597 -3.18 -4.90 -22.38
C ASN B 597 -2.72 -6.02 -21.48
N THR B 598 -3.69 -6.88 -21.09
CA THR B 598 -3.55 -8.02 -20.17
C THR B 598 -2.55 -9.11 -20.62
N ALA B 599 -2.12 -9.14 -21.92
CA ALA B 599 -1.21 -10.16 -22.47
C ALA B 599 0.02 -10.44 -21.61
N GLY B 600 -0.10 -11.49 -20.79
CA GLY B 600 0.95 -11.94 -19.89
C GLY B 600 1.17 -11.06 -18.67
N LEU B 601 0.08 -10.57 -18.06
CA LEU B 601 0.14 -9.71 -16.86
C LEU B 601 0.60 -10.54 -15.67
N ASN B 602 -0.08 -11.67 -15.41
CA ASN B 602 0.22 -12.53 -14.27
C ASN B 602 0.93 -13.84 -14.65
N GLY B 603 0.95 -14.20 -15.93
CA GLY B 603 1.61 -15.41 -16.38
C GLY B 603 1.78 -15.56 -17.89
N PRO B 604 2.41 -16.67 -18.36
CA PRO B 604 2.62 -16.87 -19.80
C PRO B 604 1.37 -16.96 -20.67
N ILE B 605 1.49 -16.49 -21.93
CA ILE B 605 0.42 -16.46 -22.93
C ILE B 605 0.97 -16.45 -24.38
N ASN B 606 2.13 -15.79 -24.59
CA ASN B 606 2.78 -15.65 -25.90
C ASN B 606 3.58 -16.89 -26.31
N GLY B 607 3.74 -17.06 -27.62
CA GLY B 607 4.45 -18.18 -28.24
C GLY B 607 4.14 -18.28 -29.72
N LEU B 608 4.53 -19.40 -30.35
CA LEU B 608 4.29 -19.60 -31.79
C LEU B 608 2.83 -19.94 -32.14
N PHE B 609 2.15 -19.00 -32.83
CA PHE B 609 0.78 -19.15 -33.31
C PHE B 609 0.79 -19.12 -34.84
N THR B 610 0.27 -20.16 -35.49
CA THR B 610 0.25 -20.27 -36.96
C THR B 610 -1.12 -19.94 -37.54
N LEU B 611 -1.19 -18.86 -38.33
CA LEU B 611 -2.44 -18.43 -38.96
C LEU B 611 -2.41 -18.77 -40.45
N LEU B 612 -2.91 -19.98 -40.79
CA LEU B 612 -2.98 -20.55 -42.15
C LEU B 612 -1.60 -20.82 -42.76
N ASP B 613 -0.84 -19.75 -43.10
CA ASP B 613 0.49 -19.83 -43.69
C ASP B 613 1.42 -18.77 -43.06
N THR B 614 0.88 -17.90 -42.19
CA THR B 614 1.67 -16.83 -41.56
C THR B 614 1.97 -17.15 -40.07
N PHE B 615 3.12 -16.63 -39.59
CA PHE B 615 3.64 -16.77 -38.23
C PHE B 615 3.14 -15.64 -37.32
N ALA B 616 2.95 -15.92 -36.02
CA ALA B 616 2.53 -14.95 -35.01
C ALA B 616 3.09 -15.32 -33.64
N TYR B 617 4.17 -14.63 -33.21
CA TYR B 617 4.82 -14.88 -31.91
C TYR B 617 4.06 -14.28 -30.71
N VAL B 618 3.00 -13.50 -30.98
CA VAL B 618 2.15 -12.88 -29.95
C VAL B 618 0.76 -13.53 -29.93
N THR B 619 0.06 -13.45 -28.77
CA THR B 619 -1.27 -14.04 -28.58
C THR B 619 -2.35 -13.36 -29.46
N PRO B 620 -3.17 -14.14 -30.21
CA PRO B 620 -4.20 -13.51 -31.04
C PRO B 620 -5.49 -13.20 -30.27
N VAL B 621 -5.62 -13.73 -29.05
CA VAL B 621 -6.78 -13.56 -28.17
C VAL B 621 -6.25 -12.98 -26.84
N SER B 622 -6.67 -11.75 -26.50
CA SER B 622 -6.23 -11.06 -25.29
C SER B 622 -7.28 -10.09 -24.72
N GLY B 623 -7.11 -9.72 -23.46
CA GLY B 623 -7.97 -8.78 -22.75
C GLY B 623 -9.32 -9.32 -22.36
N MET B 624 -10.38 -8.82 -23.04
CA MET B 624 -11.79 -9.19 -22.80
C MET B 624 -12.48 -9.61 -24.12
N LYS B 625 -11.68 -10.07 -25.10
CA LYS B 625 -12.19 -10.49 -26.41
C LYS B 625 -12.27 -12.00 -26.53
N GLY B 626 -11.90 -12.69 -25.45
CA GLY B 626 -11.91 -14.14 -25.35
C GLY B 626 -13.29 -14.78 -25.35
N GLY B 627 -13.30 -16.08 -25.57
CA GLY B 627 -14.54 -16.86 -25.64
C GLY B 627 -15.26 -16.72 -26.97
N SER B 628 -16.41 -17.37 -27.10
CA SER B 628 -17.23 -17.32 -28.31
C SER B 628 -17.73 -15.89 -28.57
N GLN B 629 -18.63 -15.38 -27.71
CA GLN B 629 -19.25 -14.04 -27.77
C GLN B 629 -18.27 -12.85 -27.80
N ASN B 630 -16.96 -13.10 -27.60
CA ASN B 630 -15.87 -12.12 -27.55
C ASN B 630 -16.05 -11.08 -26.42
N ASN B 631 -16.71 -11.50 -25.33
CA ASN B 631 -16.97 -10.64 -24.18
C ASN B 631 -16.16 -11.05 -22.94
N GLU B 632 -15.91 -12.36 -22.78
CA GLU B 632 -15.19 -12.94 -21.65
C GLU B 632 -13.72 -12.56 -21.60
N GLU B 633 -13.16 -12.51 -20.38
CA GLU B 633 -11.78 -12.16 -20.07
C GLU B 633 -10.82 -13.28 -20.49
N VAL B 634 -9.61 -12.88 -20.91
CA VAL B 634 -8.52 -13.80 -21.26
C VAL B 634 -7.61 -13.79 -20.04
N GLN B 635 -7.83 -14.77 -19.14
CA GLN B 635 -7.12 -14.93 -17.88
C GLN B 635 -5.66 -15.34 -18.02
N THR B 636 -4.86 -14.93 -17.03
CA THR B 636 -3.42 -15.18 -16.94
C THR B 636 -3.03 -15.38 -15.46
N THR B 637 -2.19 -16.39 -15.15
CA THR B 637 -1.75 -16.67 -13.77
C THR B 637 -0.32 -17.22 -13.71
N TYR B 638 0.38 -16.90 -12.58
CA TYR B 638 1.77 -17.26 -12.25
C TYR B 638 2.06 -18.76 -12.43
N PRO B 639 3.22 -19.14 -13.04
CA PRO B 639 3.49 -20.57 -13.27
C PRO B 639 3.92 -21.38 -12.03
N VAL B 640 2.95 -21.61 -11.13
CA VAL B 640 3.05 -22.40 -9.88
C VAL B 640 1.70 -23.15 -9.72
N LYS B 641 1.75 -24.48 -9.50
CA LYS B 641 0.59 -25.37 -9.34
C LYS B 641 -0.29 -24.92 -8.15
N SER B 642 -1.63 -24.96 -8.33
CA SER B 642 -2.65 -24.54 -7.35
C SER B 642 -2.47 -25.13 -5.94
N ASP B 643 -2.19 -26.45 -5.85
CA ASP B 643 -2.00 -27.15 -4.57
C ASP B 643 -0.56 -26.98 -4.03
N GLN B 644 0.40 -26.61 -4.91
CA GLN B 644 1.81 -26.39 -4.59
C GLN B 644 2.09 -24.95 -4.14
N LYS B 645 1.04 -24.08 -4.12
CA LYS B 645 1.09 -22.66 -3.74
C LYS B 645 1.60 -22.39 -2.32
N ALA B 646 1.13 -23.16 -1.32
CA ALA B 646 1.55 -22.99 0.09
C ALA B 646 2.98 -23.45 0.34
N THR B 647 3.44 -24.48 -0.39
CA THR B 647 4.77 -25.09 -0.26
C THR B 647 5.81 -24.47 -1.24
N ALA B 648 5.35 -23.57 -2.15
CA ALA B 648 6.20 -22.90 -3.15
C ALA B 648 7.34 -22.11 -2.50
N LYS B 649 8.55 -22.23 -3.08
CA LYS B 649 9.77 -21.58 -2.57
C LYS B 649 10.47 -20.75 -3.66
N ILE B 650 9.71 -19.86 -4.32
CA ILE B 650 10.23 -18.99 -5.37
C ILE B 650 11.07 -17.87 -4.76
N ALA B 651 12.36 -17.80 -5.15
CA ALA B 651 13.29 -16.78 -4.67
C ALA B 651 13.41 -15.65 -5.71
N SER B 652 14.47 -14.82 -5.63
CA SER B 652 14.70 -13.70 -6.54
C SER B 652 16.01 -13.84 -7.33
N LEU B 653 15.94 -13.55 -8.65
CA LEU B 653 17.04 -13.61 -9.61
C LEU B 653 17.12 -12.29 -10.40
N ILE B 654 18.34 -11.76 -10.62
CA ILE B 654 18.59 -10.49 -11.34
C ILE B 654 19.56 -10.72 -12.52
N ASN B 655 19.26 -10.10 -13.67
CA ASN B 655 20.07 -10.22 -14.89
C ASN B 655 20.96 -8.99 -15.12
N ALA B 656 22.06 -9.17 -15.88
CA ALA B 656 23.02 -8.11 -16.20
C ALA B 656 22.70 -7.38 -17.52
N SER B 657 21.42 -7.47 -17.95
CA SER B 657 20.88 -6.86 -19.18
C SER B 657 19.43 -6.37 -18.96
N PRO B 658 18.82 -5.53 -19.85
CA PRO B 658 17.44 -5.08 -19.60
C PRO B 658 16.35 -6.14 -19.85
N LEU B 659 16.76 -7.39 -20.14
CA LEU B 659 15.87 -8.50 -20.42
C LEU B 659 15.43 -9.28 -19.19
N ASN B 660 14.11 -9.50 -19.07
CA ASN B 660 13.50 -10.30 -18.01
C ASN B 660 13.65 -11.76 -18.39
N SER B 661 13.53 -12.06 -19.70
CA SER B 661 13.66 -13.42 -20.24
C SER B 661 14.92 -13.62 -21.09
N TYR B 662 15.56 -14.80 -20.93
CA TYR B 662 16.76 -15.24 -21.66
C TYR B 662 16.47 -16.52 -22.47
N GLY B 663 15.22 -16.99 -22.44
CA GLY B 663 14.76 -18.19 -23.12
C GLY B 663 14.98 -18.18 -24.62
N ASP B 664 15.86 -19.10 -25.10
CA ASP B 664 16.26 -19.29 -26.49
C ASP B 664 15.06 -19.59 -27.42
N ASP B 665 14.38 -18.52 -27.89
CA ASP B 665 13.21 -18.60 -28.77
C ASP B 665 13.00 -17.29 -29.53
N GLY B 666 12.28 -17.38 -30.66
CA GLY B 666 11.95 -16.24 -31.52
C GLY B 666 11.02 -15.22 -30.86
N VAL B 667 10.25 -15.66 -29.85
CA VAL B 667 9.33 -14.82 -29.08
C VAL B 667 10.11 -13.79 -28.26
N THR B 668 11.27 -14.20 -27.71
CA THR B 668 12.17 -13.34 -26.93
C THR B 668 13.04 -12.50 -27.88
N VAL B 669 13.29 -13.03 -29.11
CA VAL B 669 14.05 -12.36 -30.17
C VAL B 669 13.23 -11.14 -30.64
N PHE B 670 11.92 -11.34 -30.88
CA PHE B 670 10.97 -10.32 -31.32
C PHE B 670 10.75 -9.22 -30.28
N ASP B 671 10.92 -9.54 -28.99
CA ASP B 671 10.81 -8.59 -27.87
C ASP B 671 12.06 -7.69 -27.85
N ALA B 672 13.25 -8.29 -28.10
CA ALA B 672 14.52 -7.60 -28.12
C ALA B 672 14.74 -6.76 -29.37
N LEU B 673 14.29 -7.25 -30.55
CA LEU B 673 14.43 -6.59 -31.86
C LEU B 673 13.28 -5.67 -32.27
N GLY B 674 12.13 -5.79 -31.58
CA GLY B 674 10.94 -4.99 -31.85
C GLY B 674 10.25 -5.35 -33.15
N LEU B 675 10.00 -6.65 -33.35
CA LEU B 675 9.40 -7.21 -34.56
C LEU B 675 7.91 -7.61 -34.41
N ASN B 676 7.35 -7.43 -33.19
CA ASN B 676 5.95 -7.73 -32.90
C ASN B 676 5.06 -6.56 -33.34
N PHE B 677 4.28 -6.79 -34.40
CA PHE B 677 3.36 -5.82 -34.99
C PHE B 677 1.99 -6.43 -35.18
N ASN B 678 0.98 -5.62 -35.53
CA ASN B 678 -0.37 -6.11 -35.84
C ASN B 678 -0.63 -6.10 -37.34
N PHE B 679 -1.48 -7.02 -37.83
CA PHE B 679 -1.82 -7.17 -39.24
C PHE B 679 -2.86 -6.14 -39.75
N LYS B 680 -3.01 -5.00 -39.05
CA LYS B 680 -3.91 -3.92 -39.46
C LYS B 680 -3.15 -3.11 -40.51
N LEU B 681 -3.87 -2.43 -41.46
CA LEU B 681 -3.20 -1.56 -42.46
C LEU B 681 -2.41 -0.47 -41.70
N ASN B 682 -3.04 0.03 -40.61
CA ASN B 682 -2.50 0.96 -39.62
C ASN B 682 -1.66 0.11 -38.65
N GLU B 683 -0.57 -0.48 -39.19
CA GLU B 683 0.39 -1.36 -38.50
C GLU B 683 1.09 -0.65 -37.33
N GLU B 684 0.84 -1.15 -36.10
CA GLU B 684 1.41 -0.60 -34.86
C GLU B 684 2.32 -1.63 -34.21
N ARG B 685 3.41 -1.16 -33.58
CA ARG B 685 4.37 -2.04 -32.92
C ARG B 685 3.87 -2.38 -31.52
N LEU B 686 3.65 -3.68 -31.27
CA LEU B 686 3.16 -4.22 -30.01
C LEU B 686 4.25 -4.17 -28.93
N PRO B 687 3.98 -3.57 -27.76
CA PRO B 687 5.05 -3.40 -26.76
C PRO B 687 5.20 -4.49 -25.70
N SER B 688 6.46 -4.74 -25.31
CA SER B 688 6.80 -5.64 -24.20
C SER B 688 6.74 -4.78 -22.95
N ARG B 689 6.26 -5.35 -21.84
CA ARG B 689 6.13 -4.59 -20.60
C ARG B 689 7.16 -4.98 -19.52
N THR B 690 8.13 -5.85 -19.90
CA THR B 690 9.23 -6.35 -19.04
C THR B 690 10.58 -6.35 -19.75
N ASP B 691 10.60 -6.75 -21.04
CA ASP B 691 11.82 -6.80 -21.86
C ASP B 691 12.07 -5.44 -22.55
N GLN B 692 13.36 -5.06 -22.64
CA GLN B 692 13.85 -3.82 -23.27
C GLN B 692 13.10 -2.58 -22.77
N LEU B 693 13.08 -2.39 -21.44
CA LEU B 693 12.38 -1.28 -20.83
C LEU B 693 13.30 -0.15 -20.36
N LEU B 694 12.98 1.09 -20.76
CA LEU B 694 13.74 2.26 -20.38
C LEU B 694 12.94 3.13 -19.40
N VAL B 695 13.51 3.36 -18.20
CA VAL B 695 12.94 4.16 -17.13
C VAL B 695 13.58 5.55 -17.18
N TYR B 696 12.79 6.61 -16.96
CA TYR B 696 13.25 8.00 -17.01
C TYR B 696 12.36 8.90 -16.16
N GLY B 697 12.96 9.85 -15.44
CA GLY B 697 12.17 10.75 -14.61
C GLY B 697 12.87 11.91 -13.94
N ILE B 698 12.04 12.91 -13.55
CA ILE B 698 12.44 14.14 -12.86
C ILE B 698 12.08 14.01 -11.36
N VAL B 699 13.11 14.04 -10.51
CA VAL B 699 12.96 13.93 -9.05
C VAL B 699 13.37 15.24 -8.36
N ASN B 700 12.47 15.76 -7.51
CA ASN B 700 12.65 17.01 -6.75
C ASN B 700 13.41 16.81 -5.44
N GLU B 701 13.93 17.92 -4.87
CA GLU B 701 14.69 17.95 -3.61
C GLU B 701 13.96 17.31 -2.42
N SER B 702 12.61 17.43 -2.35
CA SER B 702 11.81 16.82 -1.30
C SER B 702 11.72 15.30 -1.50
N GLU B 703 11.64 14.84 -2.77
CA GLU B 703 11.62 13.41 -3.14
C GLU B 703 13.00 12.81 -2.90
N LEU B 704 14.06 13.63 -3.10
CA LEU B 704 15.47 13.25 -2.89
C LEU B 704 15.75 13.07 -1.40
N LYS B 705 15.29 14.02 -0.56
CA LYS B 705 15.43 14.01 0.91
C LYS B 705 14.81 12.74 1.50
N SER B 706 13.68 12.28 0.91
CA SER B 706 12.95 11.08 1.28
C SER B 706 13.80 9.82 1.10
N ALA B 707 14.64 9.79 0.04
CA ALA B 707 15.55 8.67 -0.24
C ALA B 707 16.66 8.63 0.81
N ARG B 708 17.14 9.81 1.26
CA ARG B 708 18.17 9.95 2.30
C ARG B 708 17.65 9.42 3.63
N GLU B 709 16.45 9.85 4.05
CA GLU B 709 15.77 9.44 5.29
C GLU B 709 15.50 7.92 5.32
N ASN B 710 15.25 7.31 4.14
CA ASN B 710 15.01 5.88 3.96
C ASN B 710 16.28 5.07 4.23
N ALA B 711 17.44 5.60 3.79
CA ALA B 711 18.75 4.99 3.97
C ALA B 711 19.23 5.15 5.43
N GLN B 712 19.02 6.35 6.02
CA GLN B 712 19.41 6.69 7.40
C GLN B 712 18.58 5.96 8.47
N SER B 713 17.50 5.26 8.06
CA SER B 713 16.61 4.51 8.95
C SER B 713 17.29 3.24 9.45
N THR B 714 17.17 2.99 10.77
CA THR B 714 17.74 1.84 11.48
C THR B 714 16.61 0.83 11.83
N SER B 715 16.12 0.10 10.79
CA SER B 715 15.06 -0.93 10.84
C SER B 715 13.74 -0.43 11.44
N ASP B 716 13.66 -0.40 12.79
CA ASP B 716 12.54 0.01 13.66
C ASP B 716 11.15 -0.39 13.15
N ASP B 717 10.43 0.53 12.48
CA ASP B 717 9.06 0.39 11.95
C ASP B 717 9.04 0.52 10.43
N ASN B 718 9.94 1.35 9.87
CA ASN B 718 10.09 1.65 8.44
C ASN B 718 11.09 0.70 7.75
N SER B 719 10.84 -0.62 7.85
CA SER B 719 11.66 -1.67 7.24
C SER B 719 11.05 -2.10 5.91
N ASN B 720 9.82 -1.64 5.62
CA ASN B 720 9.04 -1.95 4.42
C ASN B 720 8.69 -0.70 3.61
N THR B 721 8.63 0.48 4.28
CA THR B 721 8.30 1.81 3.73
C THR B 721 9.11 2.13 2.45
N LYS B 722 8.42 2.68 1.44
CA LYS B 722 8.99 3.00 0.13
C LYS B 722 9.22 4.49 -0.13
N VAL B 723 10.10 4.81 -1.09
CA VAL B 723 10.37 6.19 -1.51
C VAL B 723 9.56 6.39 -2.79
N LYS B 724 8.52 7.23 -2.74
CA LYS B 724 7.62 7.45 -3.87
C LYS B 724 8.07 8.58 -4.81
N TRP B 725 8.55 8.18 -6.01
CA TRP B 725 8.97 9.04 -7.09
C TRP B 725 7.91 8.97 -8.20
N THR B 726 6.89 9.83 -8.07
CA THR B 726 5.72 9.93 -8.95
C THR B 726 6.02 10.45 -10.35
N ASN B 727 7.04 11.32 -10.49
CA ASN B 727 7.38 11.88 -11.79
C ASN B 727 8.43 11.04 -12.52
N THR B 728 8.03 9.84 -12.93
CA THR B 728 8.82 8.84 -13.68
C THR B 728 7.87 8.11 -14.64
N ALA B 729 8.41 7.38 -15.64
CA ALA B 729 7.63 6.61 -16.61
C ALA B 729 8.48 5.57 -17.29
N SER B 730 7.88 4.46 -17.72
CA SER B 730 8.61 3.43 -18.45
C SER B 730 8.34 3.55 -19.94
N HIS B 731 9.23 2.97 -20.78
CA HIS B 731 9.09 2.99 -22.23
C HIS B 731 9.80 1.83 -22.90
N TYR B 732 9.05 1.12 -23.75
CA TYR B 732 9.57 -0.02 -24.49
C TYR B 732 10.56 0.48 -25.55
N LEU B 733 11.84 0.17 -25.36
CA LEU B 733 12.89 0.61 -26.28
C LEU B 733 13.73 -0.58 -26.80
N PRO B 734 13.27 -1.26 -27.87
CA PRO B 734 14.03 -2.40 -28.39
C PRO B 734 15.23 -2.02 -29.25
N VAL B 735 16.11 -2.99 -29.54
CA VAL B 735 17.26 -2.78 -30.44
C VAL B 735 16.70 -2.79 -31.87
N PRO B 736 17.35 -2.17 -32.86
CA PRO B 736 16.82 -2.26 -34.22
C PRO B 736 16.98 -3.70 -34.75
N TYR B 737 16.06 -4.12 -35.60
CA TYR B 737 16.08 -5.44 -36.22
C TYR B 737 17.21 -5.54 -37.23
N TYR B 738 17.50 -4.43 -37.94
CA TYR B 738 18.55 -4.31 -38.96
C TYR B 738 19.97 -4.43 -38.40
N TYR B 739 20.12 -4.38 -37.06
CA TYR B 739 21.41 -4.56 -36.38
C TYR B 739 21.75 -6.05 -36.32
N SER B 740 20.73 -6.95 -36.49
CA SER B 740 20.89 -8.40 -36.53
C SER B 740 20.97 -8.82 -37.99
N ALA B 741 21.99 -9.64 -38.34
CA ALA B 741 22.26 -10.10 -39.70
C ALA B 741 21.10 -10.84 -40.38
N ASN B 742 20.29 -11.59 -39.58
CA ASN B 742 19.14 -12.39 -40.00
C ASN B 742 18.04 -11.58 -40.71
N PHE B 743 17.65 -10.43 -40.13
CA PHE B 743 16.60 -9.54 -40.65
C PHE B 743 17.24 -8.19 -41.05
N PRO B 744 17.74 -8.07 -42.31
CA PRO B 744 18.38 -6.81 -42.72
C PRO B 744 17.41 -5.78 -43.30
N GLU B 745 17.92 -4.55 -43.57
CA GLU B 745 17.17 -3.46 -44.17
C GLU B 745 17.89 -2.96 -45.44
N ARG B 750 12.50 -7.68 -42.10
CA ARG B 750 12.11 -8.98 -42.66
C ARG B 750 11.44 -9.86 -41.61
N ARG B 751 10.57 -10.80 -42.03
CA ARG B 751 9.81 -11.68 -41.13
C ARG B 751 9.96 -13.19 -41.46
N ALA B 752 9.63 -14.06 -40.47
CA ALA B 752 9.61 -15.53 -40.49
C ALA B 752 10.95 -16.21 -40.88
N GLU B 753 11.38 -16.03 -42.15
CA GLU B 753 12.61 -16.55 -42.77
C GLU B 753 12.54 -18.09 -42.98
N GLN B 754 13.26 -18.87 -42.14
CA GLN B 754 13.32 -20.34 -42.21
C GLN B 754 12.05 -21.03 -41.69
N ARG B 755 11.81 -22.28 -42.15
CA ARG B 755 10.68 -23.12 -41.75
C ARG B 755 10.95 -23.86 -40.43
N ASN B 756 12.24 -23.94 -40.03
CA ASN B 756 12.71 -24.61 -38.81
C ASN B 756 12.54 -23.74 -37.55
N GLY B 757 12.44 -22.42 -37.74
CA GLY B 757 12.24 -21.46 -36.66
C GLY B 757 13.52 -20.80 -36.18
N VAL B 758 13.45 -19.47 -35.97
CA VAL B 758 14.57 -18.66 -35.49
C VAL B 758 14.55 -18.56 -33.95
N LYS B 759 15.74 -18.61 -33.33
CA LYS B 759 15.95 -18.55 -31.88
C LYS B 759 17.09 -17.55 -31.58
N ILE B 760 17.41 -17.33 -30.29
CA ILE B 760 18.50 -16.44 -29.84
C ILE B 760 19.85 -16.95 -30.36
N SER B 761 20.14 -18.24 -30.14
CA SER B 761 21.38 -18.92 -30.55
C SER B 761 21.62 -18.87 -32.06
N THR B 762 20.55 -18.94 -32.87
CA THR B 762 20.60 -18.90 -34.34
C THR B 762 20.65 -17.48 -34.91
N LEU B 763 20.66 -16.44 -34.04
CA LEU B 763 20.71 -15.04 -34.45
C LEU B 763 22.16 -14.56 -34.57
N GLU B 764 22.53 -14.05 -35.77
CA GLU B 764 23.85 -13.52 -36.07
C GLU B 764 23.87 -12.00 -35.88
N SER B 765 25.04 -11.44 -35.59
CA SER B 765 25.23 -10.02 -35.37
C SER B 765 26.03 -9.36 -36.49
N GLN B 766 25.52 -8.23 -37.01
CA GLN B 766 26.18 -7.40 -38.01
C GLN B 766 26.42 -6.00 -37.41
N ALA B 767 26.20 -5.89 -36.08
CA ALA B 767 26.36 -4.69 -35.26
C ALA B 767 27.80 -4.22 -35.26
N THR B 768 28.00 -2.90 -35.44
CA THR B 768 29.32 -2.27 -35.50
C THR B 768 29.59 -1.31 -34.34
N ASP B 769 28.57 -0.99 -33.52
CA ASP B 769 28.67 -0.07 -32.39
C ASP B 769 29.46 -0.66 -31.18
N GLY B 770 30.40 -1.56 -31.47
CA GLY B 770 31.27 -2.20 -30.50
C GLY B 770 30.61 -3.19 -29.56
N PHE B 771 29.68 -3.99 -30.09
CA PHE B 771 28.93 -5.03 -29.38
C PHE B 771 28.84 -6.28 -30.26
N ALA B 772 29.31 -7.43 -29.73
CA ALA B 772 29.29 -8.72 -30.43
C ALA B 772 27.87 -9.34 -30.47
N ASN B 773 26.94 -8.79 -29.67
CA ASN B 773 25.55 -9.23 -29.62
C ASN B 773 24.62 -8.22 -30.29
N SER B 774 23.65 -8.73 -31.06
CA SER B 774 22.64 -7.93 -31.74
C SER B 774 21.28 -8.19 -31.10
N LEU B 775 21.31 -8.44 -29.77
CA LEU B 775 20.14 -8.78 -28.96
C LEU B 775 19.87 -7.76 -27.84
N LEU B 776 20.85 -7.56 -26.91
CA LEU B 776 20.70 -6.67 -25.74
C LEU B 776 20.95 -5.20 -26.07
N ASN B 777 20.13 -4.30 -25.50
CA ASN B 777 20.26 -2.86 -25.71
C ASN B 777 21.15 -2.20 -24.69
N PHE B 778 21.66 -1.00 -25.03
CA PHE B 778 22.55 -0.22 -24.18
C PHE B 778 22.27 1.28 -24.29
N GLY B 779 21.98 1.89 -23.14
CA GLY B 779 21.74 3.31 -22.99
C GLY B 779 22.93 3.93 -22.30
N THR B 780 23.58 4.91 -22.94
CA THR B 780 24.77 5.53 -22.37
C THR B 780 24.83 7.05 -22.49
N GLY B 781 25.44 7.66 -21.46
CA GLY B 781 25.68 9.09 -21.32
C GLY B 781 24.48 10.00 -21.47
N LEU B 782 23.80 10.28 -20.36
CA LEU B 782 22.64 11.17 -20.34
C LEU B 782 23.08 12.59 -20.00
N LYS B 783 22.48 13.59 -20.65
CA LYS B 783 22.76 15.00 -20.40
C LYS B 783 21.53 15.87 -20.55
N ALA B 784 21.24 16.66 -19.51
CA ALA B 784 20.13 17.63 -19.47
C ALA B 784 20.55 18.88 -20.22
N GLY B 785 19.59 19.73 -20.56
CA GLY B 785 19.89 20.97 -21.27
C GLY B 785 18.73 21.90 -21.46
N VAL B 786 18.96 23.20 -21.20
CA VAL B 786 17.95 24.25 -21.34
C VAL B 786 18.02 24.84 -22.74
N ASP B 787 16.93 24.69 -23.51
CA ASP B 787 16.79 25.20 -24.88
C ASP B 787 16.98 26.73 -24.83
N PRO B 788 18.04 27.28 -25.49
CA PRO B 788 18.26 28.75 -25.43
C PRO B 788 17.21 29.59 -26.14
N ALA B 789 16.31 28.95 -26.94
CA ALA B 789 15.24 29.57 -27.71
C ALA B 789 14.37 30.51 -26.87
N PRO B 790 14.06 31.74 -27.35
CA PRO B 790 13.21 32.66 -26.56
C PRO B 790 11.82 32.05 -26.34
N VAL B 791 11.39 32.01 -25.06
CA VAL B 791 10.11 31.43 -24.65
C VAL B 791 8.96 32.46 -24.78
N ALA B 792 7.69 31.97 -24.75
CA ALA B 792 6.44 32.75 -24.82
C ALA B 792 6.39 33.63 -23.57
N ARG B 793 5.94 34.89 -23.71
CA ARG B 793 5.93 35.86 -22.60
C ARG B 793 5.18 35.39 -21.33
N GLY B 794 5.90 35.34 -20.22
CA GLY B 794 5.41 34.95 -18.90
C GLY B 794 5.42 33.45 -18.65
N HIS B 795 6.56 32.79 -18.94
CA HIS B 795 6.73 31.34 -18.79
C HIS B 795 8.15 30.98 -18.34
N LYS B 796 8.40 29.67 -18.14
CA LYS B 796 9.72 29.19 -17.74
C LYS B 796 10.46 28.57 -18.94
N PRO B 797 11.79 28.81 -19.09
CA PRO B 797 12.53 28.21 -20.23
C PRO B 797 12.49 26.68 -20.32
N ASN B 798 12.20 26.19 -21.54
CA ASN B 798 12.11 24.76 -21.89
C ASN B 798 13.42 24.01 -21.75
N TYR B 799 13.35 22.80 -21.18
CA TYR B 799 14.52 21.94 -21.00
C TYR B 799 14.22 20.47 -21.28
N SER B 800 15.21 19.73 -21.79
CA SER B 800 15.10 18.30 -22.12
C SER B 800 16.45 17.60 -21.97
N ALA B 801 16.43 16.33 -21.55
CA ALA B 801 17.63 15.51 -21.38
C ALA B 801 17.78 14.51 -22.52
N VAL B 802 19.02 14.27 -23.00
CA VAL B 802 19.24 13.34 -24.11
C VAL B 802 20.29 12.27 -23.76
N LEU B 803 20.07 11.05 -24.24
CA LEU B 803 20.94 9.90 -24.06
C LEU B 803 21.09 9.14 -25.38
N LEU B 804 22.12 8.31 -25.48
CA LEU B 804 22.37 7.54 -26.70
C LEU B 804 22.11 6.06 -26.50
N VAL B 805 21.23 5.49 -27.32
CA VAL B 805 20.93 4.05 -27.27
C VAL B 805 21.44 3.38 -28.55
N ARG B 806 21.31 2.04 -28.63
CA ARG B 806 21.77 1.29 -29.79
C ARG B 806 20.85 1.57 -31.00
N GLY B 807 21.42 2.22 -32.02
CA GLY B 807 20.74 2.56 -33.28
C GLY B 807 19.99 3.87 -33.35
N GLY B 808 20.05 4.68 -32.28
CA GLY B 808 19.35 5.96 -32.23
C GLY B 808 19.58 6.81 -31.00
N VAL B 809 19.14 8.08 -31.09
CA VAL B 809 19.22 9.09 -30.02
C VAL B 809 17.84 9.25 -29.40
N VAL B 810 17.77 9.25 -28.06
CA VAL B 810 16.48 9.37 -27.38
C VAL B 810 16.48 10.62 -26.51
N ARG B 811 15.51 11.49 -26.76
CA ARG B 811 15.29 12.75 -26.06
C ARG B 811 14.14 12.55 -25.07
N LEU B 812 14.36 13.04 -23.84
CA LEU B 812 13.38 12.98 -22.77
C LEU B 812 12.92 14.41 -22.49
N ASN B 813 11.63 14.70 -22.79
CA ASN B 813 11.06 16.03 -22.64
C ASN B 813 10.36 16.25 -21.30
N PHE B 814 10.42 17.48 -20.77
CA PHE B 814 9.83 17.87 -19.48
C PHE B 814 9.08 19.20 -19.55
N ASN B 815 8.08 19.37 -18.67
CA ASN B 815 7.27 20.58 -18.55
C ASN B 815 7.99 21.58 -17.62
N PRO B 816 8.53 22.70 -18.16
CA PRO B 816 9.28 23.64 -17.29
C PRO B 816 8.42 24.52 -16.37
N ASP B 817 7.12 24.69 -16.67
CA ASP B 817 6.20 25.49 -15.85
C ASP B 817 5.76 24.79 -14.56
N THR B 818 5.94 23.44 -14.50
CA THR B 818 5.56 22.62 -13.34
C THR B 818 6.70 21.74 -12.84
N ASP B 819 7.82 21.67 -13.61
CA ASP B 819 9.01 20.84 -13.33
C ASP B 819 8.60 19.37 -13.15
N LYS B 820 7.83 18.90 -14.14
CA LYS B 820 7.26 17.55 -14.21
C LYS B 820 7.51 16.97 -15.61
N LEU B 821 7.13 15.68 -15.84
CA LEU B 821 7.25 15.01 -17.14
C LEU B 821 6.18 15.59 -18.08
N LEU B 822 6.56 15.84 -19.33
CA LEU B 822 5.65 16.42 -20.33
C LEU B 822 4.59 15.42 -20.78
N ASP B 823 3.32 15.73 -20.52
CA ASP B 823 2.19 14.89 -20.89
C ASP B 823 1.15 15.66 -21.70
N SER B 824 0.46 14.96 -22.64
CA SER B 824 -0.55 15.52 -23.53
C SER B 824 -1.99 15.28 -23.05
N THR B 825 -2.97 15.90 -23.74
CA THR B 825 -4.41 15.80 -23.47
C THR B 825 -4.98 14.41 -23.84
N ASP B 826 -4.49 13.81 -24.94
CA ASP B 826 -4.95 12.51 -25.43
C ASP B 826 -4.04 11.34 -25.03
N LYS B 827 -4.63 10.32 -24.39
CA LYS B 827 -3.98 9.11 -23.90
C LYS B 827 -3.64 8.09 -25.01
N ASN B 828 -4.42 8.07 -26.12
CA ASN B 828 -4.17 7.18 -27.26
C ASN B 828 -2.88 7.58 -27.97
N SER B 829 -2.67 8.90 -28.14
CA SER B 829 -1.45 9.46 -28.74
C SER B 829 -0.25 9.10 -27.87
N GLU B 830 0.88 8.73 -28.51
CA GLU B 830 2.14 8.33 -27.85
C GLU B 830 2.64 9.43 -26.91
N PRO B 831 3.26 9.10 -25.74
CA PRO B 831 3.72 10.16 -24.82
C PRO B 831 4.65 11.17 -25.45
N ILE B 832 4.53 12.44 -25.04
CA ILE B 832 5.36 13.52 -25.56
C ILE B 832 6.65 13.65 -24.74
N SER B 833 6.71 12.96 -23.57
CA SER B 833 7.87 12.92 -22.67
C SER B 833 8.98 12.04 -23.27
N PHE B 834 8.62 11.07 -24.14
CA PHE B 834 9.58 10.18 -24.79
C PHE B 834 9.62 10.39 -26.29
N SER B 835 10.83 10.34 -26.88
CA SER B 835 11.06 10.44 -28.32
C SER B 835 12.34 9.70 -28.68
N TYR B 836 12.28 8.86 -29.71
CA TYR B 836 13.45 8.13 -30.21
C TYR B 836 13.64 8.47 -31.67
N THR B 837 14.84 8.94 -32.01
CA THR B 837 15.21 9.31 -33.37
C THR B 837 16.31 8.35 -33.83
N PRO B 838 16.07 7.47 -34.82
CA PRO B 838 17.13 6.54 -35.25
C PRO B 838 18.24 7.28 -35.98
N PHE B 839 19.52 6.91 -35.75
CA PHE B 839 20.62 7.62 -36.38
C PHE B 839 21.21 6.88 -37.60
N GLY B 840 21.92 7.64 -38.43
CA GLY B 840 22.52 7.19 -39.68
C GLY B 840 23.60 6.13 -39.63
N SER B 841 24.07 5.76 -40.85
CA SER B 841 25.10 4.77 -41.16
C SER B 841 26.45 5.08 -40.51
N ALA B 842 26.88 6.36 -40.57
CA ALA B 842 28.15 6.83 -40.01
C ALA B 842 28.19 6.73 -38.49
N GLU B 843 27.08 7.11 -37.84
CA GLU B 843 26.94 7.10 -36.38
C GLU B 843 26.66 5.71 -35.81
N SER B 844 26.35 4.72 -36.68
CA SER B 844 26.11 3.34 -36.26
C SER B 844 27.45 2.58 -36.10
N ALA B 845 28.51 3.08 -36.77
CA ALA B 845 29.87 2.52 -36.70
C ALA B 845 30.63 3.01 -35.43
N VAL B 846 29.98 3.92 -34.66
CA VAL B 846 30.51 4.51 -33.43
C VAL B 846 30.33 3.54 -32.26
N ASP B 847 31.46 3.12 -31.66
CA ASP B 847 31.49 2.26 -30.48
C ASP B 847 30.90 3.07 -29.31
N LEU B 848 29.91 2.51 -28.61
CA LEU B 848 29.22 3.20 -27.52
C LEU B 848 30.01 3.25 -26.21
N THR B 849 30.76 2.18 -25.92
CA THR B 849 31.56 2.01 -24.70
C THR B 849 32.71 3.03 -24.62
N THR B 850 33.13 3.57 -25.78
CA THR B 850 34.23 4.52 -25.88
C THR B 850 33.83 5.97 -25.54
N LEU B 851 32.63 6.21 -24.99
CA LEU B 851 32.22 7.56 -24.57
C LEU B 851 33.03 8.02 -23.36
N LYS B 852 33.83 9.09 -23.54
CA LYS B 852 34.64 9.63 -22.46
C LYS B 852 34.06 10.92 -21.86
N ASP B 853 33.20 11.65 -22.62
CA ASP B 853 32.61 12.90 -22.14
C ASP B 853 31.37 13.35 -22.89
N VAL B 854 30.40 13.92 -22.15
CA VAL B 854 29.16 14.50 -22.68
C VAL B 854 29.08 15.95 -22.25
N THR B 855 29.22 16.86 -23.20
CA THR B 855 29.16 18.29 -22.94
C THR B 855 27.94 18.87 -23.66
N TYR B 856 27.21 19.78 -23.00
CA TYR B 856 26.07 20.49 -23.57
C TYR B 856 26.38 21.97 -23.56
N ILE B 857 26.20 22.65 -24.69
CA ILE B 857 26.44 24.09 -24.79
C ILE B 857 25.12 24.81 -24.60
N ALA B 858 25.05 25.63 -23.54
CA ALA B 858 23.86 26.38 -23.16
C ALA B 858 23.42 27.40 -24.19
N GLU B 859 24.37 28.15 -24.78
CA GLU B 859 24.14 29.23 -25.76
C GLU B 859 23.79 28.75 -27.17
N SER B 860 24.19 27.52 -27.55
CA SER B 860 23.92 26.96 -28.89
C SER B 860 22.86 25.86 -28.91
N GLY B 861 22.58 25.26 -27.75
CA GLY B 861 21.59 24.21 -27.59
C GLY B 861 21.99 22.90 -28.27
N LEU B 862 23.30 22.61 -28.27
CA LEU B 862 23.88 21.41 -28.87
C LEU B 862 24.54 20.51 -27.84
N TRP B 863 24.46 19.20 -28.07
CA TRP B 863 25.09 18.18 -27.24
C TRP B 863 26.27 17.62 -28.00
N PHE B 864 27.37 17.33 -27.28
CA PHE B 864 28.57 16.79 -27.87
C PHE B 864 29.03 15.55 -27.14
N TYR B 865 29.02 14.42 -27.86
CA TYR B 865 29.38 13.10 -27.36
C TYR B 865 30.78 12.72 -27.85
N THR B 866 31.78 12.86 -26.96
CA THR B 866 33.20 12.63 -27.25
C THR B 866 33.62 11.17 -26.96
N PHE B 867 33.85 10.40 -28.05
CA PHE B 867 34.23 8.98 -28.02
C PHE B 867 35.73 8.74 -28.22
N ASP B 868 36.44 8.41 -27.12
CA ASP B 868 37.88 8.11 -27.09
C ASP B 868 38.10 6.60 -27.25
N ASN B 869 38.71 6.18 -28.38
CA ASN B 869 39.01 4.80 -28.76
C ASN B 869 39.80 3.99 -27.72
N GLY B 870 40.67 4.67 -26.97
CA GLY B 870 41.49 4.09 -25.91
C GLY B 870 40.72 3.45 -24.77
N GLU B 871 39.38 3.70 -24.72
CA GLU B 871 38.44 3.15 -23.72
C GLU B 871 38.10 1.67 -24.03
N LYS B 872 38.63 1.14 -25.14
CA LYS B 872 38.46 -0.26 -25.54
C LYS B 872 39.42 -1.14 -24.71
N PRO B 873 39.06 -2.39 -24.31
CA PRO B 873 40.00 -3.21 -23.51
C PRO B 873 41.25 -3.66 -24.28
N THR B 874 42.20 -4.32 -23.58
CA THR B 874 43.45 -4.78 -24.19
C THR B 874 43.26 -6.02 -25.08
N TYR B 875 42.53 -7.04 -24.55
CA TYR B 875 42.27 -8.31 -25.25
C TYR B 875 40.80 -8.66 -25.32
N ASP B 876 40.41 -9.39 -26.37
CA ASP B 876 39.03 -9.83 -26.58
C ASP B 876 38.74 -11.13 -25.79
N GLY B 877 37.62 -11.80 -26.11
CA GLY B 877 37.23 -13.06 -25.48
C GLY B 877 38.13 -14.22 -25.84
N LYS B 878 38.73 -14.15 -27.05
CA LYS B 878 39.64 -15.17 -27.59
C LYS B 878 41.13 -14.82 -27.33
N GLN B 879 41.38 -13.85 -26.42
CA GLN B 879 42.68 -13.34 -25.97
C GLN B 879 43.62 -12.91 -27.12
N GLN B 880 43.09 -12.02 -27.97
CA GLN B 880 43.76 -11.43 -29.12
C GLN B 880 43.72 -9.90 -28.93
N GLN B 881 44.84 -9.22 -29.23
CA GLN B 881 45.00 -7.77 -29.08
C GLN B 881 43.92 -6.98 -29.82
N VAL B 882 43.27 -6.04 -29.12
CA VAL B 882 42.19 -5.23 -29.66
C VAL B 882 42.73 -4.17 -30.64
N LYS B 883 42.18 -4.17 -31.86
CA LYS B 883 42.53 -3.27 -32.96
C LYS B 883 41.70 -1.97 -32.85
N ASN B 884 42.22 -0.86 -33.43
CA ASN B 884 41.62 0.48 -33.46
C ASN B 884 41.38 1.03 -32.04
N ARG B 885 42.44 0.96 -31.20
CA ARG B 885 42.42 1.46 -29.82
C ARG B 885 42.91 2.93 -29.79
N LYS B 886 43.52 3.40 -30.89
CA LYS B 886 44.01 4.76 -31.06
C LYS B 886 42.99 5.55 -31.88
N GLY B 887 42.56 6.71 -31.36
CA GLY B 887 41.60 7.55 -32.06
C GLY B 887 40.51 8.21 -31.24
N TYR B 888 39.60 8.91 -31.94
CA TYR B 888 38.43 9.62 -31.40
C TYR B 888 37.32 9.82 -32.46
N ALA B 889 36.08 10.13 -32.00
CA ALA B 889 34.91 10.38 -32.85
C ALA B 889 33.85 11.16 -32.07
N VAL B 890 33.34 12.26 -32.67
CA VAL B 890 32.37 13.15 -32.01
C VAL B 890 31.01 13.15 -32.72
N ILE B 891 29.92 13.05 -31.93
CA ILE B 891 28.53 13.09 -32.40
C ILE B 891 27.88 14.35 -31.83
N THR B 892 27.28 15.15 -32.71
CA THR B 892 26.56 16.35 -32.35
C THR B 892 25.08 16.00 -32.25
N VAL B 893 24.47 16.25 -31.09
CA VAL B 893 23.05 15.98 -30.88
C VAL B 893 22.32 17.30 -30.76
N SER B 894 21.41 17.58 -31.70
CA SER B 894 20.61 18.80 -31.79
C SER B 894 19.13 18.50 -31.75
N ARG B 895 18.32 19.50 -31.33
CA ARG B 895 16.86 19.39 -31.24
C ARG B 895 16.19 19.43 -32.61
N THR B 896 15.02 18.78 -32.73
CA THR B 896 14.19 18.72 -33.94
C THR B 896 12.71 18.84 -33.55
N GLY B 897 11.87 19.09 -34.55
CA GLY B 897 10.43 19.20 -34.40
C GLY B 897 9.94 20.43 -33.66
N ILE B 898 8.61 20.49 -33.43
CA ILE B 898 7.91 21.57 -32.74
C ILE B 898 8.10 21.42 -31.22
N GLU B 899 8.45 22.53 -30.55
CA GLU B 899 8.70 22.61 -29.11
C GLU B 899 7.45 23.09 -28.33
N PHE B 900 7.41 22.83 -27.01
CA PHE B 900 6.34 23.25 -26.11
C PHE B 900 6.45 24.77 -25.89
N ASN B 901 5.38 25.51 -26.25
CA ASN B 901 5.31 26.97 -26.20
C ASN B 901 6.36 27.58 -27.13
N GLU B 902 6.25 27.23 -28.44
CA GLU B 902 7.11 27.71 -29.51
C GLU B 902 6.61 29.08 -29.97
N ASP B 903 5.28 29.27 -29.90
CA ASP B 903 4.58 30.51 -30.23
C ASP B 903 3.55 30.80 -29.13
N ALA B 904 2.50 31.59 -29.43
CA ALA B 904 1.47 31.93 -28.45
C ALA B 904 0.45 30.79 -28.28
N ASN B 905 -0.31 30.47 -29.35
CA ASN B 905 -1.39 29.47 -29.41
C ASN B 905 -0.94 28.00 -29.15
N THR B 906 0.37 27.71 -29.11
CA THR B 906 0.88 26.36 -28.83
C THR B 906 0.54 25.92 -27.40
N THR B 907 -0.55 25.15 -27.26
CA THR B 907 -1.02 24.64 -25.97
C THR B 907 -0.56 23.20 -25.76
N THR B 908 -1.30 22.21 -26.32
CA THR B 908 -0.96 20.78 -26.23
C THR B 908 -0.21 20.29 -27.47
N LEU B 909 0.63 19.25 -27.33
CA LEU B 909 1.39 18.68 -28.44
C LEU B 909 1.00 17.24 -28.75
N SER B 910 0.84 16.92 -30.04
CA SER B 910 0.47 15.59 -30.55
C SER B 910 1.71 14.75 -30.84
N GLN B 911 2.74 15.37 -31.42
CA GLN B 911 4.03 14.76 -31.75
C GLN B 911 5.08 15.16 -30.71
N ALA B 912 5.85 14.18 -30.23
CA ALA B 912 6.87 14.40 -29.22
C ALA B 912 8.09 15.13 -29.79
N PRO B 913 8.55 16.25 -29.17
CA PRO B 913 9.76 16.93 -29.70
C PRO B 913 10.98 16.03 -29.59
N ALA B 914 11.63 15.72 -30.72
CA ALA B 914 12.76 14.81 -30.80
C ALA B 914 14.11 15.51 -30.99
N ALA B 915 15.20 14.72 -31.04
CA ALA B 915 16.56 15.18 -31.26
C ALA B 915 17.11 14.61 -32.57
N LEU B 916 18.44 14.68 -32.82
CA LEU B 916 19.09 14.14 -34.01
C LEU B 916 20.60 13.97 -33.80
N ALA B 917 21.09 12.73 -34.03
CA ALA B 917 22.49 12.36 -33.87
C ALA B 917 23.23 12.28 -35.21
N VAL B 918 24.36 13.01 -35.32
CA VAL B 918 25.23 13.04 -36.51
C VAL B 918 26.69 13.09 -36.12
N GLN B 919 27.54 12.33 -36.83
CA GLN B 919 28.99 12.34 -36.62
C GLN B 919 29.53 13.52 -37.43
N ASN B 920 29.49 14.71 -36.80
CA ASN B 920 29.82 16.05 -37.31
C ASN B 920 31.08 16.16 -38.19
N GLY B 921 32.17 15.51 -37.80
CA GLY B 921 33.43 15.56 -38.55
C GLY B 921 34.68 15.48 -37.71
N ILE B 922 34.56 15.74 -36.40
CA ILE B 922 35.67 15.66 -35.45
C ILE B 922 35.90 14.17 -35.13
N ALA B 923 36.74 13.51 -35.94
CA ALA B 923 37.06 12.09 -35.79
C ALA B 923 38.43 11.73 -36.37
N SER B 924 39.12 10.80 -35.69
CA SER B 924 40.43 10.27 -36.10
C SER B 924 40.60 8.83 -35.58
N SER B 925 41.51 8.09 -36.21
CA SER B 925 41.81 6.70 -35.85
C SER B 925 43.32 6.52 -35.71
N GLN B 926 44.06 7.65 -35.72
CA GLN B 926 45.53 7.65 -35.67
C GLN B 926 46.13 8.38 -34.45
N ASP B 927 45.32 9.14 -33.69
CA ASP B 927 45.85 9.87 -32.54
C ASP B 927 45.09 9.70 -31.25
N ASP B 928 45.83 9.64 -30.11
CA ASP B 928 45.26 9.52 -28.76
C ASP B 928 44.74 10.89 -28.32
N LEU B 929 43.48 10.97 -27.88
CA LEU B 929 42.84 12.23 -27.48
C LEU B 929 43.07 12.60 -26.04
N THR B 930 43.41 13.88 -25.77
CA THR B 930 43.58 14.44 -24.43
C THR B 930 42.23 15.04 -24.02
N GLY B 931 41.58 15.70 -24.98
CA GLY B 931 40.29 16.33 -24.83
C GLY B 931 39.94 17.31 -25.93
N ILE B 932 38.71 17.85 -25.90
CA ILE B 932 38.21 18.81 -26.88
C ILE B 932 37.68 20.07 -26.18
N LEU B 933 38.14 21.26 -26.62
CA LEU B 933 37.73 22.55 -26.06
C LEU B 933 36.70 23.26 -26.95
N PRO B 934 35.50 23.59 -26.43
CA PRO B 934 34.53 24.33 -27.24
C PRO B 934 34.78 25.82 -27.13
N LEU B 935 35.67 26.35 -27.99
CA LEU B 935 36.11 27.75 -28.01
C LEU B 935 34.96 28.73 -28.26
N SER B 936 34.10 28.44 -29.23
CA SER B 936 32.94 29.26 -29.59
C SER B 936 31.90 28.42 -30.32
N ASP B 937 30.81 29.07 -30.74
CA ASP B 937 29.72 28.49 -31.53
C ASP B 937 30.23 28.10 -32.93
N GLU B 938 31.29 28.80 -33.41
CA GLU B 938 31.95 28.64 -34.70
C GLU B 938 33.19 27.73 -34.65
N PHE B 939 34.00 27.83 -33.57
CA PHE B 939 35.25 27.09 -33.46
C PHE B 939 35.39 26.20 -32.24
N SER B 940 36.04 25.05 -32.44
CA SER B 940 36.35 24.03 -31.44
C SER B 940 37.77 23.51 -31.67
N ALA B 941 38.46 23.15 -30.58
CA ALA B 941 39.85 22.66 -30.62
C ALA B 941 39.94 21.18 -30.24
N VAL B 942 40.94 20.48 -30.81
CA VAL B 942 41.19 19.07 -30.53
C VAL B 942 42.64 18.92 -30.08
N ILE B 943 42.82 18.47 -28.82
CA ILE B 943 44.14 18.29 -28.24
C ILE B 943 44.48 16.81 -28.21
N THR B 944 45.55 16.42 -28.91
CA THR B 944 46.01 15.05 -29.01
C THR B 944 47.26 14.82 -28.15
N LYS B 945 47.23 13.76 -27.32
CA LYS B 945 48.33 13.39 -26.43
C LYS B 945 49.43 12.60 -27.11
N ASP B 946 49.09 11.86 -28.19
CA ASP B 946 50.04 11.03 -28.95
C ASP B 946 51.01 11.92 -29.75
N GLN B 947 51.97 12.52 -29.00
CA GLN B 947 53.05 13.45 -29.39
C GLN B 947 53.78 13.88 -28.10
N THR B 948 55.12 13.98 -28.15
CA THR B 948 55.98 14.41 -27.03
C THR B 948 55.50 15.75 -26.45
N TRP B 949 55.55 15.90 -25.10
CA TRP B 949 55.12 17.03 -24.27
C TRP B 949 53.61 16.99 -23.99
N THR B 950 52.76 16.61 -24.99
CA THR B 950 51.30 16.52 -24.95
C THR B 950 50.66 17.92 -25.13
N GLY B 951 50.17 18.17 -26.35
CA GLY B 951 49.51 19.43 -26.70
C GLY B 951 49.40 19.71 -28.18
N LYS B 952 49.09 18.68 -28.99
CA LYS B 952 48.89 18.82 -30.44
C LYS B 952 47.48 19.37 -30.69
N VAL B 953 47.38 20.65 -31.11
CA VAL B 953 46.10 21.33 -31.31
C VAL B 953 45.69 21.41 -32.78
N ASP B 954 44.44 20.98 -33.08
CA ASP B 954 43.81 21.02 -34.41
C ASP B 954 42.53 21.85 -34.29
N ILE B 955 42.46 22.95 -35.05
CA ILE B 955 41.31 23.87 -35.05
C ILE B 955 40.28 23.45 -36.10
N TYR B 956 38.99 23.37 -35.69
CA TYR B 956 37.86 23.00 -36.54
C TYR B 956 36.80 24.09 -36.58
N LYS B 957 36.38 24.50 -37.80
CA LYS B 957 35.31 25.48 -37.99
C LYS B 957 34.07 24.82 -38.59
N ASN B 958 32.88 25.37 -38.33
CA ASN B 958 31.62 24.80 -38.79
C ASN B 958 30.52 25.83 -39.02
N THR B 959 29.46 25.43 -39.75
CA THR B 959 28.27 26.24 -39.98
C THR B 959 27.42 26.19 -38.68
N ASN B 960 26.85 25.01 -38.35
CA ASN B 960 26.05 24.74 -37.14
C ASN B 960 26.09 23.25 -36.74
N GLY B 961 27.20 22.58 -37.07
CA GLY B 961 27.42 21.17 -36.76
C GLY B 961 28.13 20.40 -37.85
N LEU B 962 28.84 21.11 -38.77
CA LEU B 962 29.60 20.49 -39.85
C LEU B 962 31.05 20.93 -39.77
N PHE B 963 31.79 20.27 -38.86
CA PHE B 963 33.19 20.57 -38.58
C PHE B 963 34.17 20.18 -39.69
N GLU B 964 34.92 21.18 -40.17
CA GLU B 964 35.97 21.09 -41.18
C GLU B 964 37.25 21.62 -40.55
N LYS B 965 38.34 20.86 -40.65
CA LYS B 965 39.64 21.24 -40.08
C LYS B 965 40.25 22.46 -40.78
N ASP B 966 40.52 23.52 -40.02
CA ASP B 966 41.17 24.72 -40.51
C ASP B 966 42.65 24.42 -40.47
N ASP B 967 43.31 24.41 -41.64
CA ASP B 967 44.72 24.08 -41.77
C ASP B 967 45.65 25.23 -41.37
N GLN B 968 45.20 26.48 -41.58
CA GLN B 968 45.93 27.69 -41.24
C GLN B 968 46.07 27.87 -39.73
N LEU B 969 44.94 27.79 -38.99
CA LEU B 969 44.90 27.96 -37.54
C LEU B 969 45.56 26.80 -36.78
N SER B 970 45.51 25.58 -37.36
CA SER B 970 46.16 24.39 -36.78
C SER B 970 47.68 24.59 -36.79
N GLU B 971 48.22 25.04 -37.94
CA GLU B 971 49.65 25.33 -38.17
C GLU B 971 50.09 26.55 -37.34
N ASN B 972 49.14 27.45 -37.02
CA ASN B 972 49.37 28.68 -36.27
C ASN B 972 49.67 28.43 -34.78
N VAL B 973 48.90 27.54 -34.14
CA VAL B 973 49.07 27.20 -32.72
C VAL B 973 50.34 26.36 -32.47
N LYS B 974 50.58 25.30 -33.27
CA LYS B 974 51.76 24.44 -33.14
C LYS B 974 52.92 24.97 -34.02
N ARG B 975 54.06 24.23 -34.10
CA ARG B 975 55.28 24.59 -34.84
C ARG B 975 55.78 25.95 -34.35
N ARG B 976 56.34 25.96 -33.14
CA ARG B 976 56.82 27.19 -32.49
C ARG B 976 58.31 27.13 -32.20
C2 BGC C . -18.53 -44.50 11.89
C3 BGC C . -18.10 -43.87 13.21
C4 BGC C . -16.97 -42.85 13.05
C5 BGC C . -15.78 -43.46 12.30
C6 BGC C . -14.57 -43.64 13.18
C1 BGC C . -17.32 -44.80 11.00
O1 BGC C . -17.48 -46.04 10.40
O2 BGC C . -19.41 -43.62 11.20
O3 BGC C . -17.72 -44.90 14.14
O4 BGC C . -17.44 -41.70 12.36
O5 BGC C . -16.11 -44.76 11.77
O6 BGC C . -13.48 -44.22 12.46
C1 GAL C . -17.88 -40.57 13.11
C2 GAL C . -17.69 -39.32 12.24
C3 GAL C . -18.31 -38.09 12.91
C4 GAL C . -19.75 -38.36 13.35
C5 GAL C . -19.80 -39.61 14.22
C6 GAL C . -21.20 -40.01 14.64
O2 GAL C . -16.31 -39.10 12.01
O3 GAL C . -18.27 -36.97 12.01
O4 GAL C . -20.60 -38.50 12.21
O5 GAL C . -19.25 -40.72 13.48
O6 GAL C . -21.17 -41.11 15.54
C1 SIA C . -17.51 -35.51 13.88
C2 SIA C . -17.95 -35.62 12.40
C3 SIA C . -19.22 -34.87 12.04
C4 SIA C . -19.02 -33.34 12.06
C5 SIA C . -17.80 -32.92 11.27
C6 SIA C . -16.57 -33.77 11.65
C7 SIA C . -15.34 -33.51 10.77
C8 SIA C . -14.07 -34.21 11.26
C9 SIA C . -12.85 -33.99 10.37
C10 SIA C . -18.06 -30.53 10.68
C11 SIA C . -17.85 -29.13 11.16
N5 SIA C . -17.54 -31.50 11.46
O1A SIA C . -16.39 -35.76 14.26
O1B SIA C . -18.45 -35.10 14.70
O4 SIA C . -20.19 -32.69 11.55
O6 SIA C . -16.85 -35.18 11.61
O7 SIA C . -15.62 -33.91 9.44
O8 SIA C . -13.75 -33.77 12.58
O9 SIA C . -13.00 -34.60 9.09
O10 SIA C . -18.68 -30.79 9.65
C2 BGC D . -3.12 -29.21 -38.75
C3 BGC D . -3.22 -27.98 -37.86
C4 BGC D . -4.64 -27.47 -37.79
C5 BGC D . -5.62 -28.64 -37.69
C6 BGC D . -7.07 -28.15 -37.56
C1 BGC D . -4.36 -29.34 -39.63
O1 BGC D . -4.52 -28.15 -40.41
O2 BGC D . -3.03 -30.36 -37.92
O3 BGC D . -2.37 -26.95 -38.35
O4 BGC D . -4.84 -26.58 -36.69
O5 BGC D . -5.52 -29.52 -38.82
O6 BGC D . -7.71 -28.07 -38.84
C1 GAL D . -3.99 -26.92 -35.58
C2 GAL D . -3.33 -25.65 -35.04
C3 GAL D . -2.29 -25.90 -33.95
C4 GAL D . -2.55 -27.28 -33.40
C5 GAL D . -4.07 -27.48 -33.27
C6 GAL D . -4.73 -26.32 -32.54
O2 GAL D . -2.69 -25.01 -36.16
O3 GAL D . -2.42 -24.94 -32.89
O4 GAL D . -1.97 -27.42 -32.11
O5 GAL D . -4.68 -27.62 -34.55
O6 GAL D . -6.15 -26.38 -32.73
C1 SIA E . -1.17 -23.31 -33.89
C2 SIA E . -1.13 -23.99 -32.51
C3 SIA E . 0.40 -23.92 -32.23
C4 SIA E . 0.75 -24.40 -30.83
C5 SIA E . -0.35 -24.00 -29.86
C6 SIA E . -1.05 -22.74 -30.36
C7 SIA E . -2.15 -22.35 -29.39
C8 SIA E . -3.46 -23.04 -29.68
C9 SIA E . -4.64 -22.47 -28.91
C10 SIA E . 0.98 -24.56 -27.84
C11 SIA E . 2.27 -24.95 -28.48
N5 SIA E . 0.19 -23.73 -28.53
O1A SIA E . -0.30 -23.47 -34.72
O1B SIA E . -2.15 -22.66 -34.19
O4 SIA E . 0.92 -25.81 -30.84
O6 SIA E . -1.70 -22.98 -31.63
O7 SIA E . -1.75 -22.67 -28.05
O8 SIA E . -3.70 -22.92 -31.07
O9 SIA E . -4.25 -21.35 -28.10
O10 SIA E . 0.67 -24.96 -26.71
#